data_1P6R
#
_entry.id   1P6R
#
_entity_poly.entity_id   1
_entity_poly.type   'polypeptide(L)'
_entity_poly.pdbx_seq_one_letter_code
;MKKIPQISDAELEVMKVIWKHSSINTNEVIKELSKTSTWSPKTIQTMLLRLIKKGALNHHKEGRVFVYTPNIDESDYIEV
KS
;
_entity_poly.pdbx_strand_id   A
#
# COMPACT_ATOMS: atom_id res chain seq x y z
N MET A 1 5.48 8.07 11.09
CA MET A 1 4.35 8.21 12.02
C MET A 1 3.10 8.52 11.20
N LYS A 2 1.92 8.54 11.81
CA LYS A 2 0.70 8.80 11.04
C LYS A 2 0.76 10.20 10.43
N LYS A 3 0.57 10.29 9.12
CA LYS A 3 0.58 11.51 8.33
C LYS A 3 -0.50 11.31 7.25
N ILE A 4 -1.13 12.37 6.75
CA ILE A 4 -2.11 12.17 5.69
C ILE A 4 -1.33 11.59 4.49
N PRO A 5 -1.84 10.58 3.78
CA PRO A 5 -1.05 9.96 2.72
C PRO A 5 -0.66 10.96 1.62
N GLN A 6 0.64 11.25 1.51
CA GLN A 6 1.21 12.11 0.47
C GLN A 6 1.52 11.16 -0.69
N ILE A 7 0.45 10.77 -1.38
CA ILE A 7 0.42 9.73 -2.40
C ILE A 7 0.65 10.25 -3.83
N SER A 8 1.49 9.54 -4.58
CA SER A 8 1.68 9.75 -6.01
C SER A 8 0.79 8.73 -6.73
N ASP A 9 0.41 8.97 -7.99
CA ASP A 9 -0.44 8.04 -8.74
C ASP A 9 0.08 6.61 -8.69
N ALA A 10 1.39 6.45 -8.83
CA ALA A 10 2.04 5.14 -8.77
C ALA A 10 1.71 4.42 -7.46
N GLU A 11 1.71 5.13 -6.34
CA GLU A 11 1.32 4.57 -5.05
C GLU A 11 -0.19 4.33 -5.06
N LEU A 12 -0.96 5.31 -5.56
CA LEU A 12 -2.41 5.22 -5.62
C LEU A 12 -2.85 3.91 -6.27
N GLU A 13 -2.15 3.46 -7.32
CA GLU A 13 -2.43 2.16 -7.93
C GLU A 13 -2.45 1.05 -6.87
N VAL A 14 -1.44 1.00 -5.99
CA VAL A 14 -1.38 -0.04 -4.99
C VAL A 14 -2.51 0.15 -3.99
N MET A 15 -2.79 1.40 -3.58
CA MET A 15 -3.90 1.65 -2.67
C MET A 15 -5.20 1.09 -3.26
N LYS A 16 -5.46 1.48 -4.51
CA LYS A 16 -6.62 1.09 -5.29
C LYS A 16 -6.74 -0.43 -5.32
N VAL A 17 -5.67 -1.12 -5.71
CA VAL A 17 -5.67 -2.58 -5.72
C VAL A 17 -6.02 -3.11 -4.33
N ILE A 18 -5.27 -2.69 -3.32
CA ILE A 18 -5.42 -3.17 -1.94
C ILE A 18 -6.85 -2.97 -1.44
N TRP A 19 -7.45 -1.79 -1.66
CA TRP A 19 -8.81 -1.49 -1.21
C TRP A 19 -9.85 -2.46 -1.79
N LYS A 20 -9.56 -3.19 -2.87
CA LYS A 20 -10.52 -4.16 -3.38
C LYS A 20 -10.53 -5.43 -2.51
N HIS A 21 -9.47 -5.65 -1.74
CA HIS A 21 -9.28 -6.84 -0.91
C HIS A 21 -9.62 -6.53 0.55
N SER A 22 -9.87 -7.55 1.38
CA SER A 22 -10.14 -7.35 2.80
C SER A 22 -8.82 -6.86 3.41
N SER A 23 -7.79 -7.69 3.30
CA SER A 23 -6.43 -7.18 3.33
C SER A 23 -5.73 -7.84 2.15
N ILE A 24 -4.39 -7.89 2.11
CA ILE A 24 -3.65 -8.70 1.15
C ILE A 24 -2.28 -9.01 1.77
N ASN A 25 -1.65 -10.14 1.42
CA ASN A 25 -0.30 -10.48 1.88
C ASN A 25 0.74 -10.06 0.85
N THR A 26 1.98 -9.86 1.29
CA THR A 26 3.09 -9.44 0.46
C THR A 26 3.22 -10.21 -0.86
N ASN A 27 3.25 -11.54 -0.84
CA ASN A 27 3.43 -12.30 -2.08
C ASN A 27 2.36 -11.91 -3.10
N GLU A 28 1.09 -12.05 -2.70
CA GLU A 28 -0.02 -11.67 -3.55
C GLU A 28 0.09 -10.20 -3.98
N VAL A 29 0.46 -9.29 -3.08
CA VAL A 29 0.58 -7.88 -3.42
C VAL A 29 1.64 -7.70 -4.53
N ILE A 30 2.86 -8.19 -4.34
CA ILE A 30 3.92 -8.09 -5.32
C ILE A 30 3.47 -8.70 -6.64
N LYS A 31 2.92 -9.93 -6.61
CA LYS A 31 2.45 -10.58 -7.83
C LYS A 31 1.42 -9.69 -8.55
N GLU A 32 0.35 -9.30 -7.86
CA GLU A 32 -0.72 -8.48 -8.42
C GLU A 32 -0.16 -7.21 -9.04
N LEU A 33 0.63 -6.44 -8.28
CA LEU A 33 1.19 -5.22 -8.82
C LEU A 33 2.10 -5.53 -10.01
N SER A 34 2.98 -6.52 -9.92
CA SER A 34 3.86 -6.86 -11.03
C SER A 34 3.05 -7.17 -12.29
N LYS A 35 1.95 -7.93 -12.16
CA LYS A 35 1.10 -8.28 -13.28
C LYS A 35 0.45 -7.03 -13.89
N THR A 36 -0.13 -6.17 -13.05
CA THR A 36 -0.85 -4.99 -13.52
C THR A 36 0.09 -3.88 -14.03
N SER A 37 1.26 -3.73 -13.40
CA SER A 37 2.30 -2.78 -13.78
C SER A 37 3.65 -3.40 -13.47
N THR A 38 4.40 -3.81 -14.49
CA THR A 38 5.67 -4.51 -14.36
C THR A 38 6.79 -3.65 -13.77
N TRP A 39 6.69 -3.34 -12.48
CA TRP A 39 7.71 -2.63 -11.72
C TRP A 39 8.58 -3.66 -10.99
N SER A 40 9.82 -3.32 -10.66
CA SER A 40 10.68 -4.21 -9.90
C SER A 40 10.07 -4.40 -8.50
N PRO A 41 10.19 -5.59 -7.86
CA PRO A 41 9.71 -5.81 -6.50
C PRO A 41 10.13 -4.70 -5.54
N LYS A 42 11.35 -4.18 -5.69
CA LYS A 42 11.86 -3.07 -4.89
C LYS A 42 10.88 -1.90 -4.89
N THR A 43 10.29 -1.61 -6.06
CA THR A 43 9.31 -0.54 -6.22
C THR A 43 8.15 -0.79 -5.26
N ILE A 44 7.62 -2.02 -5.28
CA ILE A 44 6.49 -2.40 -4.44
C ILE A 44 6.89 -2.23 -2.97
N GLN A 45 8.06 -2.76 -2.60
CA GLN A 45 8.58 -2.63 -1.26
C GLN A 45 8.66 -1.16 -0.84
N THR A 46 9.13 -0.28 -1.74
CA THR A 46 9.21 1.15 -1.47
C THR A 46 7.81 1.73 -1.22
N MET A 47 6.85 1.45 -2.12
CA MET A 47 5.48 1.91 -1.97
C MET A 47 4.90 1.45 -0.63
N LEU A 48 5.00 0.16 -0.34
CA LEU A 48 4.54 -0.40 0.92
C LEU A 48 5.19 0.36 2.08
N LEU A 49 6.52 0.47 2.06
CA LEU A 49 7.28 1.15 3.09
C LEU A 49 6.74 2.57 3.31
N ARG A 50 6.53 3.33 2.23
CA ARG A 50 5.96 4.67 2.32
C ARG A 50 4.64 4.65 3.09
N LEU A 51 3.65 3.91 2.57
CA LEU A 51 2.34 3.76 3.18
C LEU A 51 2.42 3.31 4.64
N ILE A 52 3.35 2.42 4.98
CA ILE A 52 3.53 1.99 6.37
C ILE A 52 4.07 3.16 7.19
N LYS A 53 5.17 3.77 6.76
CA LYS A 53 5.84 4.86 7.44
C LYS A 53 4.86 6.01 7.73
N LYS A 54 4.02 6.36 6.75
CA LYS A 54 3.02 7.42 6.86
C LYS A 54 1.79 6.99 7.67
N GLY A 55 1.73 5.74 8.16
CA GLY A 55 0.57 5.25 8.89
C GLY A 55 -0.67 5.19 8.01
N ALA A 56 -0.47 4.99 6.70
CA ALA A 56 -1.53 4.85 5.72
C ALA A 56 -2.03 3.41 5.78
N LEU A 57 -1.10 2.45 5.73
CA LEU A 57 -1.41 1.03 5.82
C LEU A 57 -0.78 0.48 7.09
N ASN A 58 -1.58 -0.15 7.96
CA ASN A 58 -1.05 -0.87 9.11
C ASN A 58 -0.81 -2.29 8.60
N HIS A 59 0.13 -3.04 9.17
CA HIS A 59 0.37 -4.41 8.75
C HIS A 59 0.53 -5.35 9.93
N HIS A 60 0.31 -6.63 9.65
CA HIS A 60 0.47 -7.74 10.59
C HIS A 60 1.43 -8.74 9.96
N LYS A 61 2.47 -9.16 10.69
CA LYS A 61 3.49 -10.06 10.17
C LYS A 61 3.03 -11.52 10.28
N GLU A 62 2.54 -12.09 9.18
CA GLU A 62 2.09 -13.46 9.13
C GLU A 62 3.31 -14.32 8.81
N GLY A 63 4.14 -14.51 9.84
CA GLY A 63 5.35 -15.32 9.83
C GLY A 63 6.39 -14.83 8.81
N ARG A 64 6.16 -15.13 7.53
CA ARG A 64 7.06 -14.80 6.43
C ARG A 64 6.58 -13.57 5.67
N VAL A 65 5.28 -13.48 5.39
CA VAL A 65 4.69 -12.38 4.63
C VAL A 65 3.96 -11.46 5.61
N PHE A 66 3.80 -10.18 5.25
CA PHE A 66 3.10 -9.21 6.09
C PHE A 66 1.82 -8.79 5.38
N VAL A 67 0.70 -8.94 6.09
CA VAL A 67 -0.65 -8.66 5.63
C VAL A 67 -0.94 -7.18 5.84
N TYR A 68 -1.44 -6.48 4.82
CA TYR A 68 -1.70 -5.05 4.88
C TYR A 68 -3.17 -4.75 5.16
N THR A 69 -3.43 -4.05 6.26
CA THR A 69 -4.73 -3.59 6.70
C THR A 69 -4.78 -2.07 6.46
N PRO A 70 -5.55 -1.57 5.48
CA PRO A 70 -5.66 -0.15 5.21
C PRO A 70 -6.11 0.63 6.46
N ASN A 71 -5.31 1.61 6.88
CA ASN A 71 -5.66 2.48 8.02
C ASN A 71 -6.60 3.58 7.56
N ILE A 72 -6.47 3.94 6.27
CA ILE A 72 -7.21 4.95 5.54
C ILE A 72 -8.10 4.27 4.50
N ASP A 73 -9.30 4.83 4.30
CA ASP A 73 -10.29 4.39 3.32
C ASP A 73 -11.20 5.56 2.99
N GLU A 74 -11.81 6.14 4.03
CA GLU A 74 -12.69 7.30 3.93
C GLU A 74 -11.93 8.44 3.27
N SER A 75 -10.74 8.73 3.79
CA SER A 75 -9.83 9.74 3.28
C SER A 75 -9.19 9.24 1.97
N ASP A 76 -10.02 9.01 0.94
CA ASP A 76 -9.60 8.47 -0.33
C ASP A 76 -8.73 9.46 -1.11
N TYR A 77 -7.44 9.50 -0.76
CA TYR A 77 -6.40 10.27 -1.43
C TYR A 77 -6.64 11.78 -1.37
N ILE A 78 -6.38 12.37 -0.19
CA ILE A 78 -6.55 13.80 0.04
C ILE A 78 -5.22 14.38 0.53
N GLU A 79 -4.41 14.93 -0.39
CA GLU A 79 -3.13 15.52 -0.03
C GLU A 79 -3.33 16.94 0.47
N VAL A 80 -3.32 17.09 1.80
CA VAL A 80 -3.34 18.36 2.52
C VAL A 80 -1.99 18.42 3.25
N LYS A 81 -1.46 19.62 3.50
CA LYS A 81 -0.17 19.79 4.18
C LYS A 81 -0.23 19.28 5.62
N SER A 82 -0.21 17.96 5.80
CA SER A 82 -0.24 17.22 7.04
C SER A 82 0.22 15.79 6.72
N MET A 1 -2.91 8.25 8.27
CA MET A 1 -3.12 8.16 9.72
C MET A 1 -2.80 9.52 10.33
N LYS A 2 -2.22 9.59 11.54
CA LYS A 2 -1.75 10.85 12.09
C LYS A 2 -0.72 11.39 11.10
N LYS A 3 0.21 10.50 10.70
CA LYS A 3 1.09 10.78 9.58
C LYS A 3 0.17 10.68 8.35
N ILE A 4 0.11 11.74 7.55
CA ILE A 4 -0.77 11.81 6.39
C ILE A 4 -0.03 11.36 5.12
N PRO A 5 -0.66 10.55 4.27
CA PRO A 5 -0.06 10.10 3.02
C PRO A 5 -0.26 11.14 1.92
N GLN A 6 0.71 11.22 1.01
CA GLN A 6 0.78 12.12 -0.13
C GLN A 6 1.04 11.22 -1.34
N ILE A 7 -0.05 10.74 -1.94
CA ILE A 7 -0.01 9.71 -2.96
C ILE A 7 0.35 10.25 -4.35
N SER A 8 1.47 9.78 -4.88
CA SER A 8 1.87 10.03 -6.27
C SER A 8 1.18 8.99 -7.15
N ASP A 9 1.21 9.17 -8.48
CA ASP A 9 0.57 8.24 -9.42
C ASP A 9 0.98 6.79 -9.15
N ALA A 10 2.28 6.53 -9.10
CA ALA A 10 2.80 5.18 -8.87
C ALA A 10 2.19 4.57 -7.60
N GLU A 11 2.22 5.32 -6.50
CA GLU A 11 1.65 4.88 -5.25
C GLU A 11 0.14 4.63 -5.41
N LEU A 12 -0.55 5.53 -6.12
CA LEU A 12 -1.99 5.42 -6.34
C LEU A 12 -2.30 4.04 -6.91
N GLU A 13 -1.49 3.54 -7.86
CA GLU A 13 -1.71 2.21 -8.41
C GLU A 13 -1.71 1.14 -7.32
N VAL A 14 -0.71 1.15 -6.44
CA VAL A 14 -0.65 0.13 -5.39
C VAL A 14 -1.85 0.29 -4.46
N MET A 15 -2.18 1.52 -4.11
CA MET A 15 -3.34 1.81 -3.27
C MET A 15 -4.61 1.23 -3.91
N LYS A 16 -4.79 1.49 -5.20
CA LYS A 16 -5.91 1.01 -6.00
C LYS A 16 -5.95 -0.52 -5.94
N VAL A 17 -4.82 -1.19 -6.14
CA VAL A 17 -4.77 -2.65 -6.03
C VAL A 17 -5.25 -3.08 -4.64
N ILE A 18 -4.68 -2.49 -3.59
CA ILE A 18 -5.04 -2.81 -2.21
C ILE A 18 -6.55 -2.62 -2.00
N TRP A 19 -7.12 -1.52 -2.50
CA TRP A 19 -8.54 -1.21 -2.39
C TRP A 19 -9.41 -2.13 -3.27
N LYS A 20 -8.88 -2.59 -4.41
CA LYS A 20 -9.59 -3.50 -5.30
C LYS A 20 -9.78 -4.84 -4.59
N HIS A 21 -8.70 -5.34 -3.98
CA HIS A 21 -8.77 -6.56 -3.17
C HIS A 21 -9.41 -6.20 -1.81
N SER A 22 -9.70 -7.19 -0.95
CA SER A 22 -10.27 -6.90 0.38
C SER A 22 -9.16 -6.26 1.22
N SER A 23 -8.07 -7.01 1.39
CA SER A 23 -6.79 -6.44 1.75
C SER A 23 -5.83 -7.11 0.76
N ILE A 24 -4.52 -7.22 1.01
CA ILE A 24 -3.64 -8.00 0.14
C ILE A 24 -2.44 -8.52 0.92
N ASN A 25 -1.90 -9.71 0.61
CA ASN A 25 -0.67 -10.22 1.23
C ASN A 25 0.54 -9.88 0.35
N THR A 26 1.75 -9.88 0.90
CA THR A 26 2.96 -9.51 0.17
C THR A 26 3.18 -10.27 -1.14
N ASN A 27 2.90 -11.58 -1.21
CA ASN A 27 3.09 -12.29 -2.46
C ASN A 27 2.13 -11.72 -3.51
N GLU A 28 0.84 -11.68 -3.15
CA GLU A 28 -0.19 -11.14 -4.01
C GLU A 28 0.18 -9.72 -4.46
N VAL A 29 0.57 -8.87 -3.50
CA VAL A 29 0.91 -7.49 -3.77
C VAL A 29 2.08 -7.42 -4.75
N ILE A 30 3.21 -8.08 -4.45
CA ILE A 30 4.36 -8.00 -5.33
C ILE A 30 4.00 -8.50 -6.72
N LYS A 31 3.33 -9.65 -6.83
CA LYS A 31 2.92 -10.20 -8.12
C LYS A 31 2.04 -9.20 -8.88
N GLU A 32 0.93 -8.77 -8.27
CA GLU A 32 -0.03 -7.87 -8.88
C GLU A 32 0.63 -6.56 -9.31
N LEU A 33 1.40 -5.93 -8.43
CA LEU A 33 2.09 -4.71 -8.71
C LEU A 33 3.04 -4.94 -9.88
N SER A 34 3.90 -5.97 -9.82
CA SER A 34 4.83 -6.28 -10.90
C SER A 34 4.10 -6.44 -12.24
N LYS A 35 2.96 -7.14 -12.24
CA LYS A 35 2.18 -7.35 -13.45
C LYS A 35 1.64 -6.02 -13.99
N THR A 36 1.04 -5.21 -13.13
CA THR A 36 0.41 -3.96 -13.53
C THR A 36 1.45 -2.88 -13.90
N SER A 37 2.60 -2.84 -13.24
CA SER A 37 3.68 -1.91 -13.51
C SER A 37 5.02 -2.57 -13.22
N THR A 38 5.97 -2.49 -14.16
CA THR A 38 7.26 -3.14 -14.06
C THR A 38 8.16 -2.46 -13.00
N TRP A 39 7.86 -2.69 -11.72
CA TRP A 39 8.61 -2.23 -10.57
C TRP A 39 9.23 -3.46 -9.92
N SER A 40 10.49 -3.36 -9.47
CA SER A 40 11.16 -4.51 -8.87
C SER A 40 10.56 -4.82 -7.49
N PRO A 41 10.76 -6.03 -6.95
CA PRO A 41 10.36 -6.35 -5.60
C PRO A 41 10.90 -5.30 -4.62
N LYS A 42 12.16 -4.87 -4.80
CA LYS A 42 12.78 -3.84 -3.97
C LYS A 42 11.95 -2.55 -4.07
N THR A 43 11.68 -2.08 -5.30
CA THR A 43 10.88 -0.90 -5.54
C THR A 43 9.54 -1.01 -4.79
N ILE A 44 8.86 -2.14 -4.98
CA ILE A 44 7.57 -2.41 -4.37
C ILE A 44 7.68 -2.33 -2.84
N GLN A 45 8.65 -3.02 -2.26
CA GLN A 45 8.90 -3.01 -0.83
C GLN A 45 9.15 -1.58 -0.36
N THR A 46 9.90 -0.78 -1.13
CA THR A 46 10.14 0.61 -0.80
C THR A 46 8.81 1.37 -0.78
N MET A 47 7.99 1.24 -1.83
CA MET A 47 6.68 1.90 -1.89
C MET A 47 5.84 1.53 -0.67
N LEU A 48 5.71 0.23 -0.40
CA LEU A 48 4.97 -0.28 0.75
C LEU A 48 5.48 0.39 2.03
N LEU A 49 6.78 0.28 2.28
CA LEU A 49 7.43 0.86 3.47
C LEU A 49 7.08 2.33 3.59
N ARG A 50 7.28 3.11 2.52
CA ARG A 50 6.99 4.54 2.51
C ARG A 50 5.53 4.81 2.88
N LEU A 51 4.58 4.15 2.21
CA LEU A 51 3.18 4.32 2.48
C LEU A 51 2.85 3.96 3.92
N ILE A 52 3.34 2.83 4.43
CA ILE A 52 3.13 2.42 5.81
C ILE A 52 3.65 3.53 6.74
N LYS A 53 4.90 3.96 6.54
CA LYS A 53 5.52 5.01 7.32
C LYS A 53 4.66 6.28 7.31
N LYS A 54 4.11 6.63 6.15
CA LYS A 54 3.24 7.79 5.98
C LYS A 54 1.78 7.51 6.42
N GLY A 55 1.52 6.43 7.14
CA GLY A 55 0.21 6.13 7.68
C GLY A 55 -0.85 5.87 6.60
N ALA A 56 -0.45 5.37 5.44
CA ALA A 56 -1.36 5.03 4.35
C ALA A 56 -2.02 3.68 4.61
N LEU A 57 -1.22 2.74 5.15
CA LEU A 57 -1.62 1.37 5.41
C LEU A 57 -1.16 0.96 6.80
N ASN A 58 -1.82 -0.05 7.35
CA ASN A 58 -1.53 -0.75 8.59
C ASN A 58 -1.34 -2.20 8.15
N HIS A 59 -0.46 -2.99 8.78
CA HIS A 59 -0.24 -4.37 8.36
C HIS A 59 -0.19 -5.35 9.53
N HIS A 60 -0.44 -6.62 9.21
CA HIS A 60 -0.37 -7.75 10.13
C HIS A 60 0.52 -8.80 9.46
N LYS A 61 1.30 -9.55 10.24
CA LYS A 61 2.24 -10.54 9.71
C LYS A 61 1.67 -11.96 9.78
N GLU A 62 1.57 -12.61 8.61
CA GLU A 62 1.12 -13.98 8.45
C GLU A 62 2.32 -14.83 8.03
N GLY A 63 3.16 -15.15 9.02
CA GLY A 63 4.34 -15.99 8.92
C GLY A 63 5.30 -15.62 7.78
N ARG A 64 4.99 -16.09 6.57
CA ARG A 64 5.81 -15.92 5.38
C ARG A 64 5.55 -14.59 4.66
N VAL A 65 4.34 -14.05 4.79
CA VAL A 65 3.95 -12.80 4.14
C VAL A 65 3.27 -11.92 5.16
N PHE A 66 3.07 -10.63 4.85
CA PHE A 66 2.34 -9.72 5.70
C PHE A 66 1.20 -9.11 4.89
N VAL A 67 0.02 -9.01 5.55
CA VAL A 67 -1.23 -8.55 4.98
C VAL A 67 -1.35 -7.06 5.24
N TYR A 68 -1.59 -6.27 4.19
CA TYR A 68 -1.75 -4.83 4.30
C TYR A 68 -3.23 -4.48 4.32
N THR A 69 -3.67 -3.84 5.40
CA THR A 69 -5.00 -3.30 5.58
C THR A 69 -4.88 -1.79 5.38
N PRO A 70 -5.64 -1.17 4.48
CA PRO A 70 -5.49 0.23 4.18
C PRO A 70 -6.07 1.13 5.29
N ASN A 71 -5.34 2.19 5.64
CA ASN A 71 -5.77 3.15 6.67
C ASN A 71 -6.74 4.16 6.08
N ILE A 72 -6.52 4.49 4.81
CA ILE A 72 -7.25 5.46 4.03
C ILE A 72 -8.05 4.73 2.94
N ASP A 73 -9.08 5.38 2.39
CA ASP A 73 -9.94 4.85 1.34
C ASP A 73 -9.65 5.58 0.03
N GLU A 74 -10.12 5.00 -1.08
CA GLU A 74 -10.04 5.57 -2.42
C GLU A 74 -10.37 7.07 -2.42
N SER A 75 -11.44 7.43 -1.71
CA SER A 75 -11.89 8.81 -1.60
C SER A 75 -10.86 9.66 -0.85
N ASP A 76 -10.83 9.51 0.49
CA ASP A 76 -9.96 10.28 1.37
C ASP A 76 -8.49 9.88 1.30
N TYR A 77 -7.95 9.60 0.10
CA TYR A 77 -6.56 9.27 -0.04
C TYR A 77 -5.73 10.44 0.46
N ILE A 78 -6.15 11.67 0.13
CA ILE A 78 -5.57 12.86 0.71
C ILE A 78 -6.29 13.00 2.05
N GLU A 79 -5.69 12.45 3.11
CA GLU A 79 -6.30 12.43 4.43
C GLU A 79 -5.82 13.65 5.25
N VAL A 80 -6.76 14.33 5.91
CA VAL A 80 -6.44 15.44 6.80
C VAL A 80 -5.83 14.87 8.09
N LYS A 81 -4.92 15.62 8.73
CA LYS A 81 -4.31 15.16 9.96
C LYS A 81 -5.35 15.03 11.09
N SER A 82 -5.02 14.22 12.09
CA SER A 82 -5.74 13.96 13.33
C SER A 82 -4.69 13.27 14.20
N MET A 1 -7.41 15.01 8.55
CA MET A 1 -8.26 13.99 9.19
C MET A 1 -7.49 12.70 9.50
N LYS A 2 -6.24 12.80 9.98
CA LYS A 2 -5.35 11.71 10.36
C LYS A 2 -5.02 10.73 9.22
N LYS A 3 -6.01 9.97 8.74
CA LYS A 3 -5.87 8.97 7.69
C LYS A 3 -5.73 9.66 6.33
N ILE A 4 -4.65 10.43 6.16
CA ILE A 4 -4.39 11.25 4.97
C ILE A 4 -2.95 11.11 4.45
N PRO A 5 -2.53 9.91 4.02
CA PRO A 5 -1.22 9.73 3.44
C PRO A 5 -1.13 10.53 2.14
N GLN A 6 0.02 11.16 1.88
CA GLN A 6 0.21 11.94 0.67
C GLN A 6 0.48 10.97 -0.48
N ILE A 7 -0.57 10.38 -1.06
CA ILE A 7 -0.42 9.36 -2.07
C ILE A 7 -0.10 9.97 -3.46
N SER A 8 1.07 9.62 -3.99
CA SER A 8 1.52 10.00 -5.31
C SER A 8 0.90 9.04 -6.35
N ASP A 9 0.96 9.38 -7.63
CA ASP A 9 0.39 8.57 -8.71
C ASP A 9 0.80 7.09 -8.61
N ALA A 10 2.10 6.82 -8.62
CA ALA A 10 2.61 5.44 -8.55
C ALA A 10 2.07 4.73 -7.31
N GLU A 11 2.13 5.39 -6.15
CA GLU A 11 1.63 4.85 -4.90
C GLU A 11 0.15 4.50 -5.04
N LEU A 12 -0.66 5.39 -5.62
CA LEU A 12 -2.09 5.16 -5.76
C LEU A 12 -2.35 3.81 -6.43
N GLU A 13 -1.57 3.43 -7.45
CA GLU A 13 -1.74 2.13 -8.08
C GLU A 13 -1.56 1.00 -7.07
N VAL A 14 -0.56 1.09 -6.19
CA VAL A 14 -0.33 0.04 -5.22
C VAL A 14 -1.50 0.00 -4.23
N MET A 15 -1.93 1.17 -3.76
CA MET A 15 -3.06 1.29 -2.85
C MET A 15 -4.28 0.61 -3.48
N LYS A 16 -4.59 0.97 -4.73
CA LYS A 16 -5.67 0.40 -5.52
C LYS A 16 -5.53 -1.12 -5.59
N VAL A 17 -4.34 -1.63 -5.91
CA VAL A 17 -4.11 -3.07 -5.94
C VAL A 17 -4.48 -3.69 -4.60
N ILE A 18 -4.00 -3.12 -3.49
CA ILE A 18 -4.32 -3.65 -2.17
C ILE A 18 -5.85 -3.63 -1.99
N TRP A 19 -6.45 -2.46 -2.15
CA TRP A 19 -7.87 -2.17 -2.05
C TRP A 19 -8.73 -3.09 -2.92
N LYS A 20 -8.23 -3.51 -4.08
CA LYS A 20 -8.95 -4.40 -4.98
C LYS A 20 -9.10 -5.80 -4.35
N HIS A 21 -8.10 -6.24 -3.57
CA HIS A 21 -8.13 -7.52 -2.87
C HIS A 21 -8.70 -7.28 -1.47
N SER A 22 -8.89 -8.32 -0.66
CA SER A 22 -9.38 -8.16 0.71
C SER A 22 -8.25 -7.51 1.52
N SER A 23 -7.12 -8.21 1.57
CA SER A 23 -5.84 -7.60 1.86
C SER A 23 -4.92 -8.15 0.77
N ILE A 24 -3.59 -8.18 0.92
CA ILE A 24 -2.73 -8.87 -0.04
C ILE A 24 -1.45 -9.35 0.63
N ASN A 25 -0.92 -10.52 0.25
CA ASN A 25 0.36 -11.01 0.77
C ASN A 25 1.48 -10.41 -0.08
N THR A 26 2.63 -10.12 0.52
CA THR A 26 3.73 -9.48 -0.19
C THR A 26 4.08 -10.12 -1.53
N ASN A 27 4.10 -11.45 -1.65
CA ASN A 27 4.41 -12.08 -2.93
C ASN A 27 3.42 -11.61 -3.99
N GLU A 28 2.12 -11.70 -3.68
CA GLU A 28 1.07 -11.23 -4.55
C GLU A 28 1.18 -9.73 -4.80
N VAL A 29 1.55 -8.93 -3.78
CA VAL A 29 1.69 -7.50 -3.98
C VAL A 29 2.77 -7.25 -5.03
N ILE A 30 3.98 -7.78 -4.82
CA ILE A 30 5.08 -7.59 -5.77
C ILE A 30 4.66 -8.09 -7.15
N LYS A 31 4.04 -9.27 -7.24
CA LYS A 31 3.60 -9.82 -8.51
C LYS A 31 2.59 -8.88 -9.21
N GLU A 32 1.49 -8.54 -8.54
CA GLU A 32 0.43 -7.71 -9.08
C GLU A 32 0.99 -6.35 -9.49
N LEU A 33 1.79 -5.72 -8.63
CA LEU A 33 2.44 -4.45 -8.96
C LEU A 33 3.27 -4.66 -10.23
N SER A 34 4.13 -5.67 -10.26
CA SER A 34 4.96 -5.95 -11.43
C SER A 34 4.12 -6.06 -12.71
N LYS A 35 2.99 -6.77 -12.64
CA LYS A 35 2.09 -6.93 -13.78
C LYS A 35 1.49 -5.60 -14.21
N THR A 36 0.94 -4.83 -13.26
CA THR A 36 0.25 -3.58 -13.56
C THR A 36 1.21 -2.48 -14.01
N SER A 37 2.29 -2.25 -13.27
CA SER A 37 3.34 -1.30 -13.60
C SER A 37 4.66 -1.86 -13.08
N THR A 38 5.50 -2.34 -13.99
CA THR A 38 6.74 -3.05 -13.71
C THR A 38 7.86 -2.22 -13.06
N TRP A 39 7.62 -1.66 -11.89
CA TRP A 39 8.64 -1.00 -11.10
C TRP A 39 9.49 -2.09 -10.44
N SER A 40 10.79 -1.84 -10.30
CA SER A 40 11.69 -2.82 -9.71
C SER A 40 11.27 -3.18 -8.27
N PRO A 41 11.46 -4.42 -7.81
CA PRO A 41 11.15 -4.83 -6.44
C PRO A 41 11.69 -3.86 -5.38
N LYS A 42 12.86 -3.25 -5.62
CA LYS A 42 13.41 -2.24 -4.73
C LYS A 42 12.44 -1.06 -4.62
N THR A 43 11.97 -0.55 -5.77
CA THR A 43 11.01 0.53 -5.85
C THR A 43 9.75 0.15 -5.09
N ILE A 44 9.21 -1.04 -5.36
CA ILE A 44 8.04 -1.57 -4.69
C ILE A 44 8.23 -1.54 -3.17
N GLN A 45 9.30 -2.16 -2.69
CA GLN A 45 9.63 -2.20 -1.27
C GLN A 45 9.75 -0.78 -0.71
N THR A 46 10.38 0.13 -1.44
CA THR A 46 10.50 1.52 -1.02
C THR A 46 9.11 2.13 -0.84
N MET A 47 8.23 2.03 -1.85
CA MET A 47 6.88 2.56 -1.75
C MET A 47 6.16 1.97 -0.53
N LEU A 48 6.19 0.64 -0.39
CA LEU A 48 5.56 -0.03 0.75
C LEU A 48 6.08 0.58 2.05
N LEU A 49 7.41 0.61 2.23
CA LEU A 49 8.06 1.17 3.40
C LEU A 49 7.54 2.59 3.68
N ARG A 50 7.59 3.46 2.67
CA ARG A 50 7.13 4.83 2.79
C ARG A 50 5.67 4.87 3.25
N LEU A 51 4.76 4.19 2.55
CA LEU A 51 3.36 4.18 2.88
C LEU A 51 3.14 3.65 4.30
N ILE A 52 3.84 2.59 4.71
CA ILE A 52 3.76 2.07 6.07
C ILE A 52 4.13 3.19 7.05
N LYS A 53 5.29 3.82 6.86
CA LYS A 53 5.71 4.93 7.73
C LYS A 53 4.68 6.05 7.73
N LYS A 54 4.06 6.34 6.58
CA LYS A 54 3.01 7.35 6.45
C LYS A 54 1.67 6.88 7.04
N GLY A 55 1.63 5.70 7.71
CA GLY A 55 0.41 5.18 8.33
C GLY A 55 -0.65 4.79 7.31
N ALA A 56 -0.24 4.52 6.06
CA ALA A 56 -1.14 4.16 4.98
C ALA A 56 -1.63 2.72 5.18
N LEU A 57 -0.70 1.78 5.19
CA LEU A 57 -0.97 0.36 5.27
C LEU A 57 -0.30 -0.21 6.52
N ASN A 58 -1.06 -0.94 7.33
CA ASN A 58 -0.54 -1.71 8.44
C ASN A 58 -0.23 -3.10 7.87
N HIS A 59 0.68 -3.88 8.45
CA HIS A 59 0.92 -5.23 7.98
C HIS A 59 0.89 -6.22 9.14
N HIS A 60 0.66 -7.48 8.79
CA HIS A 60 0.58 -8.61 9.68
C HIS A 60 1.47 -9.73 9.15
N LYS A 61 2.20 -10.41 10.02
CA LYS A 61 3.06 -11.52 9.66
C LYS A 61 2.21 -12.79 9.62
N GLU A 62 1.71 -13.17 8.45
CA GLU A 62 0.85 -14.33 8.32
C GLU A 62 1.74 -15.57 8.16
N GLY A 63 2.30 -15.99 9.30
CA GLY A 63 3.14 -17.16 9.46
C GLY A 63 4.40 -17.13 8.60
N ARG A 64 4.24 -17.37 7.30
CA ARG A 64 5.33 -17.45 6.33
C ARG A 64 5.43 -16.20 5.47
N VAL A 65 4.31 -15.52 5.19
CA VAL A 65 4.29 -14.33 4.34
C VAL A 65 3.64 -13.19 5.12
N PHE A 66 4.02 -11.95 4.86
CA PHE A 66 3.42 -10.80 5.53
C PHE A 66 2.39 -10.16 4.60
N VAL A 67 1.22 -9.85 5.17
CA VAL A 67 0.03 -9.36 4.51
C VAL A 67 -0.18 -7.89 4.85
N TYR A 68 -0.57 -7.07 3.87
CA TYR A 68 -0.82 -5.64 4.05
C TYR A 68 -2.32 -5.41 4.22
N THR A 69 -2.68 -4.81 5.36
CA THR A 69 -4.02 -4.43 5.76
C THR A 69 -4.12 -2.90 5.66
N PRO A 70 -4.93 -2.34 4.74
CA PRO A 70 -5.12 -0.90 4.64
C PRO A 70 -5.49 -0.30 6.00
N ASN A 71 -4.78 0.76 6.44
CA ASN A 71 -4.98 1.41 7.73
C ASN A 71 -5.78 2.72 7.59
N ILE A 72 -6.12 3.10 6.35
CA ILE A 72 -6.79 4.36 6.03
C ILE A 72 -8.22 4.16 5.53
N ASP A 73 -9.05 5.18 5.77
CA ASP A 73 -10.46 5.25 5.51
C ASP A 73 -10.82 6.72 5.31
N GLU A 74 -12.11 7.00 5.10
CA GLU A 74 -12.71 8.32 4.96
C GLU A 74 -12.08 9.17 3.86
N SER A 75 -10.92 9.75 4.14
CA SER A 75 -10.19 10.60 3.21
C SER A 75 -9.42 9.74 2.22
N ASP A 76 -8.78 8.67 2.73
CA ASP A 76 -7.99 7.70 1.98
C ASP A 76 -6.88 8.32 1.12
N TYR A 77 -7.27 8.88 -0.03
CA TYR A 77 -6.39 9.50 -1.01
C TYR A 77 -6.32 11.02 -0.83
N ILE A 78 -7.38 11.64 -0.29
CA ILE A 78 -7.45 13.09 -0.23
C ILE A 78 -6.63 13.59 0.96
N GLU A 79 -5.71 14.52 0.71
CA GLU A 79 -4.88 15.09 1.75
C GLU A 79 -5.71 16.18 2.46
N VAL A 80 -6.32 15.84 3.60
CA VAL A 80 -7.12 16.77 4.40
C VAL A 80 -6.41 16.99 5.74
N LYS A 81 -6.11 18.25 6.08
CA LYS A 81 -5.41 18.61 7.31
C LYS A 81 -6.08 18.09 8.58
N SER A 82 -5.32 18.10 9.68
CA SER A 82 -5.73 17.64 11.00
C SER A 82 -6.09 16.15 10.96
N MET A 1 4.95 7.25 11.35
CA MET A 1 4.47 8.58 11.75
C MET A 1 2.96 8.46 11.93
N LYS A 2 2.24 9.56 12.17
CA LYS A 2 0.81 9.53 12.33
C LYS A 2 0.12 9.20 10.99
N LYS A 3 -1.20 9.05 11.02
CA LYS A 3 -2.00 8.75 9.85
C LYS A 3 -2.06 9.99 8.95
N ILE A 4 -1.12 10.13 8.00
CA ILE A 4 -1.12 11.27 7.08
C ILE A 4 -0.47 10.89 5.74
N PRO A 5 -1.16 10.10 4.89
CA PRO A 5 -0.62 9.74 3.59
C PRO A 5 -0.43 10.98 2.72
N GLN A 6 0.61 10.98 1.89
CA GLN A 6 0.95 12.02 0.91
C GLN A 6 1.18 11.23 -0.37
N ILE A 7 0.09 10.99 -1.09
CA ILE A 7 0.02 10.06 -2.20
C ILE A 7 0.30 10.69 -3.57
N SER A 8 1.29 10.12 -4.28
CA SER A 8 1.60 10.45 -5.66
C SER A 8 0.78 9.51 -6.55
N ASP A 9 0.56 9.83 -7.82
CA ASP A 9 -0.23 8.98 -8.72
C ASP A 9 0.20 7.51 -8.66
N ALA A 10 1.50 7.25 -8.88
CA ALA A 10 2.07 5.91 -8.85
C ALA A 10 1.74 5.19 -7.54
N GLU A 11 1.81 5.92 -6.42
CA GLU A 11 1.46 5.36 -5.12
C GLU A 11 -0.03 5.02 -5.13
N LEU A 12 -0.87 5.96 -5.56
CA LEU A 12 -2.32 5.77 -5.59
C LEU A 12 -2.69 4.47 -6.31
N GLU A 13 -2.09 4.21 -7.48
CA GLU A 13 -2.32 2.98 -8.23
C GLU A 13 -2.19 1.76 -7.33
N VAL A 14 -1.12 1.71 -6.53
CA VAL A 14 -0.88 0.63 -5.59
C VAL A 14 -2.05 0.55 -4.62
N MET A 15 -2.40 1.67 -3.99
CA MET A 15 -3.49 1.68 -3.03
C MET A 15 -4.74 1.09 -3.65
N LYS A 16 -5.14 1.61 -4.81
CA LYS A 16 -6.30 1.17 -5.57
C LYS A 16 -6.23 -0.34 -5.82
N VAL A 17 -5.09 -0.86 -6.30
CA VAL A 17 -4.94 -2.30 -6.50
C VAL A 17 -5.23 -3.02 -5.18
N ILE A 18 -4.50 -2.67 -4.12
CA ILE A 18 -4.67 -3.28 -2.81
C ILE A 18 -6.14 -3.25 -2.38
N TRP A 19 -6.78 -2.09 -2.50
CA TRP A 19 -8.15 -1.81 -2.13
C TRP A 19 -9.16 -2.71 -2.86
N LYS A 20 -8.78 -3.40 -3.95
CA LYS A 20 -9.69 -4.35 -4.58
C LYS A 20 -9.78 -5.62 -3.72
N HIS A 21 -8.71 -5.97 -3.01
CA HIS A 21 -8.64 -7.15 -2.16
C HIS A 21 -9.10 -6.79 -0.75
N SER A 22 -9.38 -7.79 0.08
CA SER A 22 -9.84 -7.62 1.46
C SER A 22 -8.73 -6.93 2.25
N SER A 23 -7.58 -7.59 2.31
CA SER A 23 -6.29 -7.02 2.62
C SER A 23 -5.41 -7.56 1.49
N ILE A 24 -4.09 -7.65 1.60
CA ILE A 24 -3.33 -8.36 0.56
C ILE A 24 -2.04 -8.94 1.14
N ASN A 25 -1.62 -10.13 0.71
CA ASN A 25 -0.36 -10.71 1.17
C ASN A 25 0.78 -10.09 0.36
N THR A 26 1.98 -9.94 0.93
CA THR A 26 3.07 -9.30 0.20
C THR A 26 3.36 -9.99 -1.14
N ASN A 27 3.38 -11.33 -1.18
CA ASN A 27 3.60 -12.04 -2.42
C ASN A 27 2.55 -11.63 -3.46
N GLU A 28 1.26 -11.66 -3.07
CA GLU A 28 0.16 -11.21 -3.92
C GLU A 28 0.43 -9.80 -4.43
N VAL A 29 0.77 -8.88 -3.52
CA VAL A 29 1.00 -7.48 -3.87
C VAL A 29 2.13 -7.34 -4.89
N ILE A 30 3.30 -7.91 -4.61
CA ILE A 30 4.43 -7.80 -5.51
C ILE A 30 4.06 -8.42 -6.86
N LYS A 31 3.48 -9.62 -6.87
CA LYS A 31 3.07 -10.24 -8.12
C LYS A 31 2.15 -9.30 -8.90
N GLU A 32 1.06 -8.84 -8.29
CA GLU A 32 0.10 -7.97 -8.94
C GLU A 32 0.77 -6.73 -9.52
N LEU A 33 1.47 -5.96 -8.69
CA LEU A 33 2.08 -4.74 -9.17
C LEU A 33 3.14 -5.03 -10.24
N SER A 34 3.97 -6.06 -10.07
CA SER A 34 4.98 -6.38 -11.08
C SER A 34 4.32 -6.78 -12.40
N LYS A 35 3.20 -7.53 -12.33
CA LYS A 35 2.47 -7.97 -13.51
C LYS A 35 1.88 -6.78 -14.26
N THR A 36 1.20 -5.90 -13.53
CA THR A 36 0.45 -4.80 -14.11
C THR A 36 1.30 -3.58 -14.46
N SER A 37 2.33 -3.30 -13.64
CA SER A 37 3.16 -2.12 -13.73
C SER A 37 4.64 -2.52 -13.85
N THR A 38 5.39 -1.87 -14.75
CA THR A 38 6.80 -2.14 -14.94
C THR A 38 7.61 -1.52 -13.80
N TRP A 39 7.46 -2.06 -12.60
CA TRP A 39 8.10 -1.64 -11.37
C TRP A 39 8.80 -2.86 -10.76
N SER A 40 9.94 -2.66 -10.10
CA SER A 40 10.66 -3.78 -9.50
C SER A 40 10.06 -4.10 -8.12
N PRO A 41 10.39 -5.26 -7.52
CA PRO A 41 9.98 -5.55 -6.16
C PRO A 41 10.46 -4.42 -5.23
N LYS A 42 11.68 -3.93 -5.44
CA LYS A 42 12.22 -2.82 -4.65
C LYS A 42 11.35 -1.57 -4.83
N THR A 43 10.97 -1.24 -6.06
CA THR A 43 10.08 -0.11 -6.33
C THR A 43 8.80 -0.27 -5.50
N ILE A 44 8.16 -1.44 -5.62
CA ILE A 44 6.94 -1.77 -4.92
C ILE A 44 7.14 -1.61 -3.41
N GLN A 45 8.23 -2.17 -2.87
CA GLN A 45 8.58 -2.08 -1.48
C GLN A 45 8.76 -0.63 -1.06
N THR A 46 9.31 0.23 -1.94
CA THR A 46 9.44 1.65 -1.65
C THR A 46 8.03 2.26 -1.46
N MET A 47 7.10 1.96 -2.37
CA MET A 47 5.74 2.47 -2.25
C MET A 47 5.11 1.98 -0.93
N LEU A 48 5.20 0.67 -0.67
CA LEU A 48 4.68 0.09 0.57
C LEU A 48 5.29 0.81 1.77
N LEU A 49 6.62 0.98 1.78
CA LEU A 49 7.34 1.66 2.84
C LEU A 49 6.75 3.06 3.06
N ARG A 50 6.59 3.85 2.01
CA ARG A 50 6.01 5.19 2.11
C ARG A 50 4.67 5.11 2.83
N LEU A 51 3.70 4.38 2.26
CA LEU A 51 2.40 4.16 2.82
C LEU A 51 2.45 3.75 4.29
N ILE A 52 3.21 2.72 4.64
CA ILE A 52 3.33 2.25 6.01
C ILE A 52 3.84 3.37 6.91
N LYS A 53 4.97 3.99 6.53
CA LYS A 53 5.59 5.08 7.28
C LYS A 53 4.59 6.20 7.55
N LYS A 54 3.76 6.54 6.56
CA LYS A 54 2.76 7.59 6.67
C LYS A 54 1.44 7.12 7.32
N GLY A 55 1.41 5.89 7.87
CA GLY A 55 0.25 5.33 8.54
C GLY A 55 -0.93 5.08 7.60
N ALA A 56 -0.66 4.86 6.31
CA ALA A 56 -1.67 4.57 5.30
C ALA A 56 -2.09 3.11 5.35
N LEU A 57 -1.11 2.22 5.50
CA LEU A 57 -1.29 0.78 5.56
C LEU A 57 -0.71 0.26 6.87
N ASN A 58 -1.42 -0.68 7.50
CA ASN A 58 -0.97 -1.41 8.67
C ASN A 58 -0.66 -2.82 8.17
N HIS A 59 0.28 -3.56 8.78
CA HIS A 59 0.57 -4.92 8.36
C HIS A 59 0.72 -5.86 9.55
N HIS A 60 0.55 -7.16 9.27
CA HIS A 60 0.65 -8.25 10.22
C HIS A 60 1.30 -9.45 9.55
N LYS A 61 2.07 -10.24 10.30
CA LYS A 61 2.79 -11.38 9.76
C LYS A 61 1.85 -12.60 9.70
N GLU A 62 1.36 -12.93 8.50
CA GLU A 62 0.46 -14.06 8.33
C GLU A 62 1.34 -15.30 8.15
N GLY A 63 1.86 -15.78 9.28
CA GLY A 63 2.68 -16.97 9.38
C GLY A 63 4.02 -16.85 8.64
N ARG A 64 3.97 -16.91 7.31
CA ARG A 64 5.12 -16.87 6.41
C ARG A 64 5.23 -15.52 5.71
N VAL A 65 4.13 -15.05 5.11
CA VAL A 65 4.08 -13.79 4.38
C VAL A 65 3.36 -12.76 5.24
N PHE A 66 3.77 -11.49 5.16
CA PHE A 66 3.07 -10.44 5.88
C PHE A 66 2.00 -9.86 4.97
N VAL A 67 0.86 -9.52 5.57
CA VAL A 67 -0.33 -9.04 4.89
C VAL A 67 -0.56 -7.58 5.27
N TYR A 68 -0.92 -6.76 4.29
CA TYR A 68 -1.20 -5.35 4.43
C TYR A 68 -2.70 -5.15 4.55
N THR A 69 -3.12 -4.55 5.67
CA THR A 69 -4.48 -4.16 5.99
C THR A 69 -4.55 -2.64 5.78
N PRO A 70 -5.29 -2.14 4.78
CA PRO A 70 -5.42 -0.70 4.54
C PRO A 70 -5.95 0.01 5.78
N ASN A 71 -5.30 1.10 6.20
CA ASN A 71 -5.71 1.87 7.36
C ASN A 71 -6.74 2.93 6.97
N ILE A 72 -6.58 3.50 5.76
CA ILE A 72 -7.45 4.53 5.19
C ILE A 72 -8.23 3.98 3.99
N ASP A 73 -9.29 4.69 3.60
CA ASP A 73 -10.14 4.38 2.45
C ASP A 73 -9.91 5.43 1.36
N GLU A 74 -10.22 5.08 0.10
CA GLU A 74 -10.11 5.93 -1.08
C GLU A 74 -10.49 7.38 -0.82
N SER A 75 -11.70 7.58 -0.29
CA SER A 75 -12.24 8.90 0.01
C SER A 75 -11.33 9.76 0.87
N ASP A 76 -10.52 9.12 1.71
CA ASP A 76 -9.57 9.73 2.60
C ASP A 76 -8.18 9.19 2.27
N TYR A 77 -7.88 8.97 0.98
CA TYR A 77 -6.57 8.50 0.56
C TYR A 77 -5.48 9.44 1.04
N ILE A 78 -5.78 10.74 1.08
CA ILE A 78 -4.93 11.78 1.66
C ILE A 78 -5.76 12.46 2.74
N GLU A 79 -5.42 12.20 4.01
CA GLU A 79 -6.09 12.84 5.12
C GLU A 79 -5.51 14.26 5.20
N VAL A 80 -6.22 15.23 4.64
CA VAL A 80 -5.74 16.61 4.58
C VAL A 80 -5.84 17.26 5.96
N LYS A 81 -4.69 17.79 6.42
CA LYS A 81 -4.50 18.49 7.68
C LYS A 81 -3.02 18.91 7.73
N SER A 82 -2.25 18.44 8.71
CA SER A 82 -0.84 18.64 8.91
C SER A 82 -0.45 17.58 9.93
N MET A 1 0.43 18.54 12.17
CA MET A 1 -0.52 17.49 12.58
C MET A 1 -1.21 16.88 11.35
N LYS A 2 -1.69 17.73 10.45
CA LYS A 2 -2.35 17.30 9.22
C LYS A 2 -1.29 16.85 8.22
N LYS A 3 -0.62 15.73 8.53
CA LYS A 3 0.43 15.16 7.70
C LYS A 3 -0.10 13.85 7.09
N ILE A 4 -0.82 13.96 5.98
CA ILE A 4 -1.37 12.81 5.28
C ILE A 4 -0.20 12.12 4.56
N PRO A 5 -0.18 10.78 4.43
CA PRO A 5 0.90 10.09 3.73
C PRO A 5 1.13 10.71 2.35
N GLN A 6 2.37 11.09 2.05
CA GLN A 6 2.78 11.74 0.80
C GLN A 6 2.73 10.74 -0.37
N ILE A 7 1.52 10.37 -0.75
CA ILE A 7 1.23 9.36 -1.75
C ILE A 7 1.37 9.95 -3.17
N SER A 8 2.31 9.40 -3.94
CA SER A 8 2.50 9.75 -5.34
C SER A 8 1.45 9.02 -6.19
N ASP A 9 1.42 9.26 -7.50
CA ASP A 9 0.51 8.60 -8.41
C ASP A 9 0.68 7.08 -8.35
N ALA A 10 1.92 6.59 -8.48
CA ALA A 10 2.22 5.17 -8.44
C ALA A 10 1.73 4.56 -7.12
N GLU A 11 2.08 5.21 -6.01
CA GLU A 11 1.61 4.80 -4.69
C GLU A 11 0.08 4.79 -4.65
N LEU A 12 -0.57 5.79 -5.23
CA LEU A 12 -2.02 5.86 -5.23
C LEU A 12 -2.60 4.67 -5.99
N GLU A 13 -2.09 4.35 -7.19
CA GLU A 13 -2.55 3.19 -7.93
C GLU A 13 -2.53 1.95 -7.05
N VAL A 14 -1.39 1.73 -6.40
CA VAL A 14 -1.18 0.64 -5.47
C VAL A 14 -2.27 0.66 -4.39
N MET A 15 -2.47 1.80 -3.74
CA MET A 15 -3.45 1.95 -2.67
C MET A 15 -4.85 1.60 -3.18
N LYS A 16 -5.25 2.18 -4.32
CA LYS A 16 -6.51 1.94 -5.00
C LYS A 16 -6.69 0.44 -5.27
N VAL A 17 -5.67 -0.21 -5.82
CA VAL A 17 -5.72 -1.65 -6.08
C VAL A 17 -6.02 -2.36 -4.76
N ILE A 18 -5.18 -2.16 -3.74
CA ILE A 18 -5.34 -2.79 -2.45
C ILE A 18 -6.74 -2.53 -1.87
N TRP A 19 -7.21 -1.28 -1.95
CA TRP A 19 -8.49 -0.81 -1.47
C TRP A 19 -9.68 -1.58 -2.08
N LYS A 20 -9.51 -2.31 -3.19
CA LYS A 20 -10.59 -3.13 -3.72
C LYS A 20 -10.81 -4.38 -2.86
N HIS A 21 -9.75 -4.88 -2.23
CA HIS A 21 -9.77 -6.11 -1.44
C HIS A 21 -9.98 -5.78 0.05
N SER A 22 -10.37 -6.78 0.85
CA SER A 22 -10.55 -6.60 2.28
C SER A 22 -9.17 -6.35 2.88
N SER A 23 -8.26 -7.31 2.71
CA SER A 23 -6.84 -7.03 2.81
C SER A 23 -6.21 -7.68 1.58
N ILE A 24 -4.90 -7.96 1.56
CA ILE A 24 -4.28 -8.74 0.49
C ILE A 24 -3.01 -9.43 1.01
N ASN A 25 -2.67 -10.66 0.60
CA ASN A 25 -1.37 -11.22 1.02
C ASN A 25 -0.26 -10.71 0.11
N THR A 26 0.99 -10.81 0.56
CA THR A 26 2.10 -10.27 -0.21
C THR A 26 2.29 -10.92 -1.58
N ASN A 27 2.03 -12.22 -1.74
CA ASN A 27 2.18 -12.84 -3.06
C ASN A 27 1.15 -12.21 -4.00
N GLU A 28 -0.11 -12.19 -3.56
CA GLU A 28 -1.23 -11.58 -4.26
C GLU A 28 -0.88 -10.14 -4.64
N VAL A 29 -0.44 -9.34 -3.66
CA VAL A 29 -0.12 -7.94 -3.88
C VAL A 29 0.97 -7.81 -4.95
N ILE A 30 2.11 -8.48 -4.77
CA ILE A 30 3.20 -8.36 -5.73
C ILE A 30 2.73 -8.77 -7.13
N LYS A 31 2.06 -9.92 -7.24
CA LYS A 31 1.55 -10.42 -8.51
C LYS A 31 0.65 -9.37 -9.17
N GLU A 32 -0.39 -8.93 -8.44
CA GLU A 32 -1.37 -7.97 -8.92
C GLU A 32 -0.70 -6.66 -9.36
N LEU A 33 0.09 -6.04 -8.48
CA LEU A 33 0.78 -4.81 -8.76
C LEU A 33 1.63 -4.98 -10.01
N SER A 34 2.47 -6.03 -10.06
CA SER A 34 3.30 -6.33 -11.22
C SER A 34 2.48 -6.37 -12.51
N LYS A 35 1.29 -6.99 -12.47
CA LYS A 35 0.41 -7.04 -13.63
C LYS A 35 -0.04 -5.63 -14.02
N THR A 36 -0.51 -4.85 -13.06
CA THR A 36 -1.02 -3.51 -13.34
C THR A 36 0.07 -2.58 -13.87
N SER A 37 1.26 -2.59 -13.27
CA SER A 37 2.41 -1.84 -13.73
C SER A 37 3.66 -2.63 -13.39
N THR A 38 4.65 -2.67 -14.29
CA THR A 38 5.85 -3.47 -14.12
C THR A 38 6.82 -2.88 -13.09
N TRP A 39 6.39 -2.82 -11.83
CA TRP A 39 7.21 -2.43 -10.70
C TRP A 39 7.89 -3.71 -10.22
N SER A 40 9.20 -3.70 -9.98
CA SER A 40 9.89 -4.90 -9.53
C SER A 40 9.39 -5.28 -8.13
N PRO A 41 9.56 -6.55 -7.70
CA PRO A 41 9.25 -6.95 -6.33
C PRO A 41 9.91 -5.99 -5.33
N LYS A 42 11.18 -5.64 -5.56
CA LYS A 42 11.90 -4.69 -4.71
C LYS A 42 11.16 -3.34 -4.69
N THR A 43 10.78 -2.82 -5.86
CA THR A 43 10.03 -1.57 -5.94
C THR A 43 8.76 -1.67 -5.09
N ILE A 44 7.95 -2.71 -5.34
CA ILE A 44 6.70 -2.95 -4.64
C ILE A 44 6.94 -3.00 -3.13
N GLN A 45 7.93 -3.77 -2.71
CA GLN A 45 8.28 -3.91 -1.30
C GLN A 45 8.67 -2.54 -0.72
N THR A 46 9.42 -1.72 -1.48
CA THR A 46 9.77 -0.38 -1.04
C THR A 46 8.49 0.45 -0.84
N MET A 47 7.60 0.46 -1.83
CA MET A 47 6.33 1.19 -1.73
C MET A 47 5.55 0.75 -0.50
N LEU A 48 5.35 -0.56 -0.34
CA LEU A 48 4.68 -1.15 0.82
C LEU A 48 5.34 -0.63 2.10
N LEU A 49 6.66 -0.82 2.22
CA LEU A 49 7.45 -0.40 3.37
C LEU A 49 7.20 1.07 3.70
N ARG A 50 7.25 1.96 2.69
CA ARG A 50 7.04 3.39 2.87
C ARG A 50 5.68 3.64 3.53
N LEU A 51 4.59 3.23 2.87
CA LEU A 51 3.25 3.34 3.36
C LEU A 51 3.12 2.77 4.77
N ILE A 52 3.60 1.54 5.01
CA ILE A 52 3.53 0.91 6.31
C ILE A 52 4.19 1.81 7.37
N LYS A 53 5.43 2.26 7.14
CA LYS A 53 6.12 3.14 8.07
C LYS A 53 5.29 4.42 8.30
N LYS A 54 4.69 4.97 7.24
CA LYS A 54 3.86 6.16 7.35
C LYS A 54 2.46 5.86 7.92
N GLY A 55 2.18 4.63 8.38
CA GLY A 55 0.90 4.27 8.95
C GLY A 55 -0.24 4.31 7.91
N ALA A 56 0.10 4.17 6.63
CA ALA A 56 -0.85 4.13 5.53
C ALA A 56 -1.59 2.79 5.58
N LEU A 57 -0.81 1.72 5.62
CA LEU A 57 -1.24 0.33 5.68
C LEU A 57 -0.72 -0.25 6.99
N ASN A 58 -1.32 -1.34 7.44
CA ASN A 58 -0.91 -2.12 8.61
C ASN A 58 -0.90 -3.56 8.12
N HIS A 59 -0.05 -4.43 8.66
CA HIS A 59 0.01 -5.82 8.19
C HIS A 59 0.08 -6.83 9.33
N HIS A 60 -0.31 -8.07 9.01
CA HIS A 60 -0.28 -9.22 9.91
C HIS A 60 0.49 -10.36 9.24
N LYS A 61 1.23 -11.15 10.01
CA LYS A 61 2.00 -12.27 9.50
C LYS A 61 1.04 -13.47 9.41
N GLU A 62 0.39 -13.66 8.26
CA GLU A 62 -0.60 -14.71 8.14
C GLU A 62 0.07 -16.04 7.78
N GLY A 63 0.68 -16.66 8.78
CA GLY A 63 1.29 -17.99 8.69
C GLY A 63 2.53 -18.06 7.81
N ARG A 64 2.40 -17.77 6.51
CA ARG A 64 3.48 -17.83 5.53
C ARG A 64 3.75 -16.44 4.96
N VAL A 65 2.80 -15.85 4.25
CA VAL A 65 2.96 -14.52 3.66
C VAL A 65 2.18 -13.54 4.52
N PHE A 66 2.68 -12.32 4.63
CA PHE A 66 2.02 -11.30 5.44
C PHE A 66 0.90 -10.67 4.61
N VAL A 67 -0.17 -10.28 5.31
CA VAL A 67 -1.39 -9.71 4.78
C VAL A 67 -1.45 -8.23 5.14
N TYR A 68 -1.62 -7.36 4.14
CA TYR A 68 -1.70 -5.92 4.29
C TYR A 68 -3.16 -5.49 4.30
N THR A 69 -3.54 -4.72 5.32
CA THR A 69 -4.85 -4.10 5.47
C THR A 69 -4.64 -2.58 5.38
N PRO A 70 -5.47 -1.84 4.64
CA PRO A 70 -5.41 -0.40 4.59
C PRO A 70 -5.68 0.17 5.99
N ASN A 71 -4.81 1.03 6.51
CA ASN A 71 -5.04 1.71 7.78
C ASN A 71 -5.80 3.01 7.51
N ILE A 72 -5.60 3.61 6.34
CA ILE A 72 -6.31 4.80 5.88
C ILE A 72 -7.23 4.42 4.71
N ASP A 73 -8.34 5.14 4.53
CA ASP A 73 -9.31 4.94 3.48
C ASP A 73 -9.05 5.93 2.35
N GLU A 74 -9.69 5.70 1.20
CA GLU A 74 -9.56 6.54 0.01
C GLU A 74 -9.67 8.04 0.31
N SER A 75 -10.69 8.42 1.06
CA SER A 75 -10.96 9.82 1.43
C SER A 75 -9.80 10.47 2.18
N ASP A 76 -8.89 9.69 2.77
CA ASP A 76 -7.74 10.23 3.47
C ASP A 76 -6.74 10.85 2.49
N TYR A 77 -6.79 10.51 1.19
CA TYR A 77 -5.82 11.01 0.23
C TYR A 77 -6.04 12.48 -0.17
N ILE A 78 -5.98 13.37 0.81
CA ILE A 78 -5.96 14.82 0.65
C ILE A 78 -4.54 15.15 1.13
N GLU A 79 -3.59 15.25 0.20
CA GLU A 79 -2.19 15.36 0.61
C GLU A 79 -1.92 16.74 1.19
N VAL A 80 -1.97 16.82 2.53
CA VAL A 80 -1.66 17.98 3.33
C VAL A 80 -0.43 17.63 4.16
N LYS A 81 0.44 18.63 4.31
CA LYS A 81 1.71 18.57 5.01
C LYS A 81 1.73 19.68 6.04
N SER A 82 0.97 19.50 7.12
CA SER A 82 0.89 20.45 8.23
C SER A 82 0.51 19.67 9.49
N MET A 1 -0.15 9.60 9.00
CA MET A 1 0.30 9.98 10.34
C MET A 1 -0.85 10.75 10.98
N LYS A 2 -0.60 11.71 11.86
CA LYS A 2 -1.65 12.62 12.33
C LYS A 2 -2.19 13.30 11.08
N LYS A 3 -1.26 13.77 10.23
CA LYS A 3 -1.59 14.25 8.91
C LYS A 3 -1.92 13.01 8.07
N ILE A 4 -3.01 13.07 7.30
CA ILE A 4 -3.37 12.00 6.38
C ILE A 4 -2.20 11.79 5.41
N PRO A 5 -1.92 10.54 5.00
CA PRO A 5 -0.76 10.22 4.20
C PRO A 5 -0.69 11.01 2.89
N GLN A 6 0.41 11.76 2.72
CA GLN A 6 0.70 12.58 1.55
C GLN A 6 1.11 11.63 0.41
N ILE A 7 0.11 10.98 -0.19
CA ILE A 7 0.30 9.97 -1.22
C ILE A 7 0.56 10.58 -2.60
N SER A 8 1.36 9.85 -3.41
CA SER A 8 1.68 10.20 -4.79
C SER A 8 0.93 9.23 -5.72
N ASP A 9 0.67 9.59 -6.98
CA ASP A 9 -0.06 8.74 -7.92
C ASP A 9 0.46 7.29 -7.95
N ALA A 10 1.77 7.12 -8.12
CA ALA A 10 2.42 5.81 -8.18
C ALA A 10 2.24 5.00 -6.89
N GLU A 11 1.94 5.65 -5.78
CA GLU A 11 1.65 4.99 -4.52
C GLU A 11 0.15 4.66 -4.55
N LEU A 12 -0.68 5.65 -4.81
CA LEU A 12 -2.13 5.54 -4.85
C LEU A 12 -2.59 4.37 -5.73
N GLU A 13 -1.96 4.15 -6.89
CA GLU A 13 -2.36 3.04 -7.76
C GLU A 13 -2.37 1.70 -7.02
N VAL A 14 -1.42 1.53 -6.11
CA VAL A 14 -1.25 0.31 -5.36
C VAL A 14 -2.25 0.30 -4.21
N MET A 15 -2.45 1.48 -3.58
CA MET A 15 -3.47 1.62 -2.56
C MET A 15 -4.81 1.12 -3.09
N LYS A 16 -5.15 1.45 -4.35
CA LYS A 16 -6.39 1.00 -4.96
C LYS A 16 -6.50 -0.54 -4.89
N VAL A 17 -5.47 -1.24 -5.36
CA VAL A 17 -5.42 -2.70 -5.29
C VAL A 17 -5.65 -3.15 -3.85
N ILE A 18 -5.03 -2.48 -2.89
CA ILE A 18 -5.16 -2.84 -1.49
C ILE A 18 -6.60 -2.58 -1.00
N TRP A 19 -7.15 -1.36 -1.11
CA TRP A 19 -8.53 -1.11 -0.68
C TRP A 19 -9.54 -2.09 -1.32
N LYS A 20 -9.28 -2.55 -2.54
CA LYS A 20 -10.13 -3.50 -3.24
C LYS A 20 -10.16 -4.91 -2.59
N HIS A 21 -9.18 -5.25 -1.74
CA HIS A 21 -9.06 -6.58 -1.14
C HIS A 21 -9.90 -6.77 0.14
N SER A 22 -9.65 -7.87 0.87
CA SER A 22 -10.14 -8.07 2.24
C SER A 22 -8.98 -7.69 3.17
N SER A 23 -7.87 -8.44 3.05
CA SER A 23 -6.53 -7.98 3.37
C SER A 23 -5.69 -8.41 2.14
N ILE A 24 -4.37 -8.50 2.22
CA ILE A 24 -3.55 -9.10 1.16
C ILE A 24 -2.23 -9.62 1.75
N ASN A 25 -1.64 -10.69 1.21
CA ASN A 25 -0.28 -11.12 1.58
C ASN A 25 0.72 -10.53 0.60
N THR A 26 2.00 -10.47 0.99
CA THR A 26 3.05 -9.91 0.16
C THR A 26 3.06 -10.47 -1.25
N ASN A 27 3.09 -11.79 -1.42
CA ASN A 27 3.15 -12.39 -2.75
C ASN A 27 2.04 -11.85 -3.65
N GLU A 28 0.79 -11.93 -3.17
CA GLU A 28 -0.35 -11.42 -3.91
C GLU A 28 -0.17 -9.93 -4.20
N VAL A 29 0.33 -9.16 -3.23
CA VAL A 29 0.58 -7.75 -3.46
C VAL A 29 1.54 -7.59 -4.65
N ILE A 30 2.66 -8.31 -4.67
CA ILE A 30 3.61 -8.21 -5.77
C ILE A 30 2.93 -8.60 -7.08
N LYS A 31 2.19 -9.72 -7.09
CA LYS A 31 1.46 -10.19 -8.27
C LYS A 31 0.55 -9.08 -8.80
N GLU A 32 -0.33 -8.52 -7.96
CA GLU A 32 -1.26 -7.48 -8.37
C GLU A 32 -0.52 -6.24 -8.86
N LEU A 33 0.38 -5.70 -8.03
CA LEU A 33 1.12 -4.49 -8.40
C LEU A 33 1.81 -4.67 -9.75
N SER A 34 2.44 -5.83 -9.99
CA SER A 34 3.06 -6.11 -11.28
C SER A 34 2.10 -5.89 -12.45
N LYS A 35 0.81 -6.20 -12.28
CA LYS A 35 -0.17 -6.00 -13.34
C LYS A 35 -0.37 -4.50 -13.60
N THR A 36 -0.52 -3.73 -12.52
CA THR A 36 -0.76 -2.30 -12.63
C THR A 36 0.46 -1.59 -13.24
N SER A 37 1.66 -1.87 -12.71
CA SER A 37 2.92 -1.36 -13.21
C SER A 37 3.97 -2.45 -12.99
N THR A 38 4.63 -2.91 -14.05
CA THR A 38 5.62 -3.98 -13.99
C THR A 38 6.93 -3.50 -13.37
N TRP A 39 6.91 -3.10 -12.10
CA TRP A 39 8.10 -2.69 -11.36
C TRP A 39 8.73 -3.94 -10.72
N SER A 40 10.03 -3.87 -10.42
CA SER A 40 10.73 -4.96 -9.76
C SER A 40 10.17 -5.19 -8.34
N PRO A 41 10.19 -6.43 -7.81
CA PRO A 41 9.72 -6.74 -6.46
C PRO A 41 10.25 -5.77 -5.38
N LYS A 42 11.53 -5.40 -5.46
CA LYS A 42 12.12 -4.45 -4.51
C LYS A 42 11.43 -3.08 -4.63
N THR A 43 11.27 -2.60 -5.86
CA THR A 43 10.59 -1.35 -6.16
C THR A 43 9.16 -1.42 -5.60
N ILE A 44 8.48 -2.54 -5.80
CA ILE A 44 7.16 -2.76 -5.23
C ILE A 44 7.23 -2.61 -3.71
N GLN A 45 8.09 -3.40 -3.05
CA GLN A 45 8.23 -3.32 -1.61
C GLN A 45 8.53 -1.90 -1.12
N THR A 46 9.29 -1.13 -1.90
CA THR A 46 9.53 0.27 -1.57
C THR A 46 8.20 0.99 -1.37
N MET A 47 7.19 0.72 -2.22
CA MET A 47 5.87 1.33 -2.06
C MET A 47 5.28 0.97 -0.70
N LEU A 48 5.15 -0.33 -0.38
CA LEU A 48 4.64 -0.74 0.90
C LEU A 48 5.41 -0.08 2.05
N LEU A 49 6.74 -0.03 1.95
CA LEU A 49 7.59 0.60 2.94
C LEU A 49 7.17 2.07 3.13
N ARG A 50 7.05 2.85 2.04
CA ARG A 50 6.59 4.22 2.11
C ARG A 50 5.23 4.33 2.81
N LEU A 51 4.29 3.52 2.35
CA LEU A 51 2.93 3.48 2.90
C LEU A 51 2.99 3.24 4.42
N ILE A 52 3.80 2.28 4.86
CA ILE A 52 3.97 2.01 6.29
C ILE A 52 4.57 3.23 6.98
N LYS A 53 5.66 3.80 6.46
CA LYS A 53 6.30 4.97 7.07
C LYS A 53 5.31 6.12 7.24
N LYS A 54 4.46 6.39 6.25
CA LYS A 54 3.47 7.46 6.35
C LYS A 54 2.27 7.07 7.24
N GLY A 55 2.27 5.86 7.81
CA GLY A 55 1.18 5.40 8.66
C GLY A 55 -0.11 5.19 7.85
N ALA A 56 0.02 4.85 6.57
CA ALA A 56 -1.10 4.62 5.69
C ALA A 56 -1.58 3.17 5.82
N LEU A 57 -0.63 2.23 5.87
CA LEU A 57 -0.91 0.80 5.97
C LEU A 57 -0.21 0.23 7.20
N ASN A 58 -0.86 -0.74 7.83
CA ASN A 58 -0.36 -1.52 8.96
C ASN A 58 -0.06 -2.92 8.42
N HIS A 59 0.98 -3.61 8.92
CA HIS A 59 1.35 -4.93 8.45
C HIS A 59 1.62 -5.91 9.59
N HIS A 60 1.55 -7.20 9.27
CA HIS A 60 1.74 -8.31 10.19
C HIS A 60 2.46 -9.46 9.48
N LYS A 61 3.35 -10.19 10.17
CA LYS A 61 4.05 -11.34 9.60
C LYS A 61 3.14 -12.56 9.73
N GLU A 62 2.43 -12.93 8.68
CA GLU A 62 1.53 -14.08 8.76
C GLU A 62 2.34 -15.34 8.45
N GLY A 63 3.12 -15.77 9.45
CA GLY A 63 3.94 -16.96 9.40
C GLY A 63 5.04 -16.88 8.35
N ARG A 64 4.68 -17.00 7.07
CA ARG A 64 5.61 -17.01 5.95
C ARG A 64 5.66 -15.67 5.25
N VAL A 65 4.51 -15.18 4.77
CA VAL A 65 4.40 -13.92 4.04
C VAL A 65 3.81 -12.88 4.98
N PHE A 66 4.09 -11.60 4.74
CA PHE A 66 3.56 -10.55 5.57
C PHE A 66 2.31 -9.97 4.93
N VAL A 67 1.27 -9.85 5.75
CA VAL A 67 -0.05 -9.39 5.39
C VAL A 67 -0.13 -7.88 5.61
N TYR A 68 -0.76 -7.17 4.66
CA TYR A 68 -0.94 -5.72 4.67
C TYR A 68 -2.40 -5.37 4.93
N THR A 69 -2.63 -4.34 5.76
CA THR A 69 -3.95 -3.89 6.13
C THR A 69 -4.08 -2.36 6.05
N PRO A 70 -5.09 -1.84 5.34
CA PRO A 70 -5.40 -0.42 5.23
C PRO A 70 -5.57 0.22 6.61
N ASN A 71 -4.70 1.18 6.98
CA ASN A 71 -4.86 1.93 8.22
C ASN A 71 -5.89 3.05 8.01
N ILE A 72 -5.97 3.50 6.76
CA ILE A 72 -6.86 4.51 6.23
C ILE A 72 -7.87 3.88 5.28
N ASP A 73 -9.13 4.33 5.36
CA ASP A 73 -10.26 3.90 4.57
C ASP A 73 -11.23 5.09 4.55
N GLU A 74 -12.23 5.06 3.67
CA GLU A 74 -13.22 6.11 3.46
C GLU A 74 -12.53 7.40 3.01
N SER A 75 -11.82 8.09 3.91
CA SER A 75 -10.97 9.22 3.57
C SER A 75 -9.67 8.66 3.00
N ASP A 76 -9.80 7.93 1.90
CA ASP A 76 -8.73 7.21 1.22
C ASP A 76 -7.50 8.08 0.98
N TYR A 77 -7.68 9.21 0.30
CA TYR A 77 -6.58 10.11 0.00
C TYR A 77 -7.09 11.49 -0.42
N ILE A 78 -6.78 12.49 0.40
CA ILE A 78 -6.94 13.90 0.09
C ILE A 78 -5.52 14.44 0.28
N GLU A 79 -4.97 15.18 -0.70
CA GLU A 79 -3.60 15.65 -0.57
C GLU A 79 -3.53 16.81 0.43
N VAL A 80 -3.15 16.51 1.67
CA VAL A 80 -2.99 17.53 2.71
C VAL A 80 -1.70 18.30 2.41
N LYS A 81 -1.81 19.63 2.33
CA LYS A 81 -0.66 20.49 2.04
C LYS A 81 0.04 20.87 3.35
N SER A 82 0.46 19.87 4.12
CA SER A 82 1.16 20.00 5.38
C SER A 82 1.53 18.59 5.83
N MET A 1 -0.10 9.38 9.55
CA MET A 1 -0.93 9.07 10.73
C MET A 1 -1.20 10.41 11.40
N LYS A 2 -2.45 10.69 11.79
CA LYS A 2 -2.92 12.01 12.21
C LYS A 2 -2.90 12.89 10.94
N LYS A 3 -1.70 13.22 10.47
CA LYS A 3 -1.50 13.79 9.16
C LYS A 3 -1.86 12.66 8.18
N ILE A 4 -2.70 12.95 7.19
CA ILE A 4 -3.11 11.98 6.19
C ILE A 4 -1.84 11.57 5.41
N PRO A 5 -1.66 10.28 5.08
CA PRO A 5 -0.50 9.82 4.33
C PRO A 5 -0.25 10.66 3.08
N GLN A 6 0.94 11.29 2.98
CA GLN A 6 1.32 12.08 1.82
C GLN A 6 1.66 11.11 0.68
N ILE A 7 0.61 10.56 0.09
CA ILE A 7 0.65 9.55 -0.95
C ILE A 7 0.88 10.18 -2.33
N SER A 8 1.92 9.72 -3.04
CA SER A 8 2.18 10.11 -4.42
C SER A 8 1.34 9.24 -5.36
N ASP A 9 1.47 9.46 -6.66
CA ASP A 9 0.71 8.76 -7.69
C ASP A 9 0.87 7.24 -7.58
N ALA A 10 2.09 6.75 -7.75
CA ALA A 10 2.39 5.32 -7.68
C ALA A 10 1.85 4.71 -6.37
N GLU A 11 2.09 5.39 -5.26
CA GLU A 11 1.59 4.95 -3.96
C GLU A 11 0.06 4.83 -4.01
N LEU A 12 -0.64 5.85 -4.52
CA LEU A 12 -2.09 5.83 -4.59
C LEU A 12 -2.55 4.64 -5.45
N GLU A 13 -1.88 4.38 -6.57
CA GLU A 13 -2.20 3.21 -7.39
C GLU A 13 -2.23 1.96 -6.53
N VAL A 14 -1.14 1.71 -5.78
CA VAL A 14 -1.10 0.51 -4.95
C VAL A 14 -2.19 0.59 -3.88
N MET A 15 -2.41 1.74 -3.25
CA MET A 15 -3.47 1.87 -2.25
C MET A 15 -4.81 1.42 -2.85
N LYS A 16 -5.11 1.90 -4.05
CA LYS A 16 -6.33 1.58 -4.76
C LYS A 16 -6.45 0.07 -4.93
N VAL A 17 -5.37 -0.59 -5.37
CA VAL A 17 -5.35 -2.04 -5.51
C VAL A 17 -5.63 -2.70 -4.15
N ILE A 18 -4.91 -2.28 -3.11
CA ILE A 18 -5.07 -2.81 -1.76
C ILE A 18 -6.53 -2.67 -1.32
N TRP A 19 -7.16 -1.51 -1.57
CA TRP A 19 -8.55 -1.23 -1.24
C TRP A 19 -9.53 -2.03 -2.12
N LYS A 20 -9.18 -2.28 -3.39
CA LYS A 20 -10.02 -3.04 -4.30
C LYS A 20 -10.18 -4.47 -3.79
N HIS A 21 -9.07 -5.12 -3.45
CA HIS A 21 -9.13 -6.46 -2.87
C HIS A 21 -9.57 -6.33 -1.40
N SER A 22 -10.04 -7.41 -0.76
CA SER A 22 -10.47 -7.35 0.64
C SER A 22 -9.30 -6.87 1.50
N SER A 23 -8.19 -7.62 1.47
CA SER A 23 -6.90 -7.06 1.82
C SER A 23 -5.99 -7.55 0.68
N ILE A 24 -4.67 -7.61 0.84
CA ILE A 24 -3.80 -8.26 -0.14
C ILE A 24 -2.54 -8.76 0.56
N ASN A 25 -1.88 -9.83 0.07
CA ASN A 25 -0.59 -10.30 0.59
C ASN A 25 0.55 -9.89 -0.34
N THR A 26 1.80 -9.92 0.17
CA THR A 26 2.97 -9.50 -0.59
C THR A 26 3.07 -10.12 -1.99
N ASN A 27 2.84 -11.43 -2.13
CA ASN A 27 2.94 -12.05 -3.44
C ASN A 27 1.87 -11.48 -4.37
N GLU A 28 0.62 -11.46 -3.90
CA GLU A 28 -0.51 -11.00 -4.68
C GLU A 28 -0.27 -9.56 -5.11
N VAL A 29 0.14 -8.73 -4.16
CA VAL A 29 0.37 -7.32 -4.40
C VAL A 29 1.50 -7.16 -5.42
N ILE A 30 2.68 -7.76 -5.20
CA ILE A 30 3.79 -7.63 -6.12
C ILE A 30 3.35 -8.06 -7.53
N LYS A 31 2.74 -9.24 -7.66
CA LYS A 31 2.28 -9.71 -8.96
C LYS A 31 1.29 -8.72 -9.59
N GLU A 32 0.21 -8.40 -8.88
CA GLU A 32 -0.84 -7.49 -9.35
C GLU A 32 -0.27 -6.17 -9.82
N LEU A 33 0.53 -5.50 -8.98
CA LEU A 33 1.13 -4.24 -9.28
C LEU A 33 2.06 -4.39 -10.49
N SER A 34 3.09 -5.25 -10.40
CA SER A 34 4.06 -5.41 -11.48
C SER A 34 3.39 -5.76 -12.82
N LYS A 35 2.30 -6.53 -12.80
CA LYS A 35 1.59 -6.90 -14.03
C LYS A 35 1.00 -5.66 -14.70
N THR A 36 0.51 -4.72 -13.90
CA THR A 36 -0.21 -3.55 -14.38
C THR A 36 0.75 -2.38 -14.58
N SER A 37 1.38 -1.93 -13.49
CA SER A 37 2.37 -0.88 -13.47
C SER A 37 3.70 -1.54 -13.10
N THR A 38 4.59 -1.68 -14.08
CA THR A 38 5.83 -2.43 -13.98
C THR A 38 6.89 -1.84 -13.03
N TRP A 39 6.61 -1.82 -11.72
CA TRP A 39 7.58 -1.46 -10.71
C TRP A 39 8.24 -2.76 -10.24
N SER A 40 9.54 -2.73 -9.96
CA SER A 40 10.28 -3.89 -9.50
C SER A 40 9.81 -4.30 -8.10
N PRO A 41 9.94 -5.58 -7.71
CA PRO A 41 9.55 -6.04 -6.38
C PRO A 41 10.15 -5.17 -5.27
N LYS A 42 11.42 -4.76 -5.42
CA LYS A 42 12.08 -3.89 -4.45
C LYS A 42 11.36 -2.53 -4.35
N THR A 43 10.97 -1.96 -5.50
CA THR A 43 10.25 -0.70 -5.58
C THR A 43 8.95 -0.84 -4.81
N ILE A 44 8.18 -1.88 -5.13
CA ILE A 44 6.92 -2.17 -4.47
C ILE A 44 7.12 -2.27 -2.96
N GLN A 45 8.09 -3.08 -2.53
CA GLN A 45 8.39 -3.24 -1.11
C GLN A 45 8.75 -1.89 -0.47
N THR A 46 9.49 -1.05 -1.19
CA THR A 46 9.80 0.30 -0.70
C THR A 46 8.48 1.05 -0.50
N MET A 47 7.59 1.09 -1.49
CA MET A 47 6.31 1.77 -1.38
C MET A 47 5.51 1.24 -0.19
N LEU A 48 5.40 -0.08 -0.05
CA LEU A 48 4.72 -0.70 1.09
C LEU A 48 5.34 -0.16 2.38
N LEU A 49 6.67 -0.16 2.48
CA LEU A 49 7.38 0.37 3.64
C LEU A 49 7.00 1.84 3.88
N ARG A 50 6.93 2.67 2.84
CA ARG A 50 6.53 4.07 2.98
C ARG A 50 5.17 4.14 3.67
N LEU A 51 4.16 3.52 3.09
CA LEU A 51 2.81 3.47 3.64
C LEU A 51 2.82 2.97 5.07
N ILE A 52 3.55 1.90 5.39
CA ILE A 52 3.63 1.42 6.76
C ILE A 52 4.18 2.54 7.66
N LYS A 53 5.32 3.13 7.29
CA LYS A 53 5.94 4.21 8.06
C LYS A 53 4.98 5.39 8.26
N LYS A 54 4.24 5.76 7.21
CA LYS A 54 3.26 6.83 7.22
C LYS A 54 2.00 6.44 8.00
N GLY A 55 1.86 5.18 8.40
CA GLY A 55 0.69 4.70 9.13
C GLY A 55 -0.54 4.64 8.22
N ALA A 56 -0.31 4.40 6.91
CA ALA A 56 -1.37 4.27 5.91
C ALA A 56 -1.90 2.83 5.88
N LEU A 57 -1.02 1.88 6.18
CA LEU A 57 -1.31 0.45 6.23
C LEU A 57 -0.65 -0.13 7.49
N ASN A 58 -1.10 -1.32 7.88
CA ASN A 58 -0.60 -2.14 8.97
C ASN A 58 -0.53 -3.55 8.35
N HIS A 59 0.32 -4.45 8.84
CA HIS A 59 0.41 -5.78 8.27
C HIS A 59 0.46 -6.89 9.30
N HIS A 60 0.11 -8.10 8.83
CA HIS A 60 0.16 -9.35 9.57
C HIS A 60 1.05 -10.32 8.77
N LYS A 61 1.82 -11.17 9.45
CA LYS A 61 2.71 -12.13 8.81
C LYS A 61 1.94 -13.41 8.45
N GLU A 62 1.61 -13.56 7.17
CA GLU A 62 0.95 -14.75 6.65
C GLU A 62 2.07 -15.74 6.31
N GLY A 63 2.59 -16.37 7.37
CA GLY A 63 3.64 -17.38 7.31
C GLY A 63 4.94 -16.86 6.68
N ARG A 64 4.97 -16.81 5.36
CA ARG A 64 6.12 -16.40 4.56
C ARG A 64 5.95 -14.98 4.01
N VAL A 65 4.73 -14.63 3.59
CA VAL A 65 4.40 -13.32 3.05
C VAL A 65 3.66 -12.53 4.13
N PHE A 66 3.40 -11.25 3.91
CA PHE A 66 2.66 -10.43 4.86
C PHE A 66 1.44 -9.81 4.20
N VAL A 67 0.30 -9.89 4.90
CA VAL A 67 -1.00 -9.38 4.49
C VAL A 67 -1.12 -7.95 4.98
N TYR A 68 -1.55 -7.02 4.12
CA TYR A 68 -1.68 -5.61 4.48
C TYR A 68 -3.13 -5.31 4.83
N THR A 69 -3.36 -4.86 6.06
CA THR A 69 -4.62 -4.39 6.58
C THR A 69 -4.55 -2.87 6.45
N PRO A 70 -5.38 -2.22 5.61
CA PRO A 70 -5.30 -0.79 5.43
C PRO A 70 -5.75 -0.04 6.68
N ASN A 71 -5.02 1.03 7.04
CA ASN A 71 -5.28 1.83 8.24
C ASN A 71 -6.34 2.88 7.94
N ILE A 72 -6.29 3.40 6.72
CA ILE A 72 -7.19 4.41 6.19
C ILE A 72 -8.03 3.72 5.11
N ASP A 73 -9.31 4.08 5.01
CA ASP A 73 -10.23 3.48 4.06
C ASP A 73 -11.37 4.45 3.74
N GLU A 74 -12.16 4.79 4.76
CA GLU A 74 -13.31 5.69 4.69
C GLU A 74 -13.07 6.87 3.75
N SER A 75 -12.13 7.74 4.12
CA SER A 75 -11.77 8.94 3.37
C SER A 75 -10.82 8.66 2.21
N ASP A 76 -10.59 7.39 1.85
CA ASP A 76 -9.66 6.97 0.81
C ASP A 76 -8.31 7.67 1.02
N TYR A 77 -7.98 8.66 0.19
CA TYR A 77 -6.76 9.46 0.30
C TYR A 77 -7.07 10.91 -0.03
N ILE A 78 -7.20 11.75 1.01
CA ILE A 78 -7.36 13.19 0.85
C ILE A 78 -5.94 13.77 0.84
N GLU A 79 -5.57 14.50 -0.22
CA GLU A 79 -4.25 15.09 -0.28
C GLU A 79 -4.23 16.30 0.66
N VAL A 80 -3.70 16.10 1.87
CA VAL A 80 -3.58 17.15 2.87
C VAL A 80 -2.45 18.09 2.45
N LYS A 81 -2.56 19.37 2.80
CA LYS A 81 -1.57 20.39 2.49
C LYS A 81 -0.77 20.73 3.74
N SER A 82 -0.17 19.71 4.36
CA SER A 82 0.65 19.81 5.56
C SER A 82 1.47 18.53 5.64
N MET A 1 0.50 8.22 8.77
CA MET A 1 -0.14 9.25 9.60
C MET A 1 -1.41 9.71 8.92
N LYS A 2 -2.45 10.07 9.68
CA LYS A 2 -3.72 10.52 9.11
C LYS A 2 -3.49 11.82 8.34
N LYS A 3 -2.87 12.80 8.98
CA LYS A 3 -2.53 14.07 8.36
C LYS A 3 -1.36 13.89 7.41
N ILE A 4 -1.35 14.66 6.31
CA ILE A 4 -0.33 14.69 5.27
C ILE A 4 0.37 13.34 5.00
N PRO A 5 -0.38 12.31 4.56
CA PRO A 5 0.20 11.02 4.27
C PRO A 5 1.04 11.05 2.98
N GLN A 6 2.02 10.15 2.91
CA GLN A 6 2.91 10.03 1.78
C GLN A 6 2.16 9.49 0.55
N ILE A 7 1.40 10.34 -0.17
CA ILE A 7 0.69 9.90 -1.37
C ILE A 7 1.31 10.56 -2.62
N SER A 8 1.23 9.84 -3.73
CA SER A 8 1.63 10.19 -5.08
C SER A 8 0.85 9.22 -5.97
N ASP A 9 0.85 9.40 -7.30
CA ASP A 9 0.06 8.56 -8.20
C ASP A 9 0.21 7.06 -7.92
N ALA A 10 1.42 6.52 -8.09
CA ALA A 10 1.66 5.10 -7.88
C ALA A 10 1.26 4.65 -6.48
N GLU A 11 1.66 5.41 -5.46
CA GLU A 11 1.30 5.13 -4.09
C GLU A 11 -0.21 5.10 -3.92
N LEU A 12 -0.95 5.96 -4.62
CA LEU A 12 -2.40 6.00 -4.53
C LEU A 12 -2.98 4.78 -5.25
N GLU A 13 -2.48 4.40 -6.44
CA GLU A 13 -2.93 3.16 -7.09
C GLU A 13 -2.82 2.00 -6.10
N VAL A 14 -1.65 1.92 -5.49
CA VAL A 14 -1.34 0.95 -4.46
C VAL A 14 -2.41 1.04 -3.36
N MET A 15 -2.58 2.20 -2.75
CA MET A 15 -3.55 2.41 -1.67
C MET A 15 -4.94 1.93 -2.07
N LYS A 16 -5.40 2.34 -3.25
CA LYS A 16 -6.68 1.92 -3.81
C LYS A 16 -6.77 0.40 -3.79
N VAL A 17 -5.75 -0.28 -4.33
CA VAL A 17 -5.70 -1.73 -4.35
C VAL A 17 -5.75 -2.27 -2.91
N ILE A 18 -4.88 -1.80 -2.03
CA ILE A 18 -4.81 -2.23 -0.64
C ILE A 18 -6.19 -2.13 0.03
N TRP A 19 -6.85 -0.99 -0.10
CA TRP A 19 -8.15 -0.73 0.49
C TRP A 19 -9.25 -1.72 0.07
N LYS A 20 -9.05 -2.51 -1.00
CA LYS A 20 -10.02 -3.53 -1.35
C LYS A 20 -9.97 -4.70 -0.35
N HIS A 21 -8.82 -4.91 0.29
CA HIS A 21 -8.60 -5.97 1.27
C HIS A 21 -8.73 -5.38 2.69
N SER A 22 -8.91 -6.23 3.71
CA SER A 22 -9.05 -5.77 5.09
C SER A 22 -7.74 -5.10 5.52
N SER A 23 -6.65 -5.84 5.46
CA SER A 23 -5.32 -5.25 5.37
C SER A 23 -4.70 -6.04 4.21
N ILE A 24 -3.38 -6.15 4.06
CA ILE A 24 -2.84 -7.01 3.01
C ILE A 24 -1.46 -7.55 3.38
N ASN A 25 -1.16 -8.82 3.13
CA ASN A 25 0.20 -9.32 3.34
C ASN A 25 1.05 -8.95 2.13
N THR A 26 2.36 -8.90 2.33
CA THR A 26 3.26 -8.48 1.28
C THR A 26 3.15 -9.33 0.00
N ASN A 27 3.03 -10.66 0.11
CA ASN A 27 2.91 -11.50 -1.08
C ASN A 27 1.69 -11.06 -1.90
N GLU A 28 0.53 -10.97 -1.25
CA GLU A 28 -0.69 -10.50 -1.86
C GLU A 28 -0.44 -9.14 -2.53
N VAL A 29 0.18 -8.20 -1.81
CA VAL A 29 0.41 -6.87 -2.35
C VAL A 29 1.26 -6.92 -3.63
N ILE A 30 2.44 -7.56 -3.58
CA ILE A 30 3.32 -7.64 -4.73
C ILE A 30 2.56 -8.28 -5.89
N LYS A 31 1.93 -9.43 -5.64
CA LYS A 31 1.18 -10.15 -6.66
C LYS A 31 0.09 -9.25 -7.29
N GLU A 32 -0.78 -8.69 -6.45
CA GLU A 32 -1.90 -7.86 -6.87
C GLU A 32 -1.43 -6.67 -7.70
N LEU A 33 -0.41 -5.95 -7.22
CA LEU A 33 0.09 -4.83 -8.00
C LEU A 33 0.67 -5.37 -9.30
N SER A 34 1.58 -6.35 -9.26
CA SER A 34 2.19 -6.91 -10.45
C SER A 34 1.14 -7.31 -11.52
N LYS A 35 0.02 -7.89 -11.08
CA LYS A 35 -1.06 -8.29 -11.98
C LYS A 35 -1.68 -7.09 -12.69
N THR A 36 -1.75 -5.94 -12.02
CA THR A 36 -2.38 -4.73 -12.54
C THR A 36 -1.31 -3.79 -13.12
N SER A 37 -0.50 -3.20 -12.24
CA SER A 37 0.60 -2.31 -12.59
C SER A 37 1.89 -3.12 -12.53
N THR A 38 2.47 -3.44 -13.68
CA THR A 38 3.65 -4.27 -13.80
C THR A 38 4.93 -3.56 -13.33
N TRP A 39 5.04 -3.35 -12.02
CA TRP A 39 6.21 -2.79 -11.35
C TRP A 39 7.00 -3.95 -10.74
N SER A 40 8.33 -3.86 -10.70
CA SER A 40 9.15 -4.94 -10.15
C SER A 40 8.92 -5.03 -8.63
N PRO A 41 9.18 -6.19 -7.99
CA PRO A 41 9.10 -6.31 -6.55
C PRO A 41 9.94 -5.22 -5.87
N LYS A 42 11.14 -4.94 -6.39
CA LYS A 42 11.98 -3.87 -5.88
C LYS A 42 11.22 -2.53 -5.94
N THR A 43 10.63 -2.21 -7.10
CA THR A 43 9.86 -0.98 -7.26
C THR A 43 8.76 -0.92 -6.18
N ILE A 44 7.95 -1.98 -6.10
CA ILE A 44 6.86 -2.08 -5.13
C ILE A 44 7.39 -1.84 -3.72
N GLN A 45 8.44 -2.56 -3.34
CA GLN A 45 9.08 -2.44 -2.04
C GLN A 45 9.54 -1.01 -1.79
N THR A 46 10.07 -0.32 -2.80
CA THR A 46 10.45 1.08 -2.66
C THR A 46 9.22 1.94 -2.37
N MET A 47 8.14 1.78 -3.15
CA MET A 47 6.90 2.50 -2.94
C MET A 47 6.35 2.25 -1.53
N LEU A 48 6.32 0.98 -1.11
CA LEU A 48 5.89 0.58 0.22
C LEU A 48 6.76 1.27 1.27
N LEU A 49 8.09 1.23 1.10
CA LEU A 49 9.01 1.88 2.02
C LEU A 49 8.65 3.36 2.14
N ARG A 50 8.46 4.06 1.03
CA ARG A 50 8.03 5.46 1.09
C ARG A 50 6.74 5.56 1.89
N LEU A 51 5.70 4.83 1.49
CA LEU A 51 4.41 4.88 2.16
C LEU A 51 4.56 4.71 3.67
N ILE A 52 5.30 3.69 4.10
CA ILE A 52 5.43 3.34 5.50
C ILE A 52 6.31 4.32 6.26
N LYS A 53 7.55 4.50 5.80
CA LYS A 53 8.55 5.30 6.49
C LYS A 53 8.28 6.80 6.37
N LYS A 54 7.81 7.23 5.21
CA LYS A 54 7.69 8.66 4.88
C LYS A 54 6.31 9.27 5.19
N GLY A 55 5.54 8.69 6.11
CA GLY A 55 4.30 9.29 6.61
C GLY A 55 2.92 8.74 6.26
N ALA A 56 2.72 7.69 5.46
CA ALA A 56 1.36 7.22 5.15
C ALA A 56 0.89 6.04 6.00
N LEU A 57 1.47 4.86 5.77
CA LEU A 57 0.95 3.55 6.14
C LEU A 57 1.73 2.95 7.32
N ASN A 58 1.20 1.90 7.94
CA ASN A 58 1.84 1.20 9.05
C ASN A 58 2.04 -0.28 8.70
N HIS A 59 3.11 -0.89 9.25
CA HIS A 59 3.49 -2.28 9.06
C HIS A 59 3.14 -3.10 10.31
N HIS A 60 2.94 -4.40 10.12
CA HIS A 60 2.68 -5.38 11.15
C HIS A 60 3.33 -6.71 10.72
N LYS A 61 3.85 -7.48 11.67
CA LYS A 61 4.42 -8.80 11.42
C LYS A 61 3.32 -9.82 11.74
N GLU A 62 2.56 -10.27 10.75
CA GLU A 62 1.48 -11.20 11.02
C GLU A 62 2.07 -12.62 11.00
N GLY A 63 2.75 -12.93 12.11
CA GLY A 63 3.39 -14.20 12.38
C GLY A 63 4.40 -14.60 11.31
N ARG A 64 3.89 -15.14 10.20
CA ARG A 64 4.68 -15.63 9.08
C ARG A 64 4.88 -14.55 8.03
N VAL A 65 3.79 -13.86 7.63
CA VAL A 65 3.84 -12.84 6.61
C VAL A 65 3.77 -11.46 7.26
N PHE A 66 4.40 -10.44 6.67
CA PHE A 66 4.25 -9.09 7.18
C PHE A 66 3.15 -8.41 6.36
N VAL A 67 2.27 -7.75 7.11
CA VAL A 67 1.03 -7.12 6.69
C VAL A 67 1.13 -5.61 6.78
N TYR A 68 0.56 -4.93 5.79
CA TYR A 68 0.45 -3.49 5.79
C TYR A 68 -0.95 -3.15 6.28
N THR A 69 -1.02 -2.38 7.36
CA THR A 69 -2.25 -1.96 8.01
C THR A 69 -2.54 -0.52 7.53
N PRO A 70 -3.66 -0.28 6.82
CA PRO A 70 -3.99 1.04 6.34
C PRO A 70 -4.26 2.05 7.45
N ASN A 71 -3.18 2.71 7.89
CA ASN A 71 -3.20 3.80 8.86
C ASN A 71 -4.14 4.92 8.41
N ILE A 72 -4.31 5.03 7.09
CA ILE A 72 -5.19 5.95 6.41
C ILE A 72 -6.34 5.14 5.82
N ASP A 73 -7.59 5.55 6.11
CA ASP A 73 -8.80 4.89 5.70
C ASP A 73 -9.07 5.04 4.20
N GLU A 74 -10.01 4.23 3.70
CA GLU A 74 -10.47 4.18 2.31
C GLU A 74 -10.45 5.55 1.64
N SER A 75 -11.35 6.44 2.05
CA SER A 75 -11.49 7.75 1.45
C SER A 75 -10.64 8.81 2.14
N ASP A 76 -9.47 8.42 2.68
CA ASP A 76 -8.54 9.39 3.24
C ASP A 76 -8.09 10.33 2.13
N TYR A 77 -7.80 9.75 0.97
CA TYR A 77 -7.40 10.44 -0.24
C TYR A 77 -8.49 10.24 -1.29
N ILE A 78 -8.33 10.85 -2.46
CA ILE A 78 -9.30 10.74 -3.54
C ILE A 78 -9.06 9.41 -4.25
N GLU A 79 -9.94 8.44 -4.01
CA GLU A 79 -9.87 7.13 -4.62
C GLU A 79 -10.31 7.27 -6.08
N VAL A 80 -9.35 7.34 -7.00
CA VAL A 80 -9.61 7.51 -8.41
C VAL A 80 -10.15 6.21 -9.03
N LYS A 81 -11.00 6.34 -10.05
CA LYS A 81 -11.63 5.23 -10.75
C LYS A 81 -12.48 4.42 -9.77
N SER A 82 -12.35 3.09 -9.75
CA SER A 82 -13.03 2.16 -8.88
C SER A 82 -12.23 0.86 -9.01
N MET A 1 -0.66 17.97 3.19
CA MET A 1 0.09 18.38 4.38
C MET A 1 0.34 17.14 5.23
N LYS A 2 1.33 17.17 6.13
CA LYS A 2 1.68 16.06 7.00
C LYS A 2 0.64 15.91 8.12
N LYS A 3 -0.57 15.55 7.70
CA LYS A 3 -1.76 15.29 8.50
C LYS A 3 -2.55 14.25 7.71
N ILE A 4 -2.89 14.60 6.46
CA ILE A 4 -3.52 13.68 5.53
C ILE A 4 -2.41 12.83 4.89
N PRO A 5 -2.72 11.64 4.35
CA PRO A 5 -1.68 10.84 3.71
C PRO A 5 -1.20 11.55 2.42
N GLN A 6 0.07 11.96 2.38
CA GLN A 6 0.65 12.56 1.19
C GLN A 6 1.02 11.44 0.22
N ILE A 7 0.00 10.72 -0.23
CA ILE A 7 0.11 9.54 -1.09
C ILE A 7 0.17 9.96 -2.56
N SER A 8 1.20 9.50 -3.26
CA SER A 8 1.42 9.73 -4.69
C SER A 8 0.56 8.77 -5.51
N ASP A 9 0.42 9.01 -6.81
CA ASP A 9 -0.36 8.17 -7.70
C ASP A 9 0.05 6.69 -7.60
N ALA A 10 1.36 6.42 -7.71
CA ALA A 10 1.87 5.07 -7.63
C ALA A 10 1.40 4.39 -6.33
N GLU A 11 1.65 5.06 -5.20
CA GLU A 11 1.24 4.59 -3.89
C GLU A 11 -0.28 4.35 -3.89
N LEU A 12 -1.05 5.28 -4.46
CA LEU A 12 -2.49 5.15 -4.51
C LEU A 12 -2.91 3.90 -5.27
N GLU A 13 -2.23 3.58 -6.38
CA GLU A 13 -2.52 2.38 -7.17
C GLU A 13 -2.51 1.17 -6.24
N VAL A 14 -1.41 1.01 -5.53
CA VAL A 14 -1.25 -0.14 -4.66
C VAL A 14 -2.26 -0.08 -3.53
N MET A 15 -2.46 1.10 -2.93
CA MET A 15 -3.46 1.27 -1.89
C MET A 15 -4.80 0.73 -2.34
N LYS A 16 -5.28 1.14 -3.52
CA LYS A 16 -6.55 0.68 -4.06
C LYS A 16 -6.52 -0.85 -4.20
N VAL A 17 -5.42 -1.41 -4.73
CA VAL A 17 -5.30 -2.86 -4.83
C VAL A 17 -5.46 -3.50 -3.44
N ILE A 18 -4.81 -2.96 -2.41
CA ILE A 18 -4.95 -3.51 -1.05
C ILE A 18 -6.41 -3.39 -0.62
N TRP A 19 -6.98 -2.18 -0.71
CA TRP A 19 -8.33 -1.83 -0.35
C TRP A 19 -9.37 -2.69 -1.08
N LYS A 20 -9.06 -3.15 -2.30
CA LYS A 20 -9.92 -4.05 -3.05
C LYS A 20 -9.99 -5.43 -2.36
N HIS A 21 -8.89 -5.83 -1.70
CA HIS A 21 -8.80 -7.08 -0.95
C HIS A 21 -9.22 -6.81 0.50
N SER A 22 -9.22 -7.82 1.38
CA SER A 22 -9.57 -7.64 2.78
C SER A 22 -8.38 -6.95 3.45
N SER A 23 -7.24 -7.62 3.42
CA SER A 23 -5.94 -7.00 3.53
C SER A 23 -5.15 -7.65 2.37
N ILE A 24 -3.82 -7.71 2.37
CA ILE A 24 -3.12 -8.48 1.34
C ILE A 24 -1.78 -9.00 1.86
N ASN A 25 -1.40 -10.24 1.53
CA ASN A 25 -0.07 -10.75 1.88
C ASN A 25 0.92 -10.29 0.82
N THR A 26 2.19 -10.18 1.21
CA THR A 26 3.21 -9.66 0.32
C THR A 26 3.32 -10.44 -0.99
N ASN A 27 3.16 -11.76 -0.98
CA ASN A 27 3.22 -12.52 -2.23
C ASN A 27 2.14 -12.01 -3.19
N GLU A 28 0.90 -11.95 -2.71
CA GLU A 28 -0.22 -11.45 -3.51
C GLU A 28 0.02 -9.98 -3.91
N VAL A 29 0.52 -9.14 -3.01
CA VAL A 29 0.79 -7.75 -3.33
C VAL A 29 1.79 -7.67 -4.48
N ILE A 30 2.97 -8.28 -4.33
CA ILE A 30 3.98 -8.25 -5.38
C ILE A 30 3.41 -8.81 -6.68
N LYS A 31 2.73 -9.97 -6.63
CA LYS A 31 2.15 -10.57 -7.82
C LYS A 31 1.20 -9.59 -8.52
N GLU A 32 0.14 -9.16 -7.83
CA GLU A 32 -0.88 -8.29 -8.39
C GLU A 32 -0.28 -6.98 -8.88
N LEU A 33 0.52 -6.32 -8.04
CA LEU A 33 1.17 -5.06 -8.41
C LEU A 33 2.02 -5.28 -9.66
N SER A 34 2.97 -6.23 -9.64
CA SER A 34 3.84 -6.46 -10.80
C SER A 34 3.05 -6.72 -12.08
N LYS A 35 1.97 -7.51 -12.00
CA LYS A 35 1.14 -7.80 -13.17
C LYS A 35 0.49 -6.53 -13.71
N THR A 36 -0.13 -5.73 -12.83
CA THR A 36 -0.83 -4.52 -13.24
C THR A 36 0.18 -3.42 -13.62
N SER A 37 0.99 -3.00 -12.64
CA SER A 37 2.02 -2.00 -12.76
C SER A 37 3.38 -2.70 -12.83
N THR A 38 4.00 -2.71 -14.01
CA THR A 38 5.26 -3.39 -14.27
C THR A 38 6.42 -2.77 -13.48
N TRP A 39 6.55 -3.14 -12.21
CA TRP A 39 7.58 -2.72 -11.28
C TRP A 39 8.26 -3.96 -10.67
N SER A 40 9.53 -3.83 -10.29
CA SER A 40 10.26 -4.95 -9.69
C SER A 40 9.78 -5.20 -8.25
N PRO A 41 10.05 -6.37 -7.66
CA PRO A 41 9.72 -6.64 -6.27
C PRO A 41 10.30 -5.57 -5.34
N LYS A 42 11.52 -5.11 -5.60
CA LYS A 42 12.17 -4.07 -4.80
C LYS A 42 11.40 -2.76 -4.94
N THR A 43 11.13 -2.34 -6.19
CA THR A 43 10.37 -1.14 -6.48
C THR A 43 9.03 -1.19 -5.72
N ILE A 44 8.37 -2.35 -5.76
CA ILE A 44 7.12 -2.57 -5.07
C ILE A 44 7.32 -2.41 -3.56
N GLN A 45 8.21 -3.21 -2.95
CA GLN A 45 8.51 -3.20 -1.53
C GLN A 45 8.72 -1.76 -1.02
N THR A 46 9.43 -0.94 -1.79
CA THR A 46 9.66 0.46 -1.46
C THR A 46 8.33 1.18 -1.17
N MET A 47 7.27 0.90 -1.93
CA MET A 47 5.98 1.53 -1.73
C MET A 47 5.37 1.12 -0.38
N LEU A 48 5.30 -0.18 -0.09
CA LEU A 48 4.82 -0.64 1.19
C LEU A 48 5.61 0.04 2.32
N LEU A 49 6.93 -0.03 2.23
CA LEU A 49 7.84 0.60 3.19
C LEU A 49 7.47 2.07 3.39
N ARG A 50 7.37 2.83 2.30
CA ARG A 50 7.03 4.24 2.36
C ARG A 50 5.70 4.45 3.08
N LEU A 51 4.65 3.77 2.64
CA LEU A 51 3.34 3.87 3.23
C LEU A 51 3.40 3.56 4.73
N ILE A 52 4.03 2.45 5.12
CA ILE A 52 4.19 2.09 6.53
C ILE A 52 4.85 3.25 7.29
N LYS A 53 5.99 3.74 6.80
CA LYS A 53 6.67 4.87 7.45
C LYS A 53 5.76 6.09 7.53
N LYS A 54 4.92 6.32 6.52
CA LYS A 54 3.95 7.42 6.49
C LYS A 54 2.70 7.09 7.34
N GLY A 55 2.71 6.00 8.11
CA GLY A 55 1.60 5.61 8.97
C GLY A 55 0.36 5.18 8.20
N ALA A 56 0.51 4.78 6.94
CA ALA A 56 -0.57 4.39 6.06
C ALA A 56 -1.06 2.96 6.32
N LEU A 57 -0.17 2.08 6.76
CA LEU A 57 -0.35 0.65 6.88
C LEU A 57 0.24 0.14 8.19
N ASN A 58 -0.23 -1.02 8.63
CA ASN A 58 0.25 -1.78 9.76
C ASN A 58 0.61 -3.18 9.25
N HIS A 59 1.55 -3.85 9.94
CA HIS A 59 2.05 -5.17 9.57
C HIS A 59 1.35 -6.28 10.36
N HIS A 60 1.25 -7.46 9.75
CA HIS A 60 0.70 -8.68 10.30
C HIS A 60 1.49 -9.85 9.73
N LYS A 61 1.67 -10.94 10.48
CA LYS A 61 2.38 -12.13 10.04
C LYS A 61 1.36 -13.23 9.73
N GLU A 62 1.02 -13.44 8.45
CA GLU A 62 0.07 -14.47 8.05
C GLU A 62 0.85 -15.78 7.89
N GLY A 63 1.16 -16.39 9.04
CA GLY A 63 1.85 -17.66 9.17
C GLY A 63 3.25 -17.64 8.56
N ARG A 64 3.31 -17.70 7.22
CA ARG A 64 4.54 -17.74 6.44
C ARG A 64 4.87 -16.38 5.83
N VAL A 65 3.86 -15.75 5.21
CA VAL A 65 4.02 -14.48 4.52
C VAL A 65 3.42 -13.38 5.39
N PHE A 66 3.89 -12.14 5.26
CA PHE A 66 3.35 -11.04 6.04
C PHE A 66 2.34 -10.25 5.23
N VAL A 67 1.32 -9.78 5.94
CA VAL A 67 0.14 -9.06 5.47
C VAL A 67 0.21 -7.60 5.87
N TYR A 68 -0.20 -6.73 4.95
CA TYR A 68 -0.34 -5.31 5.20
C TYR A 68 -1.81 -5.05 5.49
N THR A 69 -2.11 -4.51 6.67
CA THR A 69 -3.45 -4.13 7.06
C THR A 69 -3.51 -2.60 6.95
N PRO A 70 -4.35 -2.03 6.09
CA PRO A 70 -4.44 -0.59 5.92
C PRO A 70 -4.84 0.13 7.21
N ASN A 71 -4.14 1.23 7.54
CA ASN A 71 -4.46 2.07 8.69
C ASN A 71 -5.55 3.07 8.27
N ILE A 72 -5.49 3.47 7.01
CA ILE A 72 -6.36 4.46 6.37
C ILE A 72 -7.23 3.77 5.31
N ASP A 73 -8.32 4.46 4.94
CA ASP A 73 -9.28 4.06 3.90
C ASP A 73 -9.26 5.13 2.81
N GLU A 74 -9.77 4.80 1.63
CA GLU A 74 -9.90 5.71 0.49
C GLU A 74 -10.35 7.10 0.93
N SER A 75 -11.46 7.15 1.67
CA SER A 75 -12.06 8.39 2.17
C SER A 75 -11.10 9.28 2.95
N ASP A 76 -10.10 8.69 3.62
CA ASP A 76 -9.12 9.45 4.39
C ASP A 76 -8.08 10.09 3.45
N TYR A 77 -7.90 9.56 2.24
CA TYR A 77 -6.94 10.08 1.28
C TYR A 77 -7.45 11.36 0.61
N ILE A 78 -7.57 12.42 1.42
CA ILE A 78 -7.95 13.74 0.98
C ILE A 78 -6.64 14.40 0.54
N GLU A 79 -6.34 14.34 -0.76
CA GLU A 79 -5.10 14.86 -1.30
C GLU A 79 -5.14 16.39 -1.34
N VAL A 80 -4.54 17.02 -0.34
CA VAL A 80 -4.37 18.47 -0.31
C VAL A 80 -3.21 18.79 -1.26
N LYS A 81 -3.23 19.97 -1.90
CA LYS A 81 -2.16 20.40 -2.80
C LYS A 81 -0.90 20.71 -1.98
N SER A 82 -0.23 19.65 -1.53
CA SER A 82 0.92 19.55 -0.64
C SER A 82 0.39 18.98 0.67
N MET A 1 3.30 6.42 10.32
CA MET A 1 3.43 7.54 11.26
C MET A 1 2.26 8.50 11.01
N LYS A 2 2.46 9.82 11.07
CA LYS A 2 1.40 10.79 10.82
C LYS A 2 0.77 10.54 9.45
N LYS A 3 -0.56 10.63 9.36
CA LYS A 3 -1.35 10.37 8.18
C LYS A 3 -1.19 11.51 7.16
N ILE A 4 -0.29 11.36 6.18
CA ILE A 4 -0.09 12.34 5.11
C ILE A 4 0.52 11.65 3.88
N PRO A 5 -0.23 10.77 3.20
CA PRO A 5 0.28 10.00 2.07
C PRO A 5 0.50 10.87 0.83
N GLN A 6 1.37 10.43 -0.07
CA GLN A 6 1.66 11.06 -1.36
C GLN A 6 0.93 10.25 -2.42
N ILE A 7 0.49 10.91 -3.50
CA ILE A 7 -0.28 10.27 -4.56
C ILE A 7 0.45 10.37 -5.89
N SER A 8 0.24 9.35 -6.72
CA SER A 8 0.75 9.14 -8.06
C SER A 8 0.04 7.88 -8.55
N ASP A 9 0.34 7.46 -9.79
CA ASP A 9 -0.29 6.30 -10.39
C ASP A 9 -0.11 5.07 -9.50
N ALA A 10 1.12 4.59 -9.37
CA ALA A 10 1.44 3.42 -8.55
C ALA A 10 0.86 3.57 -7.14
N GLU A 11 1.15 4.71 -6.51
CA GLU A 11 0.69 5.01 -5.16
C GLU A 11 -0.81 4.80 -5.01
N LEU A 12 -1.63 5.17 -6.00
CA LEU A 12 -3.06 4.94 -5.88
C LEU A 12 -3.43 3.51 -6.29
N GLU A 13 -2.88 3.02 -7.40
CA GLU A 13 -3.15 1.69 -7.93
C GLU A 13 -2.97 0.62 -6.85
N VAL A 14 -1.80 0.59 -6.20
CA VAL A 14 -1.55 -0.43 -5.19
C VAL A 14 -2.62 -0.33 -4.10
N MET A 15 -2.92 0.87 -3.62
CA MET A 15 -3.92 1.07 -2.58
C MET A 15 -5.26 0.49 -3.01
N LYS A 16 -5.74 0.83 -4.21
CA LYS A 16 -6.99 0.30 -4.75
C LYS A 16 -6.94 -1.23 -4.74
N VAL A 17 -5.83 -1.82 -5.22
CA VAL A 17 -5.67 -3.26 -5.21
C VAL A 17 -5.79 -3.80 -3.79
N ILE A 18 -5.14 -3.17 -2.80
CA ILE A 18 -5.28 -3.61 -1.40
C ILE A 18 -6.76 -3.51 -0.99
N TRP A 19 -7.36 -2.33 -1.18
CA TRP A 19 -8.74 -2.02 -0.85
C TRP A 19 -9.73 -2.99 -1.49
N LYS A 20 -9.42 -3.56 -2.66
CA LYS A 20 -10.25 -4.57 -3.29
C LYS A 20 -10.38 -5.81 -2.40
N HIS A 21 -9.33 -6.15 -1.64
CA HIS A 21 -9.29 -7.28 -0.73
C HIS A 21 -9.62 -6.80 0.68
N SER A 22 -9.84 -7.71 1.64
CA SER A 22 -10.15 -7.32 3.02
C SER A 22 -8.90 -6.66 3.59
N SER A 23 -7.81 -7.41 3.63
CA SER A 23 -6.48 -6.83 3.70
C SER A 23 -5.67 -7.58 2.64
N ILE A 24 -4.34 -7.59 2.70
CA ILE A 24 -3.51 -8.46 1.88
C ILE A 24 -2.18 -8.69 2.61
N ASN A 25 -1.49 -9.82 2.39
CA ASN A 25 -0.16 -10.04 2.95
C ASN A 25 0.90 -9.73 1.89
N THR A 26 2.15 -9.50 2.29
CA THR A 26 3.21 -9.13 1.36
C THR A 26 3.38 -10.07 0.17
N ASN A 27 3.44 -11.38 0.37
CA ASN A 27 3.62 -12.30 -0.76
C ASN A 27 2.52 -12.08 -1.80
N GLU A 28 1.27 -12.12 -1.33
CA GLU A 28 0.10 -11.88 -2.14
C GLU A 28 0.14 -10.49 -2.76
N VAL A 29 0.56 -9.46 -2.02
CA VAL A 29 0.62 -8.10 -2.55
C VAL A 29 1.63 -8.04 -3.69
N ILE A 30 2.89 -8.45 -3.47
CA ILE A 30 3.90 -8.45 -4.52
C ILE A 30 3.38 -9.22 -5.73
N LYS A 31 2.82 -10.42 -5.53
CA LYS A 31 2.28 -11.21 -6.64
C LYS A 31 1.20 -10.43 -7.41
N GLU A 32 0.14 -10.02 -6.71
CA GLU A 32 -1.00 -9.31 -7.28
C GLU A 32 -0.55 -8.04 -8.04
N LEU A 33 0.27 -7.22 -7.40
CA LEU A 33 0.77 -6.00 -7.97
C LEU A 33 1.60 -6.35 -9.20
N SER A 34 2.55 -7.29 -9.10
CA SER A 34 3.36 -7.69 -10.25
C SER A 34 2.48 -8.15 -11.42
N LYS A 35 1.42 -8.91 -11.15
CA LYS A 35 0.52 -9.38 -12.19
C LYS A 35 -0.19 -8.20 -12.87
N THR A 36 -0.75 -7.30 -12.07
CA THR A 36 -1.51 -6.17 -12.60
C THR A 36 -0.61 -5.16 -13.31
N SER A 37 0.56 -4.85 -12.75
CA SER A 37 1.57 -3.97 -13.33
C SER A 37 2.95 -4.47 -12.90
N THR A 38 3.78 -4.89 -13.84
CA THR A 38 5.08 -5.50 -13.59
C THR A 38 6.12 -4.51 -13.03
N TRP A 39 5.93 -4.06 -11.79
CA TRP A 39 6.86 -3.23 -11.05
C TRP A 39 7.69 -4.18 -10.17
N SER A 40 8.99 -4.24 -10.38
CA SER A 40 9.90 -5.13 -9.66
C SER A 40 9.69 -5.04 -8.13
N PRO A 41 9.82 -6.15 -7.38
CA PRO A 41 9.64 -6.21 -5.92
C PRO A 41 10.12 -4.98 -5.15
N LYS A 42 11.35 -4.51 -5.42
CA LYS A 42 11.89 -3.33 -4.76
C LYS A 42 10.92 -2.14 -4.88
N THR A 43 10.36 -1.93 -6.06
CA THR A 43 9.39 -0.88 -6.35
C THR A 43 8.21 -1.04 -5.39
N ILE A 44 7.68 -2.26 -5.30
CA ILE A 44 6.54 -2.57 -4.44
C ILE A 44 6.87 -2.20 -3.01
N GLN A 45 7.98 -2.73 -2.50
CA GLN A 45 8.41 -2.46 -1.14
C GLN A 45 8.57 -0.96 -0.90
N THR A 46 9.15 -0.23 -1.86
CA THR A 46 9.31 1.21 -1.73
C THR A 46 7.93 1.90 -1.63
N MET A 47 7.02 1.58 -2.55
CA MET A 47 5.67 2.15 -2.56
C MET A 47 4.99 1.91 -1.20
N LEU A 48 5.00 0.65 -0.76
CA LEU A 48 4.44 0.27 0.54
C LEU A 48 5.10 1.09 1.65
N LEU A 49 6.43 1.14 1.66
CA LEU A 49 7.18 1.87 2.67
C LEU A 49 6.72 3.32 2.75
N ARG A 50 6.65 4.03 1.61
CA ARG A 50 6.19 5.42 1.59
C ARG A 50 4.86 5.55 2.34
N LEU A 51 3.82 4.88 1.85
CA LEU A 51 2.50 4.84 2.41
C LEU A 51 2.54 4.51 3.90
N ILE A 52 3.13 3.39 4.31
CA ILE A 52 3.20 2.99 5.71
C ILE A 52 3.82 4.11 6.56
N LYS A 53 5.01 4.57 6.16
CA LYS A 53 5.71 5.64 6.86
C LYS A 53 4.78 6.84 7.01
N LYS A 54 4.09 7.21 5.93
CA LYS A 54 3.18 8.34 5.88
C LYS A 54 1.77 8.01 6.42
N GLY A 55 1.63 6.95 7.22
CA GLY A 55 0.40 6.60 7.92
C GLY A 55 -0.76 6.22 7.00
N ALA A 56 -0.47 5.68 5.81
CA ALA A 56 -1.47 5.24 4.86
C ALA A 56 -2.04 3.88 5.27
N LEU A 57 -1.13 2.93 5.57
CA LEU A 57 -1.47 1.56 5.90
C LEU A 57 -0.83 1.18 7.23
N ASN A 58 -1.63 0.59 8.13
CA ASN A 58 -1.13 -0.01 9.36
C ASN A 58 -0.84 -1.48 8.99
N HIS A 59 0.09 -2.17 9.64
CA HIS A 59 0.36 -3.57 9.31
C HIS A 59 0.53 -4.44 10.55
N HIS A 60 0.33 -5.74 10.35
CA HIS A 60 0.49 -6.80 11.35
C HIS A 60 1.41 -7.87 10.77
N LYS A 61 2.24 -8.51 11.61
CA LYS A 61 3.19 -9.51 11.16
C LYS A 61 2.55 -10.89 11.06
N GLU A 62 2.73 -11.56 9.91
CA GLU A 62 2.23 -12.90 9.61
C GLU A 62 3.43 -13.75 9.15
N GLY A 63 4.22 -14.19 10.12
CA GLY A 63 5.41 -15.01 9.92
C GLY A 63 6.34 -14.45 8.84
N ARG A 64 6.33 -15.06 7.65
CA ARG A 64 7.18 -14.69 6.53
C ARG A 64 6.79 -13.32 5.94
N VAL A 65 5.51 -12.97 6.03
CA VAL A 65 4.94 -11.79 5.40
C VAL A 65 4.28 -10.90 6.45
N PHE A 66 3.87 -9.69 6.07
CA PHE A 66 3.11 -8.80 6.92
C PHE A 66 1.82 -8.40 6.20
N VAL A 67 0.71 -8.39 6.94
CA VAL A 67 -0.63 -8.07 6.47
C VAL A 67 -0.84 -6.57 6.56
N TYR A 68 -1.30 -5.94 5.47
CA TYR A 68 -1.56 -4.50 5.43
C TYR A 68 -3.04 -4.22 5.66
N THR A 69 -3.35 -3.48 6.72
CA THR A 69 -4.67 -3.03 7.09
C THR A 69 -4.75 -1.54 6.76
N PRO A 70 -5.58 -1.12 5.79
CA PRO A 70 -5.72 0.28 5.42
C PRO A 70 -5.94 1.17 6.65
N ASN A 71 -5.09 2.20 6.83
CA ASN A 71 -5.15 3.10 7.97
C ASN A 71 -6.12 4.25 7.69
N ILE A 72 -6.13 4.70 6.43
CA ILE A 72 -6.93 5.82 5.94
C ILE A 72 -8.01 5.30 4.97
N ASP A 73 -9.04 6.10 4.71
CA ASP A 73 -10.07 5.78 3.73
C ASP A 73 -9.70 6.46 2.41
N GLU A 74 -10.27 5.98 1.31
CA GLU A 74 -10.06 6.56 -0.02
C GLU A 74 -10.23 8.08 0.02
N SER A 75 -11.30 8.55 0.68
CA SER A 75 -11.58 9.98 0.82
C SER A 75 -10.45 10.73 1.52
N ASP A 76 -9.74 10.07 2.45
CA ASP A 76 -8.64 10.67 3.19
C ASP A 76 -7.36 10.64 2.36
N TYR A 77 -7.22 9.64 1.49
CA TYR A 77 -6.02 9.40 0.67
C TYR A 77 -5.85 10.41 -0.47
N ILE A 78 -5.95 11.71 -0.15
CA ILE A 78 -5.75 12.82 -1.06
C ILE A 78 -4.65 13.68 -0.42
N GLU A 79 -3.53 13.89 -1.11
CA GLU A 79 -2.47 14.70 -0.53
C GLU A 79 -2.89 16.17 -0.59
N VAL A 80 -3.39 16.70 0.53
CA VAL A 80 -3.78 18.10 0.63
C VAL A 80 -2.50 18.94 0.68
N LYS A 81 -2.54 20.13 0.06
CA LYS A 81 -1.42 21.05 -0.01
C LYS A 81 -1.96 22.47 0.17
N SER A 82 -1.06 23.40 0.49
CA SER A 82 -1.22 24.82 0.69
C SER A 82 0.21 25.34 0.79
N MET A 1 -1.84 19.97 10.23
CA MET A 1 -1.36 19.41 11.50
C MET A 1 -1.33 17.88 11.42
N LYS A 2 -2.42 17.24 10.97
CA LYS A 2 -2.46 15.79 10.86
C LYS A 2 -1.34 15.29 9.93
N LYS A 3 -0.76 14.13 10.26
CA LYS A 3 0.31 13.52 9.48
C LYS A 3 -0.25 12.85 8.22
N ILE A 4 -0.84 13.66 7.34
CA ILE A 4 -1.39 13.16 6.08
C ILE A 4 -0.25 12.56 5.25
N PRO A 5 -0.33 11.29 4.81
CA PRO A 5 0.76 10.70 4.05
C PRO A 5 0.80 11.28 2.64
N GLN A 6 1.88 12.02 2.31
CA GLN A 6 2.06 12.65 1.02
C GLN A 6 2.61 11.62 0.02
N ILE A 7 1.75 10.71 -0.38
CA ILE A 7 2.08 9.58 -1.24
C ILE A 7 2.14 9.96 -2.72
N SER A 8 3.06 9.34 -3.46
CA SER A 8 3.25 9.55 -4.90
C SER A 8 2.32 8.63 -5.72
N ASP A 9 2.19 8.91 -7.03
CA ASP A 9 1.32 8.15 -7.91
C ASP A 9 1.61 6.64 -7.88
N ALA A 10 2.88 6.25 -8.13
CA ALA A 10 3.26 4.84 -8.17
C ALA A 10 2.80 4.11 -6.90
N GLU A 11 3.07 4.71 -5.74
CA GLU A 11 2.65 4.20 -4.46
C GLU A 11 1.11 4.13 -4.39
N LEU A 12 0.45 5.23 -4.76
CA LEU A 12 -1.01 5.34 -4.76
C LEU A 12 -1.64 4.15 -5.50
N GLU A 13 -1.05 3.71 -6.63
CA GLU A 13 -1.55 2.55 -7.35
C GLU A 13 -1.62 1.32 -6.44
N VAL A 14 -0.57 1.09 -5.64
CA VAL A 14 -0.57 -0.06 -4.75
C VAL A 14 -1.67 0.13 -3.71
N MET A 15 -1.81 1.35 -3.16
CA MET A 15 -2.89 1.63 -2.23
C MET A 15 -4.22 1.22 -2.84
N LYS A 16 -4.52 1.69 -4.06
CA LYS A 16 -5.75 1.37 -4.78
C LYS A 16 -5.97 -0.14 -4.81
N VAL A 17 -4.95 -0.93 -5.14
CA VAL A 17 -5.10 -2.39 -5.12
C VAL A 17 -5.48 -2.84 -3.70
N ILE A 18 -4.69 -2.43 -2.71
CA ILE A 18 -4.90 -2.81 -1.31
C ILE A 18 -6.33 -2.44 -0.86
N TRP A 19 -6.82 -1.28 -1.30
CA TRP A 19 -8.12 -0.70 -1.01
C TRP A 19 -9.24 -1.40 -1.79
N LYS A 20 -8.97 -1.84 -3.02
CA LYS A 20 -9.95 -2.54 -3.85
C LYS A 20 -10.28 -3.88 -3.18
N HIS A 21 -9.24 -4.65 -2.85
CA HIS A 21 -9.41 -5.91 -2.14
C HIS A 21 -9.77 -5.57 -0.68
N SER A 22 -10.17 -6.55 0.14
CA SER A 22 -10.50 -6.28 1.54
C SER A 22 -9.23 -5.80 2.24
N SER A 23 -8.22 -6.65 2.22
CA SER A 23 -6.83 -6.22 2.36
C SER A 23 -6.12 -6.95 1.23
N ILE A 24 -4.80 -7.16 1.28
CA ILE A 24 -4.12 -8.02 0.31
C ILE A 24 -2.86 -8.59 0.96
N ASN A 25 -2.40 -9.79 0.56
CA ASN A 25 -1.14 -10.37 1.04
C ASN A 25 -0.01 -10.12 0.04
N THR A 26 1.25 -10.26 0.46
CA THR A 26 2.41 -10.02 -0.38
C THR A 26 2.34 -10.68 -1.75
N ASN A 27 2.07 -11.99 -1.82
CA ASN A 27 2.04 -12.68 -3.09
C ASN A 27 1.00 -12.06 -4.02
N GLU A 28 -0.20 -11.78 -3.49
CA GLU A 28 -1.28 -11.21 -4.25
C GLU A 28 -0.91 -9.81 -4.70
N VAL A 29 -0.36 -8.99 -3.80
CA VAL A 29 0.01 -7.61 -4.09
C VAL A 29 1.04 -7.59 -5.22
N ILE A 30 2.14 -8.34 -5.08
CA ILE A 30 3.16 -8.39 -6.11
C ILE A 30 2.54 -8.85 -7.43
N LYS A 31 1.80 -9.97 -7.42
CA LYS A 31 1.19 -10.48 -8.64
C LYS A 31 0.32 -9.41 -9.32
N GLU A 32 -0.63 -8.84 -8.56
CA GLU A 32 -1.56 -7.85 -9.05
C GLU A 32 -0.82 -6.63 -9.62
N LEU A 33 0.08 -6.04 -8.83
CA LEU A 33 0.83 -4.88 -9.29
C LEU A 33 1.63 -5.25 -10.53
N SER A 34 2.49 -6.27 -10.49
CA SER A 34 3.28 -6.67 -11.64
C SER A 34 2.42 -6.90 -12.90
N LYS A 35 1.23 -7.51 -12.76
CA LYS A 35 0.35 -7.73 -13.90
C LYS A 35 -0.12 -6.39 -14.47
N THR A 36 -0.61 -5.49 -13.61
CA THR A 36 -1.14 -4.20 -14.04
C THR A 36 0.00 -3.25 -14.43
N SER A 37 0.78 -2.84 -13.44
CA SER A 37 1.93 -1.96 -13.56
C SER A 37 3.19 -2.83 -13.61
N THR A 38 3.83 -2.94 -14.78
CA THR A 38 4.99 -3.79 -14.97
C THR A 38 6.21 -3.32 -14.15
N TRP A 39 6.21 -3.64 -12.86
CA TRP A 39 7.27 -3.37 -11.90
C TRP A 39 7.71 -4.71 -11.30
N SER A 40 9.01 -4.85 -11.05
CA SER A 40 9.60 -6.06 -10.49
C SER A 40 9.20 -6.24 -9.02
N PRO A 41 9.31 -7.47 -8.47
CA PRO A 41 9.02 -7.74 -7.07
C PRO A 41 9.76 -6.78 -6.12
N LYS A 42 11.04 -6.55 -6.36
CA LYS A 42 11.86 -5.66 -5.55
C LYS A 42 11.25 -4.25 -5.59
N THR A 43 10.99 -3.74 -6.80
CA THR A 43 10.39 -2.44 -7.04
C THR A 43 9.10 -2.31 -6.23
N ILE A 44 8.18 -3.25 -6.40
CA ILE A 44 6.91 -3.24 -5.70
C ILE A 44 7.14 -3.21 -4.19
N GLN A 45 7.92 -4.16 -3.66
CA GLN A 45 8.19 -4.21 -2.24
C GLN A 45 8.71 -2.86 -1.76
N THR A 46 9.69 -2.28 -2.46
CA THR A 46 10.23 -0.97 -2.09
C THR A 46 9.11 0.07 -2.01
N MET A 47 8.38 0.27 -3.12
CA MET A 47 7.30 1.24 -3.20
C MET A 47 6.27 1.05 -2.08
N LEU A 48 5.84 -0.19 -1.84
CA LEU A 48 4.79 -0.48 -0.89
C LEU A 48 5.31 -0.34 0.53
N LEU A 49 6.47 -0.92 0.77
CA LEU A 49 7.20 -0.84 2.04
C LEU A 49 7.25 0.59 2.57
N ARG A 50 7.49 1.58 1.71
CA ARG A 50 7.47 2.99 2.10
C ARG A 50 6.22 3.32 2.93
N LEU A 51 5.07 2.81 2.50
CA LEU A 51 3.77 3.02 3.11
C LEU A 51 3.68 2.35 4.47
N ILE A 52 4.44 1.28 4.67
CA ILE A 52 4.52 0.58 5.94
C ILE A 52 5.35 1.45 6.88
N LYS A 53 6.53 1.87 6.39
CA LYS A 53 7.42 2.76 7.14
C LYS A 53 6.68 4.03 7.57
N LYS A 54 5.91 4.62 6.67
CA LYS A 54 5.10 5.80 6.91
C LYS A 54 3.88 5.53 7.80
N GLY A 55 3.58 4.27 8.13
CA GLY A 55 2.42 3.92 8.94
C GLY A 55 1.11 4.22 8.20
N ALA A 56 1.14 4.27 6.86
CA ALA A 56 -0.03 4.51 6.04
C ALA A 56 -0.77 3.17 5.88
N LEU A 57 -0.01 2.08 5.72
CA LEU A 57 -0.53 0.72 5.65
C LEU A 57 0.04 -0.02 6.84
N ASN A 58 -0.81 -0.62 7.69
CA ASN A 58 -0.35 -1.39 8.84
C ASN A 58 -0.23 -2.85 8.38
N HIS A 59 0.93 -3.47 8.58
CA HIS A 59 1.17 -4.84 8.16
C HIS A 59 0.90 -5.85 9.26
N HIS A 60 0.52 -7.05 8.84
CA HIS A 60 0.25 -8.23 9.66
C HIS A 60 0.96 -9.42 9.04
N LYS A 61 1.47 -10.36 9.85
CA LYS A 61 2.16 -11.54 9.34
C LYS A 61 1.18 -12.68 9.08
N GLU A 62 0.85 -12.94 7.82
CA GLU A 62 0.03 -14.07 7.44
C GLU A 62 0.99 -15.25 7.26
N GLY A 63 1.40 -15.81 8.40
CA GLY A 63 2.30 -16.94 8.52
C GLY A 63 3.66 -16.69 7.86
N ARG A 64 3.72 -16.86 6.54
CA ARG A 64 4.92 -16.73 5.73
C ARG A 64 4.94 -15.41 4.95
N VAL A 65 3.77 -14.94 4.50
CA VAL A 65 3.64 -13.69 3.77
C VAL A 65 3.04 -12.65 4.71
N PHE A 66 2.96 -11.39 4.31
CA PHE A 66 2.40 -10.34 5.15
C PHE A 66 1.25 -9.63 4.44
N VAL A 67 0.21 -9.32 5.20
CA VAL A 67 -1.04 -8.69 4.76
C VAL A 67 -0.99 -7.22 5.14
N TYR A 68 -1.44 -6.35 4.24
CA TYR A 68 -1.44 -4.90 4.43
C TYR A 68 -2.86 -4.41 4.68
N THR A 69 -3.09 -3.78 5.83
CA THR A 69 -4.37 -3.20 6.21
C THR A 69 -4.25 -1.67 6.09
N PRO A 70 -5.02 -1.03 5.18
CA PRO A 70 -4.97 0.43 5.01
C PRO A 70 -5.30 1.17 6.32
N ASN A 71 -4.39 2.01 6.80
CA ASN A 71 -4.62 2.82 8.00
C ASN A 71 -5.55 3.99 7.66
N ILE A 72 -5.34 4.53 6.44
CA ILE A 72 -6.10 5.65 5.89
C ILE A 72 -6.97 5.17 4.71
N ASP A 73 -8.06 5.91 4.46
CA ASP A 73 -9.01 5.65 3.39
C ASP A 73 -8.67 6.52 2.17
N GLU A 74 -9.16 6.14 0.99
CA GLU A 74 -8.99 6.87 -0.26
C GLU A 74 -9.18 8.37 -0.06
N SER A 75 -10.29 8.75 0.58
CA SER A 75 -10.62 10.13 0.86
C SER A 75 -9.46 10.86 1.54
N ASP A 76 -8.78 10.18 2.46
CA ASP A 76 -7.67 10.72 3.23
C ASP A 76 -6.32 10.39 2.59
N TYR A 77 -6.26 10.33 1.25
CA TYR A 77 -4.99 10.18 0.53
C TYR A 77 -4.18 11.45 0.81
N ILE A 78 -4.52 12.55 0.13
CA ILE A 78 -3.98 13.87 0.39
C ILE A 78 -5.20 14.75 0.65
N GLU A 79 -5.58 14.89 1.92
CA GLU A 79 -6.73 15.64 2.38
C GLU A 79 -6.24 16.73 3.34
N VAL A 80 -6.81 17.94 3.24
CA VAL A 80 -6.54 19.04 4.16
C VAL A 80 -7.72 19.07 5.13
N LYS A 81 -7.46 19.30 6.43
CA LYS A 81 -8.50 19.34 7.44
C LYS A 81 -8.01 20.10 8.67
N SER A 82 -6.82 19.75 9.18
CA SER A 82 -6.25 20.36 10.35
C SER A 82 -4.74 20.21 10.28
N MET A 1 0.13 14.67 2.41
CA MET A 1 -0.02 16.00 1.81
C MET A 1 -1.45 16.51 1.94
N LYS A 2 -2.43 15.80 1.36
CA LYS A 2 -3.83 16.19 1.53
C LYS A 2 -4.13 16.18 3.03
N LYS A 3 -3.84 15.04 3.63
CA LYS A 3 -3.89 14.77 5.06
C LYS A 3 -2.46 14.42 5.49
N ILE A 4 -2.28 14.05 6.76
CA ILE A 4 -0.99 13.70 7.35
C ILE A 4 -0.17 12.72 6.48
N PRO A 5 -0.74 11.61 5.97
CA PRO A 5 0.01 10.68 5.14
C PRO A 5 0.78 11.38 4.03
N GLN A 6 2.09 11.13 3.98
CA GLN A 6 2.99 11.77 3.05
C GLN A 6 2.91 11.07 1.67
N ILE A 7 1.69 10.88 1.18
CA ILE A 7 1.41 10.09 -0.01
C ILE A 7 1.50 10.90 -1.30
N SER A 8 2.25 10.35 -2.27
CA SER A 8 2.38 10.83 -3.64
C SER A 8 1.53 9.91 -4.55
N ASP A 9 1.50 10.21 -5.85
CA ASP A 9 0.69 9.46 -6.82
C ASP A 9 0.92 7.95 -6.75
N ALA A 10 2.15 7.49 -7.02
CA ALA A 10 2.46 6.06 -7.04
C ALA A 10 2.03 5.38 -5.74
N GLU A 11 2.38 6.00 -4.61
CA GLU A 11 1.98 5.51 -3.30
C GLU A 11 0.46 5.34 -3.24
N LEU A 12 -0.27 6.35 -3.70
CA LEU A 12 -1.73 6.30 -3.71
C LEU A 12 -2.24 5.17 -4.60
N GLU A 13 -1.67 4.98 -5.80
CA GLU A 13 -2.06 3.88 -6.68
C GLU A 13 -1.95 2.56 -5.91
N VAL A 14 -0.78 2.34 -5.32
CA VAL A 14 -0.50 1.15 -4.54
C VAL A 14 -1.52 1.02 -3.42
N MET A 15 -1.73 2.10 -2.66
CA MET A 15 -2.66 2.12 -1.54
C MET A 15 -4.02 1.52 -1.92
N LYS A 16 -4.56 1.88 -3.08
CA LYS A 16 -5.84 1.35 -3.51
C LYS A 16 -5.82 -0.18 -3.54
N VAL A 17 -4.75 -0.81 -4.03
CA VAL A 17 -4.66 -2.28 -3.99
C VAL A 17 -4.75 -2.73 -2.54
N ILE A 18 -3.93 -2.13 -1.67
CA ILE A 18 -3.88 -2.45 -0.25
C ILE A 18 -5.25 -2.29 0.41
N TRP A 19 -6.03 -1.31 -0.04
CA TRP A 19 -7.34 -0.95 0.45
C TRP A 19 -8.45 -1.84 -0.11
N LYS A 20 -8.33 -2.34 -1.34
CA LYS A 20 -9.33 -3.26 -1.90
C LYS A 20 -9.38 -4.52 -1.03
N HIS A 21 -8.21 -5.11 -0.79
CA HIS A 21 -8.08 -6.28 0.06
C HIS A 21 -8.29 -5.83 1.52
N SER A 22 -8.73 -6.72 2.42
CA SER A 22 -8.98 -6.37 3.82
C SER A 22 -7.70 -5.80 4.44
N SER A 23 -6.63 -6.58 4.39
CA SER A 23 -5.28 -6.05 4.47
C SER A 23 -4.58 -6.71 3.29
N ILE A 24 -3.26 -6.87 3.25
CA ILE A 24 -2.68 -7.60 2.12
C ILE A 24 -1.38 -8.30 2.52
N ASN A 25 -1.17 -9.56 2.13
CA ASN A 25 0.10 -10.26 2.39
C ASN A 25 1.11 -9.89 1.32
N THR A 26 2.39 -10.09 1.60
CA THR A 26 3.48 -9.71 0.71
C THR A 26 3.30 -10.28 -0.71
N ASN A 27 2.99 -11.57 -0.84
CA ASN A 27 2.82 -12.16 -2.17
C ASN A 27 1.71 -11.44 -2.93
N GLU A 28 0.55 -11.25 -2.29
CA GLU A 28 -0.57 -10.57 -2.90
C GLU A 28 -0.15 -9.17 -3.34
N VAL A 29 0.54 -8.45 -2.44
CA VAL A 29 0.96 -7.09 -2.74
C VAL A 29 1.88 -7.08 -3.97
N ILE A 30 2.95 -7.88 -3.96
CA ILE A 30 3.88 -7.90 -5.09
C ILE A 30 3.14 -8.28 -6.38
N LYS A 31 2.32 -9.33 -6.33
CA LYS A 31 1.56 -9.78 -7.49
C LYS A 31 0.67 -8.63 -8.02
N GLU A 32 -0.24 -8.12 -7.19
CA GLU A 32 -1.15 -7.04 -7.56
C GLU A 32 -0.39 -5.85 -8.15
N LEU A 33 0.63 -5.36 -7.43
CA LEU A 33 1.39 -4.21 -7.91
C LEU A 33 2.01 -4.53 -9.27
N SER A 34 2.68 -5.67 -9.41
CA SER A 34 3.30 -6.06 -10.68
C SER A 34 2.25 -6.13 -11.81
N LYS A 35 1.07 -6.69 -11.51
CA LYS A 35 -0.01 -6.82 -12.47
C LYS A 35 -0.52 -5.45 -12.90
N THR A 36 -0.78 -4.57 -11.94
CA THR A 36 -1.34 -3.25 -12.21
C THR A 36 -0.34 -2.29 -12.86
N SER A 37 0.95 -2.33 -12.48
CA SER A 37 1.97 -1.48 -13.08
C SER A 37 3.31 -2.21 -13.13
N THR A 38 4.11 -1.91 -14.16
CA THR A 38 5.42 -2.52 -14.38
C THR A 38 6.43 -1.99 -13.38
N TRP A 39 6.32 -2.42 -12.12
CA TRP A 39 7.21 -2.09 -11.03
C TRP A 39 7.86 -3.40 -10.58
N SER A 40 9.19 -3.45 -10.48
CA SER A 40 9.89 -4.66 -10.10
C SER A 40 9.64 -4.97 -8.61
N PRO A 41 9.92 -6.19 -8.13
CA PRO A 41 9.85 -6.50 -6.71
C PRO A 41 10.66 -5.50 -5.88
N LYS A 42 11.80 -5.03 -6.40
CA LYS A 42 12.62 -4.04 -5.71
C LYS A 42 11.84 -2.72 -5.64
N THR A 43 11.33 -2.26 -6.78
CA THR A 43 10.52 -1.04 -6.87
C THR A 43 9.38 -1.13 -5.83
N ILE A 44 8.67 -2.25 -5.83
CA ILE A 44 7.55 -2.52 -4.96
C ILE A 44 7.99 -2.43 -3.50
N GLN A 45 9.03 -3.17 -3.11
CA GLN A 45 9.55 -3.13 -1.75
C GLN A 45 9.91 -1.69 -1.37
N THR A 46 10.50 -0.94 -2.30
CA THR A 46 10.81 0.47 -2.08
C THR A 46 9.51 1.25 -1.81
N MET A 47 8.48 1.09 -2.66
CA MET A 47 7.21 1.79 -2.48
C MET A 47 6.56 1.44 -1.13
N LEU A 48 6.59 0.17 -0.73
CA LEU A 48 6.05 -0.28 0.55
C LEU A 48 6.80 0.41 1.68
N LEU A 49 8.14 0.28 1.68
CA LEU A 49 9.01 0.93 2.64
C LEU A 49 8.70 2.42 2.71
N ARG A 50 8.53 3.06 1.54
CA ARG A 50 8.17 4.46 1.45
C ARG A 50 6.87 4.67 2.20
N LEU A 51 5.74 4.05 1.81
CA LEU A 51 4.45 4.24 2.49
C LEU A 51 4.53 4.11 4.01
N ILE A 52 5.39 3.22 4.51
CA ILE A 52 5.57 3.07 5.94
C ILE A 52 6.16 4.35 6.55
N LYS A 53 7.30 4.82 6.04
CA LYS A 53 7.96 6.02 6.56
C LYS A 53 7.13 7.28 6.24
N LYS A 54 6.51 7.28 5.07
CA LYS A 54 5.71 8.32 4.46
C LYS A 54 4.35 8.49 5.12
N GLY A 55 4.20 8.16 6.39
CA GLY A 55 2.98 8.55 7.08
C GLY A 55 1.75 7.67 6.83
N ALA A 56 1.86 6.45 6.27
CA ALA A 56 0.64 5.73 5.88
C ALA A 56 0.51 4.26 6.32
N LEU A 57 1.58 3.47 6.28
CA LEU A 57 1.48 2.02 6.53
C LEU A 57 2.24 1.51 7.76
N ASN A 58 1.84 0.30 8.18
CA ASN A 58 2.45 -0.51 9.22
C ASN A 58 2.36 -1.96 8.71
N HIS A 59 3.22 -2.87 9.15
CA HIS A 59 3.14 -4.27 8.74
C HIS A 59 3.32 -5.20 9.95
N HIS A 60 2.84 -6.44 9.82
CA HIS A 60 2.93 -7.49 10.82
C HIS A 60 3.49 -8.75 10.16
N LYS A 61 4.33 -9.50 10.86
CA LYS A 61 4.95 -10.72 10.36
C LYS A 61 4.01 -11.91 10.55
N GLU A 62 3.27 -12.30 9.50
CA GLU A 62 2.37 -13.43 9.54
C GLU A 62 3.20 -14.68 9.21
N GLY A 63 3.96 -15.12 10.21
CA GLY A 63 4.81 -16.30 10.17
C GLY A 63 5.88 -16.24 9.07
N ARG A 64 5.46 -16.50 7.84
CA ARG A 64 6.33 -16.55 6.66
C ARG A 64 6.26 -15.25 5.85
N VAL A 65 5.05 -14.73 5.63
CA VAL A 65 4.83 -13.51 4.86
C VAL A 65 4.53 -12.37 5.83
N PHE A 66 4.72 -11.12 5.41
CA PHE A 66 4.41 -9.97 6.23
C PHE A 66 3.20 -9.25 5.63
N VAL A 67 2.15 -9.12 6.44
CA VAL A 67 0.89 -8.50 6.07
C VAL A 67 1.00 -7.01 6.32
N TYR A 68 0.54 -6.21 5.36
CA TYR A 68 0.57 -4.76 5.45
C TYR A 68 -0.79 -4.28 5.93
N THR A 69 -0.79 -3.58 7.07
CA THR A 69 -1.94 -3.00 7.72
C THR A 69 -1.88 -1.49 7.42
N PRO A 70 -2.78 -0.95 6.60
CA PRO A 70 -2.76 0.47 6.30
C PRO A 70 -3.25 1.25 7.53
N ASN A 71 -2.54 2.31 7.92
CA ASN A 71 -2.87 3.12 9.08
C ASN A 71 -4.14 3.92 8.83
N ILE A 72 -4.28 4.41 7.60
CA ILE A 72 -5.41 5.21 7.13
C ILE A 72 -6.23 4.44 6.10
N ASP A 73 -7.48 4.88 5.87
CA ASP A 73 -8.41 4.30 4.90
C ASP A 73 -8.51 5.22 3.68
N GLU A 74 -9.05 4.71 2.56
CA GLU A 74 -9.23 5.42 1.29
C GLU A 74 -9.61 6.89 1.50
N SER A 75 -10.70 7.12 2.25
CA SER A 75 -11.26 8.42 2.58
C SER A 75 -10.24 9.48 3.00
N ASP A 76 -9.11 9.06 3.58
CA ASP A 76 -8.06 9.98 3.97
C ASP A 76 -7.53 10.77 2.77
N TYR A 77 -7.48 10.16 1.58
CA TYR A 77 -7.01 10.79 0.35
C TYR A 77 -8.07 10.82 -0.75
N ILE A 78 -8.74 9.68 -1.00
CA ILE A 78 -9.77 9.53 -2.02
C ILE A 78 -11.07 9.06 -1.37
N GLU A 79 -12.11 9.90 -1.37
CA GLU A 79 -13.38 9.51 -0.80
C GLU A 79 -14.07 8.53 -1.75
N VAL A 80 -13.97 7.24 -1.44
CA VAL A 80 -14.56 6.16 -2.22
C VAL A 80 -16.07 6.18 -2.00
N LYS A 81 -16.84 5.79 -3.02
CA LYS A 81 -18.29 5.76 -3.01
C LYS A 81 -18.74 4.53 -3.81
N SER A 82 -20.01 4.16 -3.69
CA SER A 82 -20.61 3.03 -4.36
C SER A 82 -22.11 3.25 -4.27
N MET A 1 1.78 12.60 7.77
CA MET A 1 2.30 11.34 8.34
C MET A 1 1.38 10.89 9.46
N LYS A 2 1.24 9.58 9.69
CA LYS A 2 0.32 9.00 10.67
C LYS A 2 -1.11 9.28 10.19
N LYS A 3 -1.65 8.34 9.41
CA LYS A 3 -2.90 8.48 8.67
C LYS A 3 -2.66 9.50 7.57
N ILE A 4 -2.62 10.80 7.93
CA ILE A 4 -2.37 11.97 7.08
C ILE A 4 -1.38 11.58 5.98
N PRO A 5 -1.83 11.29 4.75
CA PRO A 5 -0.99 10.72 3.72
C PRO A 5 -0.44 11.74 2.71
N GLN A 6 0.72 11.39 2.14
CA GLN A 6 1.43 12.09 1.07
C GLN A 6 1.67 11.03 0.01
N ILE A 7 0.91 11.03 -1.08
CA ILE A 7 0.92 9.99 -2.10
C ILE A 7 1.55 10.44 -3.41
N SER A 8 2.04 9.45 -4.18
CA SER A 8 2.59 9.56 -5.51
C SER A 8 1.90 8.47 -6.34
N ASP A 9 1.81 8.62 -7.67
CA ASP A 9 1.10 7.68 -8.54
C ASP A 9 1.43 6.21 -8.24
N ALA A 10 2.72 5.88 -8.15
CA ALA A 10 3.16 4.53 -7.89
C ALA A 10 2.59 3.98 -6.57
N GLU A 11 2.52 4.84 -5.55
CA GLU A 11 1.92 4.47 -4.29
C GLU A 11 0.41 4.33 -4.48
N LEU A 12 -0.22 5.29 -5.17
CA LEU A 12 -1.65 5.28 -5.41
C LEU A 12 -2.09 3.92 -5.97
N GLU A 13 -1.38 3.39 -6.98
CA GLU A 13 -1.67 2.06 -7.53
C GLU A 13 -1.81 1.02 -6.41
N VAL A 14 -0.84 1.03 -5.50
CA VAL A 14 -0.80 0.12 -4.38
C VAL A 14 -2.03 0.34 -3.51
N MET A 15 -2.33 1.60 -3.17
CA MET A 15 -3.52 1.91 -2.37
C MET A 15 -4.77 1.33 -3.01
N LYS A 16 -4.97 1.62 -4.30
CA LYS A 16 -6.09 1.16 -5.10
C LYS A 16 -6.23 -0.35 -4.97
N VAL A 17 -5.16 -1.10 -5.26
CA VAL A 17 -5.18 -2.55 -5.15
C VAL A 17 -5.62 -2.98 -3.76
N ILE A 18 -5.04 -2.39 -2.71
CA ILE A 18 -5.38 -2.77 -1.34
C ILE A 18 -6.86 -2.48 -1.07
N TRP A 19 -7.29 -1.22 -1.26
CA TRP A 19 -8.68 -0.79 -1.03
C TRP A 19 -9.69 -1.63 -1.81
N LYS A 20 -9.32 -2.13 -2.99
CA LYS A 20 -10.21 -2.98 -3.78
C LYS A 20 -10.56 -4.28 -3.03
N HIS A 21 -9.67 -4.74 -2.15
CA HIS A 21 -9.82 -5.96 -1.35
C HIS A 21 -10.18 -5.55 0.10
N SER A 22 -10.45 -6.50 1.00
CA SER A 22 -10.79 -6.16 2.40
C SER A 22 -9.51 -5.60 3.03
N SER A 23 -8.48 -6.43 3.06
CA SER A 23 -7.11 -5.97 3.15
C SER A 23 -6.41 -6.74 2.04
N ILE A 24 -5.09 -6.94 2.05
CA ILE A 24 -4.47 -7.80 1.04
C ILE A 24 -3.19 -8.42 1.60
N ASN A 25 -2.84 -9.66 1.20
CA ASN A 25 -1.55 -10.23 1.59
C ASN A 25 -0.49 -9.87 0.56
N THR A 26 0.78 -9.99 0.95
CA THR A 26 1.86 -9.59 0.06
C THR A 26 1.90 -10.37 -1.26
N ASN A 27 1.54 -11.65 -1.29
CA ASN A 27 1.53 -12.38 -2.56
C ASN A 27 0.49 -11.77 -3.48
N GLU A 28 -0.72 -11.55 -2.95
CA GLU A 28 -1.83 -10.96 -3.67
C GLU A 28 -1.42 -9.58 -4.17
N VAL A 29 -0.87 -8.75 -3.28
CA VAL A 29 -0.47 -7.40 -3.61
C VAL A 29 0.57 -7.39 -4.73
N ILE A 30 1.68 -8.12 -4.56
CA ILE A 30 2.72 -8.15 -5.57
C ILE A 30 2.16 -8.66 -6.89
N LYS A 31 1.35 -9.72 -6.85
CA LYS A 31 0.72 -10.24 -8.06
C LYS A 31 -0.08 -9.15 -8.77
N GLU A 32 -1.03 -8.52 -8.07
CA GLU A 32 -1.89 -7.50 -8.66
C GLU A 32 -1.06 -6.34 -9.21
N LEU A 33 -0.12 -5.81 -8.43
CA LEU A 33 0.69 -4.71 -8.87
C LEU A 33 1.47 -5.14 -10.11
N SER A 34 2.15 -6.29 -10.08
CA SER A 34 2.89 -6.78 -11.22
C SER A 34 2.01 -6.84 -12.48
N LYS A 35 0.77 -7.30 -12.34
CA LYS A 35 -0.17 -7.36 -13.45
C LYS A 35 -0.49 -5.97 -13.99
N THR A 36 -0.79 -5.02 -13.10
CA THR A 36 -1.16 -3.67 -13.48
C THR A 36 0.08 -2.83 -13.86
N SER A 37 0.91 -2.50 -12.87
CA SER A 37 2.17 -1.79 -13.10
C SER A 37 3.31 -2.78 -12.86
N THR A 38 3.92 -3.26 -13.95
CA THR A 38 4.93 -4.31 -13.91
C THR A 38 6.31 -3.82 -13.46
N TRP A 39 6.40 -3.36 -12.21
CA TRP A 39 7.68 -3.02 -11.59
C TRP A 39 8.27 -4.30 -10.98
N SER A 40 9.39 -4.19 -10.27
CA SER A 40 9.97 -5.33 -9.59
C SER A 40 9.22 -5.55 -8.26
N PRO A 41 9.15 -6.80 -7.76
CA PRO A 41 8.64 -7.08 -6.42
C PRO A 41 9.33 -6.16 -5.40
N LYS A 42 10.62 -5.88 -5.61
CA LYS A 42 11.38 -4.98 -4.76
C LYS A 42 10.78 -3.57 -4.82
N THR A 43 10.44 -3.08 -6.02
CA THR A 43 9.82 -1.78 -6.18
C THR A 43 8.51 -1.74 -5.42
N ILE A 44 7.68 -2.78 -5.60
CA ILE A 44 6.40 -2.88 -4.94
C ILE A 44 6.60 -2.83 -3.42
N GLN A 45 7.53 -3.64 -2.90
CA GLN A 45 7.89 -3.63 -1.48
C GLN A 45 8.35 -2.22 -1.07
N THR A 46 9.11 -1.53 -1.92
CA THR A 46 9.54 -0.17 -1.62
C THR A 46 8.31 0.75 -1.48
N MET A 47 7.37 0.73 -2.43
CA MET A 47 6.17 1.55 -2.36
C MET A 47 5.42 1.28 -1.05
N LEU A 48 5.18 0.00 -0.76
CA LEU A 48 4.53 -0.43 0.47
C LEU A 48 5.28 0.14 1.67
N LEU A 49 6.60 -0.05 1.71
CA LEU A 49 7.47 0.47 2.76
C LEU A 49 7.28 1.98 2.92
N ARG A 50 7.28 2.76 1.83
CA ARG A 50 7.05 4.20 1.92
C ARG A 50 5.71 4.49 2.59
N LEU A 51 4.65 3.84 2.12
CA LEU A 51 3.33 3.99 2.72
C LEU A 51 3.33 3.64 4.21
N ILE A 52 4.07 2.61 4.60
CA ILE A 52 4.21 2.23 6.01
C ILE A 52 4.95 3.34 6.76
N LYS A 53 6.08 3.82 6.23
CA LYS A 53 6.88 4.89 6.83
C LYS A 53 6.03 6.14 7.04
N LYS A 54 5.17 6.46 6.07
CA LYS A 54 4.26 7.59 6.13
C LYS A 54 3.12 7.33 7.12
N GLY A 55 2.95 6.08 7.60
CA GLY A 55 1.88 5.71 8.50
C GLY A 55 0.53 5.73 7.77
N ALA A 56 0.54 5.51 6.45
CA ALA A 56 -0.65 5.47 5.62
C ALA A 56 -1.21 4.04 5.66
N LEU A 57 -0.33 3.04 5.65
CA LEU A 57 -0.69 1.62 5.71
C LEU A 57 -0.08 1.02 6.96
N ASN A 58 -0.87 0.24 7.71
CA ASN A 58 -0.41 -0.54 8.85
C ASN A 58 -0.32 -1.98 8.33
N HIS A 59 0.63 -2.79 8.80
CA HIS A 59 0.75 -4.18 8.36
C HIS A 59 0.97 -5.13 9.52
N HIS A 60 0.66 -6.41 9.28
CA HIS A 60 0.79 -7.48 10.26
C HIS A 60 1.19 -8.77 9.56
N LYS A 61 1.98 -9.61 10.24
CA LYS A 61 2.49 -10.86 9.69
C LYS A 61 1.44 -11.94 9.90
N GLU A 62 0.60 -12.19 8.89
CA GLU A 62 -0.46 -13.16 9.00
C GLU A 62 0.10 -14.55 8.67
N GLY A 63 0.84 -15.11 9.62
CA GLY A 63 1.44 -16.44 9.59
C GLY A 63 2.34 -16.69 8.38
N ARG A 64 1.74 -16.91 7.21
CA ARG A 64 2.44 -17.24 5.98
C ARG A 64 3.13 -15.99 5.42
N VAL A 65 2.37 -14.94 5.14
CA VAL A 65 2.87 -13.69 4.57
C VAL A 65 2.22 -12.52 5.29
N PHE A 66 2.79 -11.33 5.16
CA PHE A 66 2.23 -10.15 5.81
C PHE A 66 1.10 -9.56 4.97
N VAL A 67 0.14 -8.97 5.70
CA VAL A 67 -1.07 -8.36 5.21
C VAL A 67 -1.03 -6.87 5.51
N TYR A 68 -1.46 -6.05 4.55
CA TYR A 68 -1.49 -4.60 4.67
C TYR A 68 -2.94 -4.14 4.91
N THR A 69 -3.16 -3.47 6.03
CA THR A 69 -4.41 -2.87 6.45
C THR A 69 -4.29 -1.35 6.26
N PRO A 70 -5.12 -0.73 5.41
CA PRO A 70 -5.08 0.71 5.18
C PRO A 70 -5.38 1.49 6.46
N ASN A 71 -4.51 2.44 6.83
CA ASN A 71 -4.73 3.34 7.96
C ASN A 71 -5.66 4.48 7.50
N ILE A 72 -5.60 4.75 6.20
CA ILE A 72 -6.36 5.75 5.46
C ILE A 72 -7.34 5.06 4.51
N ASP A 73 -8.53 5.64 4.40
CA ASP A 73 -9.62 5.20 3.54
C ASP A 73 -10.52 6.39 3.24
N GLU A 74 -10.98 7.06 4.29
CA GLU A 74 -11.80 8.25 4.20
C GLU A 74 -11.12 9.28 3.30
N SER A 75 -9.86 9.59 3.62
CA SER A 75 -9.00 10.51 2.90
C SER A 75 -8.50 9.89 1.59
N ASP A 76 -9.41 9.31 0.80
CA ASP A 76 -9.14 8.59 -0.43
C ASP A 76 -8.22 9.37 -1.37
N TYR A 77 -6.92 9.07 -1.29
CA TYR A 77 -5.87 9.67 -2.10
C TYR A 77 -5.82 11.19 -1.95
N ILE A 78 -6.20 11.72 -0.78
CA ILE A 78 -6.13 13.15 -0.53
C ILE A 78 -4.74 13.45 0.03
N GLU A 79 -3.83 13.93 -0.82
CA GLU A 79 -2.46 14.20 -0.42
C GLU A 79 -2.40 15.47 0.43
N VAL A 80 -2.07 15.33 1.71
CA VAL A 80 -1.92 16.44 2.64
C VAL A 80 -0.44 16.48 3.07
N LYS A 81 0.25 17.57 2.72
CA LYS A 81 1.67 17.71 2.99
C LYS A 81 1.93 17.95 4.49
N SER A 82 1.81 16.88 5.29
CA SER A 82 2.05 16.87 6.71
C SER A 82 2.15 15.40 7.12
N MET A 1 -0.55 14.24 2.88
CA MET A 1 -0.64 15.71 2.82
C MET A 1 -1.13 16.17 4.19
N LYS A 2 -1.73 17.36 4.33
CA LYS A 2 -2.30 17.78 5.60
C LYS A 2 -3.46 16.82 5.90
N LYS A 3 -3.46 16.22 7.10
CA LYS A 3 -4.44 15.23 7.56
C LYS A 3 -4.35 13.93 6.76
N ILE A 4 -4.69 13.97 5.47
CA ILE A 4 -4.70 12.79 4.62
C ILE A 4 -3.27 12.22 4.48
N PRO A 5 -3.13 10.89 4.26
CA PRO A 5 -1.86 10.20 4.12
C PRO A 5 -0.91 10.87 3.12
N GLN A 6 0.40 10.61 3.26
CA GLN A 6 1.40 11.24 2.42
C GLN A 6 1.51 10.53 1.05
N ILE A 7 0.38 10.43 0.33
CA ILE A 7 0.30 9.67 -0.91
C ILE A 7 0.84 10.43 -2.12
N SER A 8 1.31 9.65 -3.10
CA SER A 8 1.84 10.07 -4.40
C SER A 8 1.19 9.17 -5.46
N ASP A 9 1.26 9.55 -6.74
CA ASP A 9 0.63 8.82 -7.84
C ASP A 9 0.89 7.31 -7.82
N ALA A 10 2.14 6.89 -7.98
CA ALA A 10 2.50 5.47 -8.00
C ALA A 10 2.03 4.76 -6.73
N GLU A 11 2.20 5.42 -5.58
CA GLU A 11 1.80 4.89 -4.30
C GLU A 11 0.30 4.59 -4.31
N LEU A 12 -0.51 5.48 -4.90
CA LEU A 12 -1.95 5.26 -4.98
C LEU A 12 -2.27 3.95 -5.71
N GLU A 13 -1.46 3.54 -6.70
CA GLU A 13 -1.70 2.29 -7.42
C GLU A 13 -1.53 1.11 -6.47
N VAL A 14 -0.42 1.07 -5.72
CA VAL A 14 -0.21 -0.03 -4.79
C VAL A 14 -1.31 -0.01 -3.73
N MET A 15 -1.67 1.19 -3.25
CA MET A 15 -2.74 1.37 -2.28
C MET A 15 -4.04 0.76 -2.80
N LYS A 16 -4.41 1.08 -4.04
CA LYS A 16 -5.58 0.54 -4.70
C LYS A 16 -5.54 -0.98 -4.67
N VAL A 17 -4.43 -1.58 -5.12
CA VAL A 17 -4.26 -3.02 -5.08
C VAL A 17 -4.49 -3.55 -3.66
N ILE A 18 -3.84 -2.94 -2.66
CA ILE A 18 -4.01 -3.36 -1.27
C ILE A 18 -5.49 -3.31 -0.89
N TRP A 19 -6.13 -2.15 -1.01
CA TRP A 19 -7.52 -1.93 -0.66
C TRP A 19 -8.48 -2.85 -1.42
N LYS A 20 -8.12 -3.29 -2.63
CA LYS A 20 -8.95 -4.24 -3.37
C LYS A 20 -9.06 -5.56 -2.60
N HIS A 21 -8.05 -5.90 -1.79
CA HIS A 21 -8.00 -7.11 -0.96
C HIS A 21 -8.36 -6.72 0.49
N SER A 22 -8.52 -7.68 1.41
CA SER A 22 -8.85 -7.37 2.81
C SER A 22 -7.64 -6.66 3.42
N SER A 23 -6.51 -7.36 3.41
CA SER A 23 -5.19 -6.75 3.50
C SER A 23 -4.43 -7.42 2.36
N ILE A 24 -3.09 -7.49 2.35
CA ILE A 24 -2.42 -8.26 1.31
C ILE A 24 -1.09 -8.79 1.84
N ASN A 25 -0.71 -10.03 1.48
CA ASN A 25 0.57 -10.61 1.88
C ASN A 25 1.63 -10.21 0.86
N THR A 26 2.90 -10.19 1.23
CA THR A 26 3.93 -9.72 0.31
C THR A 26 4.00 -10.51 -1.01
N ASN A 27 3.79 -11.82 -1.01
CA ASN A 27 3.81 -12.55 -2.29
C ASN A 27 2.70 -11.99 -3.19
N GLU A 28 1.48 -11.93 -2.65
CA GLU A 28 0.33 -11.38 -3.33
C GLU A 28 0.64 -9.97 -3.84
N VAL A 29 1.21 -9.12 -2.98
CA VAL A 29 1.51 -7.74 -3.33
C VAL A 29 2.50 -7.69 -4.50
N ILE A 30 3.67 -8.33 -4.38
CA ILE A 30 4.66 -8.31 -5.46
C ILE A 30 4.05 -8.86 -6.74
N LYS A 31 3.29 -9.96 -6.66
CA LYS A 31 2.64 -10.54 -7.81
C LYS A 31 1.69 -9.54 -8.49
N GLU A 32 0.69 -9.03 -7.76
CA GLU A 32 -0.31 -8.13 -8.32
C GLU A 32 0.33 -6.84 -8.83
N LEU A 33 1.27 -6.26 -8.06
CA LEU A 33 1.97 -5.07 -8.50
C LEU A 33 2.70 -5.37 -9.80
N SER A 34 3.54 -6.41 -9.84
CA SER A 34 4.28 -6.72 -11.05
C SER A 34 3.35 -6.93 -12.26
N LYS A 35 2.18 -7.56 -12.05
CA LYS A 35 1.20 -7.74 -13.11
C LYS A 35 0.64 -6.40 -13.60
N THR A 36 0.20 -5.54 -12.68
CA THR A 36 -0.44 -4.27 -13.02
C THR A 36 0.56 -3.25 -13.57
N SER A 37 1.73 -3.13 -12.95
CA SER A 37 2.81 -2.27 -13.36
C SER A 37 4.11 -2.98 -12.97
N THR A 38 4.83 -3.52 -13.97
CA THR A 38 6.01 -4.35 -13.81
C THR A 38 7.25 -3.63 -13.24
N TRP A 39 7.14 -3.19 -11.99
CA TRP A 39 8.22 -2.63 -11.21
C TRP A 39 9.01 -3.81 -10.62
N SER A 40 10.33 -3.68 -10.48
CA SER A 40 11.13 -4.79 -9.95
C SER A 40 10.80 -5.02 -8.46
N PRO A 41 11.00 -6.24 -7.92
CA PRO A 41 10.77 -6.53 -6.52
C PRO A 41 11.38 -5.48 -5.59
N LYS A 42 12.64 -5.08 -5.82
CA LYS A 42 13.28 -4.04 -5.02
C LYS A 42 12.49 -2.73 -5.10
N THR A 43 12.01 -2.35 -6.28
CA THR A 43 11.19 -1.15 -6.46
C THR A 43 9.93 -1.28 -5.62
N ILE A 44 9.21 -2.40 -5.77
CA ILE A 44 8.01 -2.69 -5.01
C ILE A 44 8.27 -2.58 -3.50
N GLN A 45 9.32 -3.25 -3.03
CA GLN A 45 9.74 -3.21 -1.64
C GLN A 45 9.93 -1.75 -1.21
N THR A 46 10.61 -0.96 -2.05
CA THR A 46 10.79 0.46 -1.78
C THR A 46 9.42 1.14 -1.65
N MET A 47 8.51 0.96 -2.62
CA MET A 47 7.17 1.56 -2.55
C MET A 47 6.45 1.19 -1.25
N LEU A 48 6.50 -0.08 -0.85
CA LEU A 48 5.87 -0.52 0.39
C LEU A 48 6.48 0.22 1.57
N LEU A 49 7.82 0.27 1.63
CA LEU A 49 8.53 1.03 2.66
C LEU A 49 8.05 2.49 2.63
N ARG A 50 7.88 3.05 1.43
CA ARG A 50 7.37 4.40 1.28
C ARG A 50 6.01 4.49 1.96
N LEU A 51 4.95 3.76 1.57
CA LEU A 51 3.68 3.86 2.27
C LEU A 51 3.79 3.75 3.80
N ILE A 52 4.65 2.87 4.30
CA ILE A 52 4.84 2.75 5.74
C ILE A 52 5.30 4.09 6.34
N LYS A 53 6.29 4.73 5.73
CA LYS A 53 6.81 6.02 6.20
C LYS A 53 5.84 7.18 5.89
N LYS A 54 5.25 7.15 4.71
CA LYS A 54 4.39 8.12 4.06
C LYS A 54 2.99 8.24 4.67
N GLY A 55 2.82 7.93 5.95
CA GLY A 55 1.52 8.19 6.55
C GLY A 55 0.46 7.15 6.21
N ALA A 56 0.81 5.98 5.68
CA ALA A 56 -0.20 5.05 5.16
C ALA A 56 -0.26 3.65 5.76
N LEU A 57 0.82 2.87 5.71
CA LEU A 57 0.76 1.44 6.04
C LEU A 57 1.42 1.02 7.35
N ASN A 58 0.94 -0.12 7.88
CA ASN A 58 1.49 -0.80 9.03
C ASN A 58 1.64 -2.27 8.64
N HIS A 59 2.85 -2.81 8.61
CA HIS A 59 3.10 -4.18 8.22
C HIS A 59 3.23 -5.09 9.45
N HIS A 60 2.71 -6.32 9.31
CA HIS A 60 2.68 -7.36 10.33
C HIS A 60 3.36 -8.61 9.78
N LYS A 61 4.07 -9.36 10.63
CA LYS A 61 4.73 -10.60 10.25
C LYS A 61 3.75 -11.75 10.47
N GLU A 62 3.05 -12.19 9.42
CA GLU A 62 2.04 -13.22 9.57
C GLU A 62 2.71 -14.58 9.48
N GLY A 63 3.36 -14.96 10.59
CA GLY A 63 4.03 -16.24 10.76
C GLY A 63 5.24 -16.42 9.87
N ARG A 64 5.01 -16.57 8.56
CA ARG A 64 6.04 -16.79 7.55
C ARG A 64 6.22 -15.56 6.67
N VAL A 65 5.14 -15.08 6.04
CA VAL A 65 5.15 -13.93 5.17
C VAL A 65 4.56 -12.74 5.91
N PHE A 66 4.96 -11.54 5.48
CA PHE A 66 4.49 -10.31 6.08
C PHE A 66 3.33 -9.74 5.27
N VAL A 67 2.34 -9.21 5.98
CA VAL A 67 1.07 -8.68 5.50
C VAL A 67 1.02 -7.18 5.75
N TYR A 68 0.53 -6.41 4.78
CA TYR A 68 0.40 -4.97 4.92
C TYR A 68 -1.03 -4.62 5.32
N THR A 69 -1.20 -3.96 6.46
CA THR A 69 -2.49 -3.49 6.92
C THR A 69 -2.55 -1.97 6.73
N PRO A 70 -3.52 -1.45 5.96
CA PRO A 70 -3.66 -0.02 5.77
C PRO A 70 -4.09 0.67 7.06
N ASN A 71 -3.46 1.81 7.38
CA ASN A 71 -3.85 2.66 8.49
C ASN A 71 -4.91 3.68 8.00
N ILE A 72 -5.29 3.58 6.73
CA ILE A 72 -6.13 4.51 5.99
C ILE A 72 -7.02 3.73 5.02
N ASP A 73 -8.09 4.38 4.55
CA ASP A 73 -9.04 3.88 3.58
C ASP A 73 -9.19 4.94 2.49
N GLU A 74 -9.71 4.55 1.33
CA GLU A 74 -10.02 5.42 0.21
C GLU A 74 -10.73 6.68 0.71
N SER A 75 -11.76 6.47 1.53
CA SER A 75 -12.57 7.52 2.13
C SER A 75 -11.76 8.51 2.96
N ASP A 76 -10.64 8.07 3.53
CA ASP A 76 -9.75 8.94 4.31
C ASP A 76 -8.80 9.66 3.35
N TYR A 77 -8.27 8.94 2.35
CA TYR A 77 -7.41 9.56 1.36
C TYR A 77 -8.15 10.70 0.67
N ILE A 78 -9.34 10.41 0.13
CA ILE A 78 -10.21 11.39 -0.50
C ILE A 78 -11.34 11.68 0.48
N GLU A 79 -11.18 12.73 1.29
CA GLU A 79 -12.17 13.10 2.28
C GLU A 79 -13.38 13.73 1.56
N VAL A 80 -14.42 12.93 1.33
CA VAL A 80 -15.63 13.39 0.68
C VAL A 80 -16.43 14.25 1.67
N LYS A 81 -17.00 15.35 1.17
CA LYS A 81 -17.77 16.32 1.94
C LYS A 81 -18.40 17.29 0.94
N SER A 82 -19.21 18.23 1.42
CA SER A 82 -19.88 19.27 0.68
C SER A 82 -20.39 20.24 1.76
N MET A 1 -1.60 13.84 5.01
CA MET A 1 -1.98 15.24 4.75
C MET A 1 -3.44 15.41 5.18
N LYS A 2 -4.22 16.31 4.56
CA LYS A 2 -5.66 16.40 4.81
C LYS A 2 -6.22 15.01 4.50
N LYS A 3 -5.79 14.48 3.35
CA LYS A 3 -5.90 13.06 3.04
C LYS A 3 -4.92 12.47 4.04
N ILE A 4 -5.43 11.84 5.11
CA ILE A 4 -4.65 11.39 6.27
C ILE A 4 -3.18 11.02 5.97
N PRO A 5 -2.90 9.99 5.16
CA PRO A 5 -1.54 9.57 4.86
C PRO A 5 -0.67 10.60 4.14
N GLN A 6 0.65 10.45 4.26
CA GLN A 6 1.63 11.33 3.63
C GLN A 6 1.91 10.84 2.20
N ILE A 7 0.91 10.87 1.33
CA ILE A 7 0.97 10.25 -0.01
C ILE A 7 1.69 11.08 -1.08
N SER A 8 2.13 10.37 -2.13
CA SER A 8 2.78 10.87 -3.33
C SER A 8 2.28 9.97 -4.48
N ASP A 9 2.31 10.47 -5.72
CA ASP A 9 1.72 9.81 -6.89
C ASP A 9 2.05 8.31 -7.02
N ALA A 10 3.33 7.96 -7.21
CA ALA A 10 3.74 6.57 -7.39
C ALA A 10 3.21 5.67 -6.28
N GLU A 11 3.25 6.16 -5.03
CA GLU A 11 2.72 5.43 -3.90
C GLU A 11 1.21 5.28 -4.05
N LEU A 12 0.50 6.36 -4.39
CA LEU A 12 -0.94 6.32 -4.60
C LEU A 12 -1.32 5.25 -5.63
N GLU A 13 -0.56 5.11 -6.73
CA GLU A 13 -0.81 4.05 -7.71
C GLU A 13 -0.85 2.69 -6.99
N VAL A 14 0.17 2.42 -6.19
CA VAL A 14 0.26 1.20 -5.42
C VAL A 14 -0.97 1.07 -4.52
N MET A 15 -1.35 2.15 -3.82
CA MET A 15 -2.54 2.08 -2.98
C MET A 15 -3.77 1.66 -3.78
N LYS A 16 -3.99 2.31 -4.94
CA LYS A 16 -5.11 2.01 -5.82
C LYS A 16 -5.14 0.52 -6.17
N VAL A 17 -3.98 -0.06 -6.42
CA VAL A 17 -3.85 -1.49 -6.68
C VAL A 17 -4.19 -2.29 -5.41
N ILE A 18 -3.56 -1.97 -4.28
CA ILE A 18 -3.73 -2.69 -3.03
C ILE A 18 -5.19 -2.70 -2.58
N TRP A 19 -5.85 -1.53 -2.54
CA TRP A 19 -7.24 -1.38 -2.09
C TRP A 19 -8.23 -2.28 -2.84
N LYS A 20 -7.87 -2.85 -4.00
CA LYS A 20 -8.77 -3.77 -4.69
C LYS A 20 -8.93 -5.05 -3.86
N HIS A 21 -7.90 -5.41 -3.09
CA HIS A 21 -7.85 -6.58 -2.23
C HIS A 21 -8.21 -6.17 -0.79
N SER A 22 -8.60 -7.12 0.06
CA SER A 22 -8.96 -6.84 1.45
C SER A 22 -7.71 -6.34 2.18
N SER A 23 -6.69 -7.18 2.20
CA SER A 23 -5.32 -6.74 2.47
C SER A 23 -4.53 -7.34 1.31
N ILE A 24 -3.21 -7.54 1.41
CA ILE A 24 -2.48 -8.23 0.36
C ILE A 24 -1.25 -8.90 0.95
N ASN A 25 -0.90 -10.15 0.58
CA ASN A 25 0.34 -10.74 1.09
C ASN A 25 1.53 -10.30 0.25
N THR A 26 2.74 -10.40 0.79
CA THR A 26 3.92 -9.91 0.06
C THR A 26 4.08 -10.54 -1.33
N ASN A 27 3.87 -11.84 -1.51
CA ASN A 27 4.00 -12.41 -2.86
C ASN A 27 3.00 -11.75 -3.80
N GLU A 28 1.75 -11.66 -3.36
CA GLU A 28 0.67 -11.05 -4.13
C GLU A 28 1.05 -9.61 -4.48
N VAL A 29 1.55 -8.86 -3.49
CA VAL A 29 1.90 -7.47 -3.68
C VAL A 29 3.01 -7.35 -4.73
N ILE A 30 4.13 -8.05 -4.57
CA ILE A 30 5.22 -7.98 -5.54
C ILE A 30 4.69 -8.33 -6.93
N LYS A 31 4.01 -9.48 -7.08
CA LYS A 31 3.49 -9.89 -8.38
C LYS A 31 2.57 -8.81 -8.97
N GLU A 32 1.53 -8.42 -8.23
CA GLU A 32 0.54 -7.45 -8.68
C GLU A 32 1.19 -6.13 -9.10
N LEU A 33 2.01 -5.52 -8.23
CA LEU A 33 2.66 -4.29 -8.52
C LEU A 33 3.56 -4.44 -9.75
N SER A 34 4.38 -5.51 -9.81
CA SER A 34 5.24 -5.75 -10.96
C SER A 34 4.43 -5.86 -12.26
N LYS A 35 3.29 -6.56 -12.22
CA LYS A 35 2.42 -6.70 -13.38
C LYS A 35 1.85 -5.34 -13.81
N THR A 36 1.30 -4.60 -12.85
CA THR A 36 0.65 -3.33 -13.12
C THR A 36 1.64 -2.22 -13.50
N SER A 37 2.86 -2.23 -12.98
CA SER A 37 3.87 -1.23 -13.31
C SER A 37 5.27 -1.86 -13.29
N THR A 38 6.11 -1.49 -14.26
CA THR A 38 7.45 -2.01 -14.42
C THR A 38 8.38 -1.52 -13.29
N TRP A 39 8.24 -2.11 -12.11
CA TRP A 39 9.02 -1.85 -10.92
C TRP A 39 9.62 -3.19 -10.46
N SER A 40 10.89 -3.20 -10.03
CA SER A 40 11.56 -4.44 -9.63
C SER A 40 11.11 -4.84 -8.21
N PRO A 41 11.36 -6.09 -7.76
CA PRO A 41 11.08 -6.49 -6.40
C PRO A 41 11.68 -5.50 -5.40
N LYS A 42 12.95 -5.10 -5.60
CA LYS A 42 13.58 -4.11 -4.75
C LYS A 42 12.80 -2.80 -4.76
N THR A 43 12.37 -2.36 -5.95
CA THR A 43 11.54 -1.17 -6.06
C THR A 43 10.29 -1.38 -5.20
N ILE A 44 9.61 -2.51 -5.33
CA ILE A 44 8.41 -2.80 -4.55
C ILE A 44 8.70 -2.68 -3.05
N GLN A 45 9.75 -3.35 -2.57
CA GLN A 45 10.14 -3.29 -1.18
C GLN A 45 10.32 -1.83 -0.75
N THR A 46 10.98 -1.03 -1.58
CA THR A 46 11.16 0.38 -1.31
C THR A 46 9.79 1.08 -1.20
N MET A 47 8.89 0.84 -2.16
CA MET A 47 7.56 1.45 -2.16
C MET A 47 6.75 1.04 -0.93
N LEU A 48 6.82 -0.23 -0.53
CA LEU A 48 6.15 -0.72 0.68
C LEU A 48 6.68 0.04 1.89
N LEU A 49 8.01 0.03 2.06
CA LEU A 49 8.67 0.75 3.16
C LEU A 49 8.21 2.20 3.15
N ARG A 50 8.21 2.84 1.98
CA ARG A 50 7.76 4.20 1.83
C ARG A 50 6.35 4.33 2.35
N LEU A 51 5.37 3.63 1.77
CA LEU A 51 3.97 3.70 2.23
C LEU A 51 3.82 3.49 3.74
N ILE A 52 4.61 2.60 4.34
CA ILE A 52 4.56 2.40 5.77
C ILE A 52 5.02 3.68 6.49
N LYS A 53 6.20 4.18 6.16
CA LYS A 53 6.75 5.39 6.78
C LYS A 53 5.86 6.61 6.52
N LYS A 54 5.35 6.73 5.29
CA LYS A 54 4.55 7.79 4.72
C LYS A 54 3.12 7.85 5.26
N GLY A 55 2.88 7.36 6.48
CA GLY A 55 1.58 7.58 7.09
C GLY A 55 0.45 6.67 6.58
N ALA A 56 0.73 5.60 5.81
CA ALA A 56 -0.34 4.85 5.14
C ALA A 56 -0.52 3.40 5.55
N LEU A 57 0.52 2.57 5.42
CA LEU A 57 0.36 1.12 5.56
C LEU A 57 0.99 0.58 6.86
N ASN A 58 0.47 -0.56 7.28
CA ASN A 58 0.86 -1.33 8.45
C ASN A 58 0.79 -2.79 8.00
N HIS A 59 1.50 -3.73 8.63
CA HIS A 59 1.47 -5.12 8.20
C HIS A 59 1.32 -6.10 9.37
N HIS A 60 0.85 -7.30 9.06
CA HIS A 60 0.67 -8.41 9.98
C HIS A 60 1.34 -9.65 9.40
N LYS A 61 1.92 -10.50 10.25
CA LYS A 61 2.61 -11.72 9.84
C LYS A 61 1.58 -12.86 9.68
N GLU A 62 1.05 -13.03 8.47
CA GLU A 62 0.08 -14.11 8.25
C GLU A 62 0.86 -15.39 7.90
N GLY A 63 1.45 -16.01 8.92
CA GLY A 63 2.18 -17.28 8.85
C GLY A 63 3.24 -17.35 7.74
N ARG A 64 2.79 -17.54 6.50
CA ARG A 64 3.59 -17.68 5.29
C ARG A 64 4.57 -16.51 5.14
N VAL A 65 4.01 -15.31 4.97
CA VAL A 65 4.73 -14.06 4.82
C VAL A 65 3.80 -13.00 5.41
N PHE A 66 4.29 -11.76 5.58
CA PHE A 66 3.45 -10.71 6.10
C PHE A 66 2.59 -10.09 5.01
N VAL A 67 1.43 -9.59 5.43
CA VAL A 67 0.38 -9.01 4.63
C VAL A 67 0.18 -7.55 5.05
N TYR A 68 -0.06 -6.67 4.08
CA TYR A 68 -0.16 -5.25 4.33
C TYR A 68 -1.62 -4.85 4.49
N THR A 69 -1.93 -4.29 5.65
CA THR A 69 -3.22 -3.80 6.07
C THR A 69 -3.19 -2.28 5.94
N PRO A 70 -3.97 -1.67 5.02
CA PRO A 70 -4.06 -0.23 4.91
C PRO A 70 -4.49 0.34 6.28
N ASN A 71 -3.69 1.23 6.88
CA ASN A 71 -3.97 1.76 8.23
C ASN A 71 -4.82 3.03 8.18
N ILE A 72 -5.25 3.43 6.99
CA ILE A 72 -6.05 4.61 6.68
C ILE A 72 -7.44 4.20 6.23
N ASP A 73 -8.44 5.03 6.55
CA ASP A 73 -9.83 4.82 6.16
C ASP A 73 -10.53 6.17 6.10
N GLU A 74 -11.68 6.20 5.43
CA GLU A 74 -12.53 7.36 5.22
C GLU A 74 -11.80 8.52 4.57
N SER A 75 -11.05 9.31 5.34
CA SER A 75 -10.34 10.46 4.83
C SER A 75 -8.96 10.07 4.32
N ASP A 76 -8.92 9.03 3.49
CA ASP A 76 -7.71 8.56 2.84
C ASP A 76 -7.50 9.40 1.57
N TYR A 77 -6.77 8.89 0.58
CA TYR A 77 -6.58 9.64 -0.67
C TYR A 77 -7.93 9.90 -1.33
N ILE A 78 -8.82 8.90 -1.30
CA ILE A 78 -10.20 9.11 -1.71
C ILE A 78 -10.80 9.72 -0.44
N GLU A 79 -10.81 11.04 -0.36
CA GLU A 79 -11.16 11.75 0.86
C GLU A 79 -12.67 11.81 1.08
N VAL A 80 -13.22 10.93 1.93
CA VAL A 80 -14.60 10.99 2.36
C VAL A 80 -14.63 11.28 3.87
N LYS A 81 -15.67 11.98 4.33
CA LYS A 81 -15.89 12.38 5.70
C LYS A 81 -17.36 12.77 5.82
N SER A 82 -17.84 12.97 7.04
CA SER A 82 -19.15 13.45 7.41
C SER A 82 -18.98 14.01 8.84
N MET A 1 5.30 9.41 9.71
CA MET A 1 4.14 9.36 10.60
C MET A 1 2.90 9.72 9.79
N LYS A 2 1.71 9.72 10.40
CA LYS A 2 0.49 10.05 9.69
C LYS A 2 0.58 11.45 9.09
N LYS A 3 0.44 11.53 7.77
CA LYS A 3 0.39 12.75 6.98
C LYS A 3 -0.56 12.41 5.83
N ILE A 4 -1.18 13.41 5.19
CA ILE A 4 -2.05 13.18 4.04
C ILE A 4 -1.19 12.39 3.05
N PRO A 5 -1.49 11.11 2.75
CA PRO A 5 -0.60 10.31 1.93
C PRO A 5 -0.33 10.91 0.55
N GLN A 6 0.92 11.28 0.30
CA GLN A 6 1.39 11.87 -0.94
C GLN A 6 1.65 10.73 -1.93
N ILE A 7 0.56 10.07 -2.30
CA ILE A 7 0.55 8.87 -3.11
C ILE A 7 0.49 9.18 -4.61
N SER A 8 1.53 8.78 -5.35
CA SER A 8 1.58 8.92 -6.79
C SER A 8 0.66 7.87 -7.43
N ASP A 9 0.33 8.01 -8.71
CA ASP A 9 -0.53 7.06 -9.42
C ASP A 9 -0.07 5.60 -9.23
N ALA A 10 1.23 5.35 -9.40
CA ALA A 10 1.79 4.02 -9.26
C ALA A 10 1.46 3.44 -7.87
N GLU A 11 1.62 4.26 -6.82
CA GLU A 11 1.28 3.85 -5.48
C GLU A 11 -0.25 3.68 -5.36
N LEU A 12 -1.01 4.59 -5.96
CA LEU A 12 -2.46 4.57 -5.93
C LEU A 12 -2.98 3.21 -6.42
N GLU A 13 -2.36 2.62 -7.44
CA GLU A 13 -2.73 1.29 -7.89
C GLU A 13 -2.66 0.28 -6.74
N VAL A 14 -1.55 0.25 -6.01
CA VAL A 14 -1.39 -0.71 -4.92
C VAL A 14 -2.43 -0.41 -3.84
N MET A 15 -2.65 0.87 -3.53
CA MET A 15 -3.68 1.24 -2.58
C MET A 15 -5.03 0.70 -3.02
N LYS A 16 -5.41 0.91 -4.28
CA LYS A 16 -6.66 0.43 -4.84
C LYS A 16 -6.75 -1.09 -4.65
N VAL A 17 -5.70 -1.84 -4.98
CA VAL A 17 -5.68 -3.29 -4.75
C VAL A 17 -5.94 -3.56 -3.26
N ILE A 18 -5.22 -2.88 -2.38
CA ILE A 18 -5.35 -3.06 -0.94
C ILE A 18 -6.71 -2.52 -0.44
N TRP A 19 -7.41 -1.67 -1.19
CA TRP A 19 -8.74 -1.19 -0.86
C TRP A 19 -9.81 -2.17 -1.35
N LYS A 20 -9.54 -2.86 -2.45
CA LYS A 20 -10.42 -3.84 -3.07
C LYS A 20 -10.45 -5.18 -2.30
N HIS A 21 -9.36 -5.49 -1.60
CA HIS A 21 -9.16 -6.73 -0.86
C HIS A 21 -10.09 -6.90 0.37
N SER A 22 -9.87 -7.97 1.15
CA SER A 22 -10.47 -8.15 2.49
C SER A 22 -9.40 -7.72 3.49
N SER A 23 -8.26 -8.42 3.46
CA SER A 23 -6.97 -7.89 3.82
C SER A 23 -6.07 -8.33 2.65
N ILE A 24 -4.74 -8.33 2.74
CA ILE A 24 -3.87 -9.03 1.81
C ILE A 24 -2.55 -9.31 2.52
N ASN A 25 -1.79 -10.36 2.18
CA ASN A 25 -0.44 -10.56 2.72
C ASN A 25 0.61 -10.19 1.67
N THR A 26 1.86 -10.00 2.09
CA THR A 26 2.94 -9.62 1.18
C THR A 26 3.09 -10.54 -0.03
N ASN A 27 2.94 -11.86 0.13
CA ASN A 27 3.08 -12.77 -0.99
C ASN A 27 2.01 -12.47 -2.04
N GLU A 28 0.77 -12.33 -1.57
CA GLU A 28 -0.38 -12.03 -2.40
C GLU A 28 -0.22 -10.66 -3.05
N VAL A 29 0.14 -9.65 -2.26
CA VAL A 29 0.28 -8.27 -2.74
C VAL A 29 1.36 -8.21 -3.82
N ILE A 30 2.53 -8.80 -3.56
CA ILE A 30 3.61 -8.80 -4.53
C ILE A 30 3.17 -9.55 -5.77
N LYS A 31 2.57 -10.74 -5.62
CA LYS A 31 2.07 -11.51 -6.76
C LYS A 31 1.15 -10.62 -7.62
N GLU A 32 0.10 -10.08 -7.00
CA GLU A 32 -0.90 -9.24 -7.65
C GLU A 32 -0.24 -8.09 -8.40
N LEU A 33 0.49 -7.24 -7.70
CA LEU A 33 1.10 -6.08 -8.33
C LEU A 33 2.12 -6.47 -9.38
N SER A 34 2.96 -7.48 -9.13
CA SER A 34 3.94 -7.91 -10.14
C SER A 34 3.24 -8.34 -11.43
N LYS A 35 2.13 -9.05 -11.32
CA LYS A 35 1.39 -9.48 -12.50
C LYS A 35 0.72 -8.29 -13.19
N THR A 36 0.07 -7.41 -12.44
CA THR A 36 -0.67 -6.30 -13.02
C THR A 36 0.22 -5.14 -13.47
N SER A 37 1.43 -4.97 -12.93
CA SER A 37 2.35 -3.91 -13.31
C SER A 37 3.79 -4.41 -13.20
N THR A 38 4.64 -4.07 -14.17
CA THR A 38 6.03 -4.50 -14.22
C THR A 38 6.87 -3.74 -13.18
N TRP A 39 6.67 -4.06 -11.90
CA TRP A 39 7.37 -3.50 -10.75
C TRP A 39 8.02 -4.67 -10.02
N SER A 40 9.24 -4.49 -9.51
CA SER A 40 9.95 -5.56 -8.84
C SER A 40 9.38 -5.77 -7.43
N PRO A 41 9.65 -6.92 -6.80
CA PRO A 41 9.30 -7.14 -5.40
C PRO A 41 9.83 -5.97 -4.56
N LYS A 42 11.07 -5.54 -4.81
CA LYS A 42 11.67 -4.41 -4.11
C LYS A 42 10.86 -3.13 -4.36
N THR A 43 10.45 -2.88 -5.60
CA THR A 43 9.63 -1.71 -5.93
C THR A 43 8.37 -1.73 -5.05
N ILE A 44 7.66 -2.86 -5.08
CA ILE A 44 6.42 -3.03 -4.33
C ILE A 44 6.68 -2.83 -2.83
N GLN A 45 7.76 -3.43 -2.30
CA GLN A 45 8.16 -3.24 -0.92
C GLN A 45 8.39 -1.77 -0.61
N THR A 46 9.05 -1.04 -1.52
CA THR A 46 9.30 0.39 -1.35
C THR A 46 7.96 1.15 -1.27
N MET A 47 7.02 0.85 -2.18
CA MET A 47 5.70 1.47 -2.15
C MET A 47 5.02 1.21 -0.80
N LEU A 48 4.96 -0.06 -0.39
CA LEU A 48 4.38 -0.45 0.88
C LEU A 48 5.03 0.34 2.02
N LEU A 49 6.36 0.32 2.08
CA LEU A 49 7.14 1.04 3.08
C LEU A 49 6.72 2.51 3.12
N ARG A 50 6.68 3.18 1.96
CA ARG A 50 6.27 4.58 1.88
C ARG A 50 4.89 4.77 2.50
N LEU A 51 3.88 4.06 1.99
CA LEU A 51 2.52 4.08 2.50
C LEU A 51 2.48 3.85 4.01
N ILE A 52 3.22 2.88 4.54
CA ILE A 52 3.28 2.65 5.97
C ILE A 52 3.81 3.90 6.67
N LYS A 53 4.98 4.40 6.26
CA LYS A 53 5.57 5.58 6.88
C LYS A 53 4.64 6.80 6.82
N LYS A 54 3.89 6.97 5.72
CA LYS A 54 2.93 8.05 5.54
C LYS A 54 1.67 7.85 6.40
N GLY A 55 1.47 6.66 6.96
CA GLY A 55 0.28 6.33 7.74
C GLY A 55 -0.92 6.09 6.82
N ALA A 56 -0.66 5.60 5.60
CA ALA A 56 -1.68 5.30 4.61
C ALA A 56 -2.28 3.91 4.86
N LEU A 57 -1.43 2.95 5.21
CA LEU A 57 -1.83 1.58 5.47
C LEU A 57 -1.18 1.12 6.77
N ASN A 58 -1.97 0.49 7.64
CA ASN A 58 -1.48 -0.14 8.86
C ASN A 58 -1.16 -1.59 8.48
N HIS A 59 -0.26 -2.28 9.17
CA HIS A 59 0.03 -3.67 8.86
C HIS A 59 0.12 -4.52 10.12
N HIS A 60 -0.04 -5.83 9.96
CA HIS A 60 0.07 -6.84 11.01
C HIS A 60 1.15 -7.82 10.60
N LYS A 61 2.01 -8.20 11.55
CA LYS A 61 3.12 -9.11 11.30
C LYS A 61 2.68 -10.57 11.49
N GLU A 62 2.28 -11.22 10.40
CA GLU A 62 1.95 -12.64 10.36
C GLU A 62 3.27 -13.37 10.08
N GLY A 63 3.50 -14.49 10.76
CA GLY A 63 4.73 -15.28 10.71
C GLY A 63 5.03 -15.97 9.37
N ARG A 64 5.11 -15.21 8.27
CA ARG A 64 5.50 -15.63 6.94
C ARG A 64 5.63 -14.38 6.08
N VAL A 65 4.54 -13.61 5.97
CA VAL A 65 4.47 -12.38 5.21
C VAL A 65 3.53 -11.45 5.99
N PHE A 66 3.73 -10.13 5.93
CA PHE A 66 2.93 -9.22 6.73
C PHE A 66 1.65 -8.84 5.98
N VAL A 67 0.58 -8.63 6.74
CA VAL A 67 -0.77 -8.36 6.27
C VAL A 67 -1.03 -6.86 6.25
N TYR A 68 -1.61 -6.32 5.18
CA TYR A 68 -1.88 -4.88 5.04
C TYR A 68 -3.35 -4.54 5.24
N THR A 69 -3.61 -3.65 6.19
CA THR A 69 -4.93 -3.17 6.57
C THR A 69 -5.06 -1.68 6.22
N PRO A 70 -5.98 -1.31 5.31
CA PRO A 70 -6.30 0.05 4.91
C PRO A 70 -6.43 0.99 6.12
N ASN A 71 -5.58 2.02 6.24
CA ASN A 71 -5.65 2.94 7.38
C ASN A 71 -6.65 4.06 7.09
N ILE A 72 -6.61 4.53 5.85
CA ILE A 72 -7.44 5.61 5.33
C ILE A 72 -8.42 5.05 4.30
N ASP A 73 -9.48 5.80 4.02
CA ASP A 73 -10.47 5.48 2.99
C ASP A 73 -10.06 6.20 1.71
N GLU A 74 -10.56 5.72 0.55
CA GLU A 74 -10.31 6.31 -0.75
C GLU A 74 -10.47 7.83 -0.71
N SER A 75 -11.57 8.30 -0.09
CA SER A 75 -11.90 9.71 0.02
C SER A 75 -10.81 10.55 0.67
N ASP A 76 -9.90 9.95 1.45
CA ASP A 76 -8.80 10.67 2.07
C ASP A 76 -7.75 11.09 1.03
N TYR A 77 -7.77 10.49 -0.17
CA TYR A 77 -6.78 10.75 -1.22
C TYR A 77 -6.98 12.11 -1.89
N ILE A 78 -6.91 13.19 -1.12
CA ILE A 78 -6.94 14.56 -1.58
C ILE A 78 -5.56 15.13 -1.23
N GLU A 79 -4.62 15.09 -2.17
CA GLU A 79 -3.25 15.54 -1.91
C GLU A 79 -3.20 17.07 -1.83
N VAL A 80 -3.21 17.60 -0.61
CA VAL A 80 -3.13 19.02 -0.31
C VAL A 80 -1.77 19.33 0.31
N LYS A 81 -1.27 20.55 0.08
CA LYS A 81 0.01 21.03 0.60
C LYS A 81 1.15 20.13 0.10
N SER A 82 2.07 19.76 1.00
CA SER A 82 3.23 18.91 0.80
C SER A 82 3.74 18.62 2.21
N MET A 1 -7.33 17.15 5.37
CA MET A 1 -8.54 16.97 6.19
C MET A 1 -9.32 15.69 5.86
N LYS A 2 -8.65 14.58 5.54
CA LYS A 2 -9.26 13.29 5.26
C LYS A 2 -8.27 12.18 5.59
N LYS A 3 -8.77 10.97 5.88
CA LYS A 3 -7.97 9.82 6.23
C LYS A 3 -7.34 9.17 5.00
N ILE A 4 -6.47 9.90 4.30
CA ILE A 4 -5.73 9.43 3.13
C ILE A 4 -4.32 10.05 3.24
N PRO A 5 -3.20 9.38 2.93
CA PRO A 5 -1.89 9.93 3.19
C PRO A 5 -1.37 10.78 2.03
N GLN A 6 -0.52 11.76 2.33
CA GLN A 6 0.16 12.58 1.33
C GLN A 6 1.14 11.63 0.64
N ILE A 7 0.84 11.25 -0.61
CA ILE A 7 1.43 10.11 -1.30
C ILE A 7 2.13 10.43 -2.62
N SER A 8 3.03 9.54 -3.02
CA SER A 8 3.73 9.59 -4.30
C SER A 8 2.88 8.86 -5.34
N ASP A 9 2.87 9.36 -6.57
CA ASP A 9 2.09 8.83 -7.68
C ASP A 9 2.21 7.30 -7.81
N ALA A 10 3.43 6.76 -7.74
CA ALA A 10 3.65 5.34 -7.84
C ALA A 10 2.98 4.60 -6.67
N GLU A 11 3.29 5.01 -5.44
CA GLU A 11 2.72 4.42 -4.25
C GLU A 11 1.19 4.39 -4.34
N LEU A 12 0.59 5.47 -4.86
CA LEU A 12 -0.86 5.55 -4.99
C LEU A 12 -1.44 4.31 -5.66
N GLU A 13 -0.78 3.75 -6.68
CA GLU A 13 -1.27 2.56 -7.35
C GLU A 13 -1.52 1.45 -6.33
N VAL A 14 -0.54 1.24 -5.45
CA VAL A 14 -0.63 0.19 -4.45
C VAL A 14 -1.73 0.55 -3.46
N MET A 15 -1.78 1.82 -3.03
CA MET A 15 -2.80 2.26 -2.10
C MET A 15 -4.20 1.95 -2.64
N LYS A 16 -4.45 2.33 -3.89
CA LYS A 16 -5.73 2.11 -4.54
C LYS A 16 -6.02 0.62 -4.65
N VAL A 17 -5.03 -0.20 -5.04
CA VAL A 17 -5.24 -1.64 -5.08
C VAL A 17 -5.67 -2.13 -3.69
N ILE A 18 -5.01 -1.67 -2.62
CA ILE A 18 -5.39 -2.04 -1.26
C ILE A 18 -6.82 -1.59 -0.98
N TRP A 19 -7.11 -0.30 -1.15
CA TRP A 19 -8.43 0.28 -0.90
C TRP A 19 -9.55 -0.37 -1.72
N LYS A 20 -9.24 -0.91 -2.90
CA LYS A 20 -10.22 -1.62 -3.71
C LYS A 20 -10.74 -2.86 -2.98
N HIS A 21 -9.92 -3.44 -2.08
CA HIS A 21 -10.25 -4.61 -1.28
C HIS A 21 -10.51 -4.18 0.17
N SER A 22 -10.88 -5.11 1.05
CA SER A 22 -11.13 -4.84 2.46
C SER A 22 -9.78 -4.54 3.12
N SER A 23 -8.89 -5.52 3.07
CA SER A 23 -7.46 -5.32 3.19
C SER A 23 -6.89 -6.12 2.01
N ILE A 24 -5.63 -6.55 2.00
CA ILE A 24 -5.16 -7.41 0.92
C ILE A 24 -4.02 -8.31 1.40
N ASN A 25 -4.02 -9.61 1.10
CA ASN A 25 -2.89 -10.48 1.43
C ASN A 25 -1.72 -10.16 0.50
N THR A 26 -0.52 -10.38 1.03
CA THR A 26 0.70 -10.10 0.30
C THR A 26 0.74 -10.74 -1.09
N ASN A 27 0.33 -12.00 -1.25
CA ASN A 27 0.34 -12.62 -2.57
C ASN A 27 -0.46 -11.77 -3.57
N GLU A 28 -1.73 -11.50 -3.25
CA GLU A 28 -2.56 -10.68 -4.11
C GLU A 28 -1.91 -9.32 -4.34
N VAL A 29 -1.31 -8.73 -3.29
CA VAL A 29 -0.65 -7.44 -3.43
C VAL A 29 0.48 -7.52 -4.47
N ILE A 30 1.46 -8.42 -4.28
CA ILE A 30 2.56 -8.56 -5.21
C ILE A 30 2.05 -8.82 -6.63
N LYS A 31 1.14 -9.79 -6.78
CA LYS A 31 0.58 -10.11 -8.09
C LYS A 31 -0.07 -8.89 -8.74
N GLU A 32 -1.09 -8.32 -8.09
CA GLU A 32 -1.83 -7.19 -8.64
C GLU A 32 -0.91 -6.02 -8.95
N LEU A 33 -0.05 -5.62 -8.00
CA LEU A 33 0.85 -4.51 -8.22
C LEU A 33 1.75 -4.80 -9.42
N SER A 34 2.46 -5.94 -9.43
CA SER A 34 3.36 -6.27 -10.53
C SER A 34 2.63 -6.29 -11.87
N LYS A 35 1.40 -6.82 -11.92
CA LYS A 35 0.60 -6.86 -13.14
C LYS A 35 0.25 -5.44 -13.60
N THR A 36 -0.27 -4.60 -12.69
CA THR A 36 -0.70 -3.25 -13.03
C THR A 36 0.48 -2.34 -13.34
N SER A 37 1.64 -2.55 -12.73
CA SER A 37 2.85 -1.79 -12.97
C SER A 37 4.05 -2.72 -12.82
N THR A 38 4.87 -2.85 -13.86
CA THR A 38 6.01 -3.75 -13.93
C THR A 38 7.07 -3.43 -12.88
N TRP A 39 6.83 -3.87 -11.64
CA TRP A 39 7.67 -3.72 -10.47
C TRP A 39 7.97 -5.12 -9.94
N SER A 40 9.22 -5.37 -9.52
CA SER A 40 9.62 -6.68 -9.04
C SER A 40 9.14 -6.90 -7.60
N PRO A 41 9.10 -8.14 -7.10
CA PRO A 41 8.76 -8.41 -5.71
C PRO A 41 9.60 -7.57 -4.74
N LYS A 42 10.88 -7.33 -5.09
CA LYS A 42 11.76 -6.50 -4.28
C LYS A 42 11.19 -5.08 -4.23
N THR A 43 10.85 -4.54 -5.41
CA THR A 43 10.26 -3.23 -5.55
C THR A 43 8.99 -3.15 -4.71
N ILE A 44 8.10 -4.15 -4.83
CA ILE A 44 6.86 -4.18 -4.06
C ILE A 44 7.17 -4.14 -2.57
N GLN A 45 8.04 -5.04 -2.10
CA GLN A 45 8.43 -5.08 -0.69
C GLN A 45 8.96 -3.71 -0.25
N THR A 46 9.75 -3.05 -1.10
CA THR A 46 10.27 -1.72 -0.81
C THR A 46 9.09 -0.73 -0.64
N MET A 47 8.14 -0.71 -1.58
CA MET A 47 6.98 0.17 -1.50
C MET A 47 6.20 -0.08 -0.22
N LEU A 48 5.91 -1.35 0.08
CA LEU A 48 5.21 -1.74 1.29
C LEU A 48 5.98 -1.20 2.50
N LEU A 49 7.30 -1.47 2.57
CA LEU A 49 8.16 -1.00 3.65
C LEU A 49 8.02 0.52 3.81
N ARG A 50 8.10 1.28 2.71
CA ARG A 50 7.94 2.73 2.74
C ARG A 50 6.62 3.10 3.41
N LEU A 51 5.51 2.58 2.88
CA LEU A 51 4.19 2.90 3.41
C LEU A 51 4.01 2.49 4.88
N ILE A 52 4.59 1.35 5.28
CA ILE A 52 4.56 0.90 6.67
C ILE A 52 5.35 1.89 7.52
N LYS A 53 6.58 2.25 7.12
CA LYS A 53 7.40 3.22 7.83
C LYS A 53 6.65 4.56 7.95
N LYS A 54 5.94 4.94 6.89
CA LYS A 54 5.15 6.15 6.82
C LYS A 54 3.88 6.04 7.70
N GLY A 55 3.57 4.84 8.20
CA GLY A 55 2.40 4.58 9.04
C GLY A 55 1.10 4.64 8.22
N ALA A 56 1.21 4.62 6.89
CA ALA A 56 0.07 4.70 5.98
C ALA A 56 -0.69 3.38 5.94
N LEU A 57 0.03 2.27 6.15
CA LEU A 57 -0.51 0.93 6.21
C LEU A 57 0.09 0.23 7.41
N ASN A 58 -0.53 -0.86 7.86
CA ASN A 58 -0.07 -1.70 8.96
C ASN A 58 -0.26 -3.15 8.52
N HIS A 59 0.51 -4.09 9.08
CA HIS A 59 0.51 -5.50 8.69
C HIS A 59 -0.10 -6.36 9.77
N HIS A 60 -0.86 -7.38 9.34
CA HIS A 60 -1.50 -8.36 10.21
C HIS A 60 -1.39 -9.74 9.60
N LYS A 61 -0.93 -10.73 10.37
CA LYS A 61 -0.81 -12.11 9.90
C LYS A 61 -2.16 -12.81 10.06
N GLU A 62 -2.90 -12.96 8.97
CA GLU A 62 -4.21 -13.59 9.04
C GLU A 62 -4.02 -15.10 8.90
N GLY A 63 -3.61 -15.71 10.02
CA GLY A 63 -3.41 -17.15 10.17
C GLY A 63 -2.20 -17.65 9.41
N ARG A 64 -2.21 -17.52 8.08
CA ARG A 64 -1.15 -17.98 7.18
C ARG A 64 -0.70 -16.86 6.24
N VAL A 65 -1.63 -16.05 5.72
CA VAL A 65 -1.29 -14.99 4.78
C VAL A 65 -1.32 -13.68 5.54
N PHE A 66 -0.28 -12.85 5.38
CA PHE A 66 -0.25 -11.56 6.03
C PHE A 66 -0.80 -10.49 5.09
N VAL A 67 -1.74 -9.71 5.64
CA VAL A 67 -2.54 -8.71 4.99
C VAL A 67 -2.17 -7.30 5.42
N TYR A 68 -2.21 -6.37 4.47
CA TYR A 68 -1.93 -4.97 4.76
C TYR A 68 -3.26 -4.25 4.98
N THR A 69 -3.42 -3.67 6.17
CA THR A 69 -4.58 -2.91 6.59
C THR A 69 -4.20 -1.43 6.45
N PRO A 70 -4.90 -0.62 5.66
CA PRO A 70 -4.58 0.79 5.54
C PRO A 70 -4.90 1.53 6.84
N ASN A 71 -4.18 2.61 7.16
CA ASN A 71 -4.38 3.39 8.37
C ASN A 71 -3.79 4.77 8.20
N ILE A 72 -4.69 5.73 8.28
CA ILE A 72 -4.42 7.14 8.09
C ILE A 72 -5.43 8.02 8.82
N ASP A 73 -5.08 9.29 9.02
CA ASP A 73 -5.92 10.32 9.59
C ASP A 73 -5.43 11.69 9.12
N GLU A 74 -6.24 12.72 9.31
CA GLU A 74 -5.97 14.13 9.03
C GLU A 74 -5.58 14.48 7.59
N SER A 75 -4.38 14.11 7.16
CA SER A 75 -3.75 14.44 5.89
C SER A 75 -4.70 14.78 4.72
N ASP A 76 -5.07 13.77 3.92
CA ASP A 76 -5.78 13.79 2.65
C ASP A 76 -4.72 13.48 1.59
N TYR A 77 -5.11 12.86 0.48
CA TYR A 77 -4.14 12.46 -0.51
C TYR A 77 -3.63 13.64 -1.35
N ILE A 78 -2.62 14.33 -0.81
CA ILE A 78 -1.85 15.32 -1.54
C ILE A 78 -0.79 14.56 -2.34
N GLU A 79 -0.54 14.95 -3.60
CA GLU A 79 0.44 14.31 -4.45
C GLU A 79 1.83 14.86 -4.11
N VAL A 80 2.60 14.13 -3.31
CA VAL A 80 3.99 14.45 -2.99
C VAL A 80 4.86 13.32 -3.54
N LYS A 81 5.61 13.57 -4.63
CA LYS A 81 6.48 12.55 -5.19
C LYS A 81 7.58 12.23 -4.18
N SER A 82 7.75 10.95 -3.87
CA SER A 82 8.74 10.44 -2.93
C SER A 82 8.89 8.94 -3.15
N MET A 1 -5.13 12.37 7.37
CA MET A 1 -5.45 12.25 8.79
C MET A 1 -4.51 13.21 9.52
N LYS A 2 -4.01 12.90 10.73
CA LYS A 2 -3.00 13.73 11.37
C LYS A 2 -1.84 13.89 10.38
N LYS A 3 -1.39 12.76 9.84
CA LYS A 3 -0.43 12.70 8.75
C LYS A 3 -1.26 12.64 7.45
N ILE A 4 -0.73 13.20 6.37
CA ILE A 4 -1.39 13.27 5.07
C ILE A 4 -0.45 12.67 4.03
N PRO A 5 -0.61 11.39 3.64
CA PRO A 5 0.25 10.74 2.67
C PRO A 5 0.25 11.47 1.32
N GLN A 6 1.41 12.02 0.91
CA GLN A 6 1.56 12.68 -0.38
C GLN A 6 1.75 11.57 -1.43
N ILE A 7 0.65 10.91 -1.76
CA ILE A 7 0.61 9.74 -2.63
C ILE A 7 0.68 10.10 -4.12
N SER A 8 1.72 9.62 -4.80
CA SER A 8 1.85 9.78 -6.25
C SER A 8 0.97 8.75 -6.96
N ASP A 9 0.98 8.75 -8.29
CA ASP A 9 0.16 7.87 -9.13
C ASP A 9 0.46 6.40 -8.86
N ALA A 10 1.69 5.97 -9.10
CA ALA A 10 2.11 4.57 -8.91
C ALA A 10 1.70 4.07 -7.53
N GLU A 11 1.97 4.89 -6.51
CA GLU A 11 1.59 4.61 -5.14
C GLU A 11 0.08 4.42 -5.04
N LEU A 12 -0.68 5.40 -5.52
CA LEU A 12 -2.14 5.38 -5.46
C LEU A 12 -2.68 4.08 -6.04
N GLU A 13 -2.12 3.59 -7.16
CA GLU A 13 -2.56 2.32 -7.71
C GLU A 13 -2.52 1.22 -6.65
N VAL A 14 -1.41 1.08 -5.92
CA VAL A 14 -1.31 0.03 -4.91
C VAL A 14 -2.34 0.26 -3.81
N MET A 15 -2.46 1.51 -3.33
CA MET A 15 -3.42 1.84 -2.30
C MET A 15 -4.82 1.43 -2.72
N LYS A 16 -5.25 1.87 -3.91
CA LYS A 16 -6.55 1.53 -4.46
C LYS A 16 -6.71 0.03 -4.61
N VAL A 17 -5.70 -0.68 -5.13
CA VAL A 17 -5.78 -2.13 -5.23
C VAL A 17 -6.06 -2.72 -3.84
N ILE A 18 -5.23 -2.39 -2.84
CA ILE A 18 -5.41 -2.86 -1.47
C ILE A 18 -6.84 -2.57 -1.01
N TRP A 19 -7.29 -1.31 -1.17
CA TRP A 19 -8.59 -0.81 -0.78
C TRP A 19 -9.76 -1.61 -1.36
N LYS A 20 -9.59 -2.39 -2.44
CA LYS A 20 -10.68 -3.24 -2.94
C LYS A 20 -10.86 -4.46 -2.03
N HIS A 21 -9.78 -4.92 -1.39
CA HIS A 21 -9.79 -6.06 -0.49
C HIS A 21 -9.98 -5.55 0.95
N SER A 22 -10.25 -6.44 1.91
CA SER A 22 -10.39 -6.04 3.31
C SER A 22 -9.01 -5.60 3.78
N SER A 23 -8.05 -6.53 3.73
CA SER A 23 -6.64 -6.18 3.72
C SER A 23 -6.04 -7.00 2.59
N ILE A 24 -4.73 -7.28 2.55
CA ILE A 24 -4.18 -8.19 1.56
C ILE A 24 -2.91 -8.86 2.09
N ASN A 25 -2.64 -10.13 1.77
CA ASN A 25 -1.42 -10.80 2.23
C ASN A 25 -0.27 -10.47 1.28
N THR A 26 0.99 -10.51 1.74
CA THR A 26 2.15 -10.18 0.92
C THR A 26 2.13 -10.84 -0.46
N ASN A 27 2.02 -12.17 -0.50
CA ASN A 27 2.01 -12.90 -1.76
C ASN A 27 0.91 -12.38 -2.68
N GLU A 28 -0.26 -12.06 -2.10
CA GLU A 28 -1.39 -11.58 -2.86
C GLU A 28 -1.07 -10.19 -3.41
N VAL A 29 -0.53 -9.29 -2.57
CA VAL A 29 -0.21 -7.93 -2.99
C VAL A 29 0.79 -7.96 -4.14
N ILE A 30 1.90 -8.70 -3.98
CA ILE A 30 2.92 -8.77 -5.02
C ILE A 30 2.31 -9.30 -6.31
N LYS A 31 1.57 -10.41 -6.28
CA LYS A 31 0.95 -10.93 -7.49
C LYS A 31 -0.02 -9.91 -8.11
N GLU A 32 -0.94 -9.38 -7.32
CA GLU A 32 -1.94 -8.42 -7.76
C GLU A 32 -1.27 -7.25 -8.48
N LEU A 33 -0.27 -6.64 -7.84
CA LEU A 33 0.43 -5.54 -8.48
C LEU A 33 1.18 -6.03 -9.70
N SER A 34 1.89 -7.16 -9.63
CA SER A 34 2.62 -7.67 -10.78
C SER A 34 1.71 -7.79 -12.02
N LYS A 35 0.48 -8.28 -11.82
CA LYS A 35 -0.49 -8.42 -12.89
C LYS A 35 -0.95 -7.05 -13.42
N THR A 36 -1.32 -6.14 -12.52
CA THR A 36 -1.88 -4.84 -12.92
C THR A 36 -0.82 -3.88 -13.49
N SER A 37 0.34 -3.78 -12.84
CA SER A 37 1.48 -3.00 -13.29
C SER A 37 2.74 -3.73 -12.84
N THR A 38 3.42 -4.38 -13.79
CA THR A 38 4.55 -5.27 -13.56
C THR A 38 5.85 -4.60 -13.09
N TRP A 39 5.82 -3.95 -11.92
CA TRP A 39 7.00 -3.44 -11.27
C TRP A 39 7.70 -4.62 -10.60
N SER A 40 9.01 -4.54 -10.34
CA SER A 40 9.71 -5.67 -9.75
C SER A 40 9.24 -5.91 -8.31
N PRO A 41 9.31 -7.14 -7.77
CA PRO A 41 9.00 -7.40 -6.38
C PRO A 41 9.77 -6.47 -5.44
N LYS A 42 11.01 -6.13 -5.79
CA LYS A 42 11.83 -5.18 -5.03
C LYS A 42 11.11 -3.83 -5.02
N THR A 43 10.70 -3.35 -6.20
CA THR A 43 9.96 -2.10 -6.32
C THR A 43 8.70 -2.16 -5.45
N ILE A 44 7.91 -3.24 -5.55
CA ILE A 44 6.70 -3.40 -4.76
C ILE A 44 7.02 -3.26 -3.27
N GLN A 45 7.99 -4.04 -2.78
CA GLN A 45 8.41 -3.98 -1.39
C GLN A 45 8.85 -2.57 -1.00
N THR A 46 9.62 -1.89 -1.86
CA THR A 46 10.08 -0.53 -1.61
C THR A 46 8.87 0.40 -1.45
N MET A 47 7.89 0.31 -2.37
CA MET A 47 6.68 1.12 -2.31
C MET A 47 5.97 0.86 -0.98
N LEU A 48 5.69 -0.42 -0.67
CA LEU A 48 5.03 -0.79 0.57
C LEU A 48 5.74 -0.17 1.78
N LEU A 49 7.06 -0.39 1.87
CA LEU A 49 7.88 0.16 2.93
C LEU A 49 7.70 1.68 3.03
N ARG A 50 7.85 2.39 1.89
CA ARG A 50 7.69 3.82 1.83
C ARG A 50 6.32 4.25 2.37
N LEU A 51 5.24 3.65 1.85
CA LEU A 51 3.90 3.94 2.25
C LEU A 51 3.72 3.73 3.76
N ILE A 52 4.22 2.62 4.29
CA ILE A 52 4.16 2.36 5.72
C ILE A 52 4.84 3.51 6.47
N LYS A 53 6.07 3.88 6.08
CA LYS A 53 6.76 5.00 6.71
C LYS A 53 5.93 6.30 6.58
N LYS A 54 5.26 6.51 5.45
CA LYS A 54 4.39 7.65 5.24
C LYS A 54 3.07 7.53 6.02
N GLY A 55 2.89 6.48 6.83
CA GLY A 55 1.70 6.26 7.63
C GLY A 55 0.48 5.87 6.82
N ALA A 56 0.69 5.31 5.62
CA ALA A 56 -0.37 4.93 4.70
C ALA A 56 -1.07 3.61 5.09
N LEU A 57 -0.27 2.63 5.52
CA LEU A 57 -0.66 1.26 5.79
C LEU A 57 0.09 0.76 7.02
N ASN A 58 -0.35 -0.35 7.60
CA ASN A 58 0.28 -1.04 8.71
C ASN A 58 0.34 -2.53 8.37
N HIS A 59 1.51 -3.15 8.51
CA HIS A 59 1.73 -4.55 8.20
C HIS A 59 1.70 -5.42 9.45
N HIS A 60 0.79 -6.40 9.48
CA HIS A 60 0.62 -7.35 10.57
C HIS A 60 1.19 -8.70 10.10
N LYS A 61 1.80 -9.46 11.01
CA LYS A 61 2.45 -10.72 10.72
C LYS A 61 1.45 -11.88 10.80
N GLU A 62 0.84 -12.24 9.66
CA GLU A 62 -0.12 -13.33 9.59
C GLU A 62 0.63 -14.65 9.37
N GLY A 63 1.21 -15.13 10.47
CA GLY A 63 1.92 -16.39 10.60
C GLY A 63 3.03 -16.62 9.57
N ARG A 64 2.63 -17.01 8.35
CA ARG A 64 3.52 -17.36 7.26
C ARG A 64 3.82 -16.16 6.35
N VAL A 65 2.89 -15.21 6.26
CA VAL A 65 3.03 -14.03 5.42
C VAL A 65 2.63 -12.81 6.25
N PHE A 66 2.84 -11.61 5.73
CA PHE A 66 2.45 -10.39 6.42
C PHE A 66 1.34 -9.70 5.63
N VAL A 67 0.27 -9.34 6.32
CA VAL A 67 -0.91 -8.74 5.75
C VAL A 67 -0.86 -7.24 5.92
N TYR A 68 -1.15 -6.50 4.85
CA TYR A 68 -1.11 -5.05 4.84
C TYR A 68 -2.53 -4.55 5.06
N THR A 69 -2.71 -3.78 6.14
CA THR A 69 -3.97 -3.20 6.54
C THR A 69 -3.90 -1.69 6.27
N PRO A 70 -4.85 -1.10 5.55
CA PRO A 70 -4.84 0.33 5.29
C PRO A 70 -4.99 1.14 6.58
N ASN A 71 -4.18 2.19 6.74
CA ASN A 71 -4.29 3.10 7.89
C ASN A 71 -5.37 4.12 7.57
N ILE A 72 -5.37 4.55 6.31
CA ILE A 72 -6.22 5.58 5.75
C ILE A 72 -7.21 4.96 4.74
N ASP A 73 -8.28 5.70 4.45
CA ASP A 73 -9.32 5.33 3.48
C ASP A 73 -9.09 6.15 2.19
N GLU A 74 -9.72 5.72 1.07
CA GLU A 74 -9.65 6.43 -0.20
C GLU A 74 -9.88 7.94 -0.03
N SER A 75 -10.90 8.31 0.74
CA SER A 75 -11.26 9.71 0.98
C SER A 75 -10.13 10.53 1.61
N ASP A 76 -9.16 9.88 2.26
CA ASP A 76 -8.03 10.56 2.85
C ASP A 76 -7.03 11.02 1.77
N TYR A 77 -7.22 10.63 0.50
CA TYR A 77 -6.33 10.98 -0.59
C TYR A 77 -6.46 12.44 -1.04
N ILE A 78 -6.30 13.36 -0.09
CA ILE A 78 -6.23 14.81 -0.30
C ILE A 78 -4.79 15.14 0.07
N GLU A 79 -3.90 15.24 -0.92
CA GLU A 79 -2.48 15.38 -0.67
C GLU A 79 -2.13 16.78 -0.14
N VAL A 80 -1.21 16.83 0.84
CA VAL A 80 -0.69 18.08 1.35
C VAL A 80 0.26 18.64 0.29
N LYS A 81 0.14 19.94 -0.01
CA LYS A 81 0.95 20.62 -0.99
C LYS A 81 2.12 21.30 -0.26
N SER A 82 3.17 20.52 0.04
CA SER A 82 4.37 20.95 0.71
C SER A 82 5.43 19.90 0.39
N MET A 1 2.56 13.21 6.44
CA MET A 1 3.38 12.70 7.53
C MET A 1 2.75 13.08 8.88
N LYS A 2 2.51 14.38 9.07
CA LYS A 2 1.90 14.93 10.26
C LYS A 2 0.47 14.41 10.41
N LYS A 3 -0.28 14.32 9.31
CA LYS A 3 -1.67 13.87 9.34
C LYS A 3 -1.94 12.75 8.33
N ILE A 4 -1.52 12.91 7.07
CA ILE A 4 -1.86 11.94 6.02
C ILE A 4 -0.65 11.56 5.17
N PRO A 5 -0.77 10.56 4.26
CA PRO A 5 0.31 10.18 3.35
C PRO A 5 0.33 11.12 2.14
N GLN A 6 1.40 11.90 1.93
CA GLN A 6 1.55 12.73 0.74
C GLN A 6 1.97 11.83 -0.42
N ILE A 7 1.00 11.04 -0.90
CA ILE A 7 1.15 10.01 -1.91
C ILE A 7 0.98 10.53 -3.34
N SER A 8 1.54 9.79 -4.30
CA SER A 8 1.43 10.02 -5.73
C SER A 8 0.67 8.85 -6.36
N ASP A 9 0.19 9.02 -7.61
CA ASP A 9 -0.58 7.99 -8.32
C ASP A 9 0.07 6.61 -8.26
N ALA A 10 1.39 6.54 -8.55
CA ALA A 10 2.13 5.29 -8.54
C ALA A 10 2.14 4.64 -7.16
N GLU A 11 2.04 5.42 -6.09
CA GLU A 11 1.95 4.88 -4.74
C GLU A 11 0.50 4.52 -4.43
N LEU A 12 -0.45 5.26 -5.00
CA LEU A 12 -1.89 5.08 -4.79
C LEU A 12 -2.45 3.82 -5.47
N GLU A 13 -2.02 3.47 -6.69
CA GLU A 13 -2.55 2.28 -7.38
C GLU A 13 -2.55 1.03 -6.50
N VAL A 14 -1.49 0.95 -5.72
CA VAL A 14 -1.18 -0.09 -4.78
C VAL A 14 -2.26 -0.12 -3.70
N MET A 15 -2.59 1.06 -3.18
CA MET A 15 -3.62 1.23 -2.18
C MET A 15 -4.97 0.84 -2.76
N LYS A 16 -5.24 1.25 -4.01
CA LYS A 16 -6.45 0.86 -4.71
C LYS A 16 -6.60 -0.67 -4.70
N VAL A 17 -5.55 -1.42 -5.07
CA VAL A 17 -5.59 -2.87 -5.00
C VAL A 17 -5.91 -3.31 -3.55
N ILE A 18 -5.14 -2.80 -2.58
CA ILE A 18 -5.34 -3.16 -1.18
C ILE A 18 -6.79 -2.95 -0.74
N TRP A 19 -7.41 -1.83 -1.13
CA TRP A 19 -8.78 -1.49 -0.82
C TRP A 19 -9.79 -2.31 -1.65
N LYS A 20 -9.41 -2.73 -2.86
CA LYS A 20 -10.28 -3.56 -3.69
C LYS A 20 -10.50 -4.89 -2.97
N HIS A 21 -9.41 -5.48 -2.48
CA HIS A 21 -9.47 -6.70 -1.68
C HIS A 21 -9.94 -6.31 -0.26
N SER A 22 -10.23 -7.27 0.63
CA SER A 22 -10.62 -6.95 2.00
C SER A 22 -9.42 -6.33 2.69
N SER A 23 -8.34 -7.10 2.76
CA SER A 23 -7.00 -6.57 2.95
C SER A 23 -6.18 -7.29 1.87
N ILE A 24 -4.85 -7.42 1.98
CA ILE A 24 -4.11 -8.26 1.03
C ILE A 24 -2.82 -8.80 1.66
N ASN A 25 -2.36 -9.97 1.23
CA ASN A 25 -1.07 -10.55 1.63
C ASN A 25 -0.01 -10.19 0.62
N THR A 26 1.25 -10.22 1.05
CA THR A 26 2.43 -9.96 0.24
C THR A 26 2.42 -10.68 -1.10
N ASN A 27 2.11 -11.98 -1.11
CA ASN A 27 2.11 -12.73 -2.36
C ASN A 27 1.15 -12.12 -3.38
N GLU A 28 -0.10 -11.87 -2.98
CA GLU A 28 -1.12 -11.34 -3.86
C GLU A 28 -0.86 -9.89 -4.21
N VAL A 29 -0.35 -9.09 -3.27
CA VAL A 29 -0.03 -7.71 -3.55
C VAL A 29 1.04 -7.67 -4.65
N ILE A 30 2.09 -8.48 -4.49
CA ILE A 30 3.14 -8.59 -5.49
C ILE A 30 2.51 -9.08 -6.80
N LYS A 31 1.69 -10.15 -6.74
CA LYS A 31 1.02 -10.70 -7.91
C LYS A 31 0.30 -9.60 -8.70
N GLU A 32 -0.66 -8.93 -8.06
CA GLU A 32 -1.47 -7.89 -8.68
C GLU A 32 -0.61 -6.79 -9.28
N LEU A 33 0.22 -6.12 -8.46
CA LEU A 33 0.98 -5.01 -8.93
C LEU A 33 1.98 -5.42 -10.00
N SER A 34 2.58 -6.62 -9.91
CA SER A 34 3.49 -7.10 -10.95
C SER A 34 2.71 -7.35 -12.26
N LYS A 35 1.49 -7.88 -12.16
CA LYS A 35 0.66 -8.12 -13.34
C LYS A 35 0.31 -6.81 -14.03
N THR A 36 -0.18 -5.82 -13.26
CA THR A 36 -0.60 -4.55 -13.82
C THR A 36 0.58 -3.70 -14.30
N SER A 37 1.63 -3.66 -13.48
CA SER A 37 2.74 -2.73 -13.62
C SER A 37 4.06 -3.48 -13.70
N THR A 38 4.91 -3.16 -14.68
CA THR A 38 6.19 -3.80 -14.89
C THR A 38 7.18 -3.35 -13.80
N TRP A 39 6.98 -3.85 -12.58
CA TRP A 39 7.76 -3.59 -11.39
C TRP A 39 8.31 -4.93 -10.87
N SER A 40 9.33 -4.89 -10.00
CA SER A 40 9.93 -6.11 -9.44
C SER A 40 9.42 -6.32 -8.01
N PRO A 41 9.53 -7.53 -7.44
CA PRO A 41 9.21 -7.78 -6.05
C PRO A 41 9.93 -6.79 -5.13
N LYS A 42 11.17 -6.41 -5.48
CA LYS A 42 11.91 -5.41 -4.72
C LYS A 42 11.16 -4.08 -4.77
N THR A 43 10.73 -3.66 -5.98
CA THR A 43 9.94 -2.46 -6.16
C THR A 43 8.72 -2.51 -5.25
N ILE A 44 7.95 -3.60 -5.30
CA ILE A 44 6.75 -3.75 -4.50
C ILE A 44 7.07 -3.60 -3.02
N GLN A 45 8.05 -4.34 -2.53
CA GLN A 45 8.43 -4.30 -1.12
C GLN A 45 8.89 -2.90 -0.72
N THR A 46 9.62 -2.20 -1.60
CA THR A 46 10.01 -0.82 -1.35
C THR A 46 8.75 0.03 -1.20
N MET A 47 7.81 -0.06 -2.14
CA MET A 47 6.57 0.69 -2.09
C MET A 47 5.82 0.40 -0.78
N LEU A 48 5.64 -0.88 -0.43
CA LEU A 48 5.01 -1.27 0.81
C LEU A 48 5.68 -0.54 1.98
N LEU A 49 7.01 -0.69 2.09
CA LEU A 49 7.78 -0.05 3.14
C LEU A 49 7.48 1.45 3.18
N ARG A 50 7.56 2.14 2.03
CA ARG A 50 7.30 3.56 1.96
C ARG A 50 5.89 3.91 2.43
N LEU A 51 4.84 3.21 1.97
CA LEU A 51 3.49 3.47 2.38
C LEU A 51 3.38 3.28 3.91
N ILE A 52 3.91 2.18 4.44
CA ILE A 52 3.92 1.93 5.87
C ILE A 52 4.58 3.11 6.59
N LYS A 53 5.76 3.52 6.12
CA LYS A 53 6.51 4.65 6.67
C LYS A 53 5.65 5.92 6.70
N LYS A 54 4.88 6.17 5.63
CA LYS A 54 3.99 7.32 5.56
C LYS A 54 2.67 7.09 6.32
N GLY A 55 2.57 6.04 7.14
CA GLY A 55 1.38 5.75 7.94
C GLY A 55 0.18 5.36 7.08
N ALA A 56 0.42 4.84 5.87
CA ALA A 56 -0.64 4.47 4.96
C ALA A 56 -1.28 3.14 5.37
N LEU A 57 -0.43 2.14 5.63
CA LEU A 57 -0.86 0.78 5.90
C LEU A 57 -0.24 0.27 7.21
N ASN A 58 -0.99 -0.55 7.93
CA ASN A 58 -0.57 -1.24 9.15
C ASN A 58 -0.51 -2.72 8.78
N HIS A 59 0.67 -3.35 8.88
CA HIS A 59 0.82 -4.76 8.52
C HIS A 59 0.75 -5.69 9.73
N HIS A 60 0.45 -6.95 9.44
CA HIS A 60 0.35 -8.05 10.38
C HIS A 60 1.15 -9.21 9.79
N LYS A 61 2.10 -9.79 10.53
CA LYS A 61 2.91 -10.90 10.03
C LYS A 61 2.14 -12.19 10.22
N GLU A 62 1.82 -12.91 9.13
CA GLU A 62 1.03 -14.12 9.15
C GLU A 62 1.79 -15.31 8.55
N GLY A 63 2.70 -15.87 9.36
CA GLY A 63 3.45 -17.08 9.06
C GLY A 63 4.43 -16.94 7.89
N ARG A 64 3.92 -16.82 6.67
CA ARG A 64 4.68 -16.75 5.44
C ARG A 64 4.63 -15.35 4.84
N VAL A 65 3.43 -14.77 4.72
CA VAL A 65 3.22 -13.45 4.19
C VAL A 65 2.94 -12.49 5.36
N PHE A 66 2.91 -11.20 5.07
CA PHE A 66 2.48 -10.19 6.02
C PHE A 66 1.33 -9.46 5.35
N VAL A 67 0.17 -9.47 6.02
CA VAL A 67 -1.07 -8.92 5.50
C VAL A 67 -1.11 -7.43 5.81
N TYR A 68 -1.46 -6.61 4.81
CA TYR A 68 -1.55 -5.16 5.00
C TYR A 68 -2.99 -4.78 5.22
N THR A 69 -3.30 -4.18 6.37
CA THR A 69 -4.60 -3.59 6.63
C THR A 69 -4.38 -2.09 6.41
N PRO A 70 -5.14 -1.45 5.51
CA PRO A 70 -4.92 -0.06 5.20
C PRO A 70 -5.36 0.81 6.39
N ASN A 71 -4.47 1.68 6.86
CA ASN A 71 -4.72 2.57 7.99
C ASN A 71 -5.58 3.75 7.52
N ILE A 72 -5.48 4.11 6.24
CA ILE A 72 -6.22 5.20 5.64
C ILE A 72 -7.25 4.65 4.64
N ASP A 73 -8.24 5.49 4.29
CA ASP A 73 -9.29 5.19 3.32
C ASP A 73 -9.11 6.12 2.13
N GLU A 74 -9.69 5.77 0.98
CA GLU A 74 -9.69 6.55 -0.24
C GLU A 74 -9.90 8.03 0.07
N SER A 75 -10.96 8.34 0.82
CA SER A 75 -11.36 9.68 1.20
C SER A 75 -10.25 10.49 1.89
N ASP A 76 -9.29 9.82 2.53
CA ASP A 76 -8.17 10.48 3.19
C ASP A 76 -7.20 11.07 2.17
N TYR A 77 -7.20 10.57 0.92
CA TYR A 77 -6.26 11.00 -0.10
C TYR A 77 -6.62 12.37 -0.70
N ILE A 78 -6.58 13.40 0.14
CA ILE A 78 -6.71 14.80 -0.23
C ILE A 78 -5.32 15.37 0.08
N GLU A 79 -4.48 15.59 -0.94
CA GLU A 79 -3.09 15.90 -0.71
C GLU A 79 -2.88 17.31 -0.17
N VAL A 80 -2.72 17.39 1.16
CA VAL A 80 -2.38 18.58 1.92
C VAL A 80 -1.00 18.36 2.55
N LYS A 81 -0.24 19.45 2.73
CA LYS A 81 1.07 19.42 3.36
C LYS A 81 0.94 19.13 4.86
N SER A 82 0.72 17.87 5.21
CA SER A 82 0.59 17.42 6.59
C SER A 82 1.08 15.99 6.72
#